data_2LEB
#
_entry.id   2LEB
#
loop_
_entity.id
_entity.type
_entity.pdbx_description
1 polymer 'Serine/arginine-rich splicing factor 2'
2 polymer "RNA (5'-R(*UP*CP*CP*AP*GP*U)-3')"
#
loop_
_entity_poly.entity_id
_entity_poly.type
_entity_poly.pdbx_seq_one_letter_code
_entity_poly.pdbx_strand_id
1 'polypeptide(L)'
;MGSSHHHHHHSSGLVPRGSHMASMTGGQQMGRGSMSYGRPPPDVEGMTSLKVDNLTYRTSPDTLRRVFEKYGRVGDVYIP
RDRYTKESRGFAFVRFHDKRDAEDAMDAMDGAVLDGRELRVQMARYGRPPDSHHS
;
A
2 'polyribonucleotide' UCCAGU B
#
loop_
_chem_comp.id
_chem_comp.type
_chem_comp.name
_chem_comp.formula
A RNA linking ADENOSINE-5'-MONOPHOSPHATE 'C10 H14 N5 O7 P'
C RNA linking CYTIDINE-5'-MONOPHOSPHATE 'C9 H14 N3 O8 P'
G RNA linking GUANOSINE-5'-MONOPHOSPHATE 'C10 H14 N5 O8 P'
U RNA linking URIDINE-5'-MONOPHOSPHATE 'C9 H13 N2 O9 P'
#
# COMPACT_ATOMS: atom_id res chain seq x y z
N MET A 35 -4.27 1.74 17.58
CA MET A 35 -3.38 0.67 17.12
C MET A 35 -2.15 1.26 16.42
N SER A 36 -2.29 1.55 15.12
CA SER A 36 -1.20 2.09 14.30
C SER A 36 -1.78 2.80 13.09
N TYR A 37 -0.92 3.33 12.23
CA TYR A 37 -1.32 4.06 11.03
C TYR A 37 -2.35 5.15 11.35
N GLY A 38 -3.05 5.59 10.31
CA GLY A 38 -4.16 6.53 10.42
C GLY A 38 -5.23 6.14 9.40
N ARG A 39 -6.50 6.37 9.74
CA ARG A 39 -7.62 5.99 8.91
C ARG A 39 -7.60 6.79 7.59
N PRO A 40 -8.15 6.19 6.53
CA PRO A 40 -8.30 6.83 5.23
C PRO A 40 -8.93 8.22 5.33
N PRO A 41 -8.58 9.13 4.41
CA PRO A 41 -9.08 10.49 4.39
C PRO A 41 -10.52 10.54 3.89
N PRO A 42 -11.24 11.63 4.19
CA PRO A 42 -12.61 11.89 3.77
C PRO A 42 -12.66 12.32 2.29
N ASP A 43 -11.84 11.69 1.43
CA ASP A 43 -11.69 12.10 0.04
C ASP A 43 -11.85 10.90 -0.90
N VAL A 44 -12.39 9.79 -0.40
CA VAL A 44 -12.62 8.58 -1.19
C VAL A 44 -13.56 8.83 -2.37
N GLU A 45 -14.21 10.00 -2.42
CA GLU A 45 -15.11 10.35 -3.50
C GLU A 45 -14.37 10.72 -4.79
N GLY A 46 -13.04 10.81 -4.73
CA GLY A 46 -12.22 11.15 -5.88
C GLY A 46 -10.78 10.67 -5.74
N MET A 47 -10.52 9.80 -4.75
CA MET A 47 -9.21 9.25 -4.47
C MET A 47 -8.69 8.44 -5.67
N THR A 48 -7.38 8.55 -5.96
CA THR A 48 -6.75 7.80 -7.04
C THR A 48 -6.62 6.33 -6.66
N SER A 49 -6.49 6.06 -5.36
CA SER A 49 -6.51 4.73 -4.77
C SER A 49 -5.47 3.79 -5.37
N LEU A 50 -4.24 4.28 -5.62
CA LEU A 50 -3.19 3.38 -6.09
C LEU A 50 -2.84 2.47 -4.92
N LYS A 51 -2.50 1.21 -5.18
CA LYS A 51 -1.97 0.36 -4.10
C LYS A 51 -0.65 -0.27 -4.49
N VAL A 52 0.08 -0.81 -3.50
CA VAL A 52 1.40 -1.40 -3.68
C VAL A 52 1.52 -2.67 -2.85
N ASP A 53 2.13 -3.71 -3.43
CA ASP A 53 2.27 -5.04 -2.84
C ASP A 53 3.45 -5.80 -3.45
N ASN A 54 3.64 -7.06 -3.03
CA ASN A 54 4.60 -8.04 -3.53
C ASN A 54 5.95 -8.00 -2.81
N LEU A 55 6.11 -7.12 -1.83
CA LEU A 55 7.31 -7.03 -1.00
C LEU A 55 7.58 -8.34 -0.27
N THR A 56 8.66 -8.39 0.52
CA THR A 56 9.09 -9.62 1.17
C THR A 56 8.50 -9.76 2.56
N TYR A 57 8.66 -10.96 3.15
CA TYR A 57 8.23 -11.24 4.51
C TYR A 57 9.17 -10.60 5.54
N ARG A 58 10.12 -9.77 5.09
CA ARG A 58 11.11 -9.12 5.94
C ARG A 58 11.05 -7.60 5.81
N THR A 59 10.34 -7.10 4.80
CA THR A 59 10.08 -5.66 4.63
C THR A 59 9.20 -5.19 5.79
N SER A 60 9.10 -3.87 5.98
CA SER A 60 8.30 -3.29 7.05
C SER A 60 7.64 -2.01 6.59
N PRO A 61 6.54 -1.59 7.23
CA PRO A 61 5.73 -0.46 6.78
C PRO A 61 6.42 0.88 6.98
N ASP A 62 7.37 0.98 7.92
CA ASP A 62 8.11 2.22 8.08
C ASP A 62 9.02 2.43 6.88
N THR A 63 9.43 1.31 6.28
CA THR A 63 10.32 1.34 5.14
C THR A 63 9.54 1.86 3.95
N LEU A 64 8.41 1.21 3.64
CA LEU A 64 7.62 1.55 2.47
C LEU A 64 7.02 2.93 2.61
N ARG A 65 6.74 3.37 3.85
CA ARG A 65 6.19 4.70 4.08
C ARG A 65 7.18 5.74 3.57
N ARG A 66 8.46 5.59 3.92
CA ARG A 66 9.50 6.54 3.57
C ARG A 66 9.98 6.34 2.14
N VAL A 67 10.09 5.08 1.72
CA VAL A 67 10.49 4.68 0.38
C VAL A 67 9.53 5.22 -0.67
N PHE A 68 8.24 5.31 -0.35
CA PHE A 68 7.22 5.75 -1.29
C PHE A 68 6.83 7.21 -1.09
N GLU A 69 7.25 7.80 0.04
CA GLU A 69 6.97 9.19 0.35
C GLU A 69 7.65 10.12 -0.65
N LYS A 70 8.76 9.67 -1.26
CA LYS A 70 9.54 10.50 -2.17
C LYS A 70 8.85 10.67 -3.53
N TYR A 71 7.94 9.74 -3.84
CA TYR A 71 7.19 9.79 -5.09
C TYR A 71 6.12 10.88 -5.05
N GLY A 72 5.80 11.40 -3.86
CA GLY A 72 4.97 12.58 -3.77
C GLY A 72 4.07 12.61 -2.53
N ARG A 73 3.19 11.61 -2.40
CA ARG A 73 2.28 11.55 -1.26
C ARG A 73 1.86 10.13 -0.96
N VAL A 74 2.55 9.51 0.00
CA VAL A 74 2.17 8.24 0.59
C VAL A 74 0.97 8.50 1.51
N GLY A 75 -0.10 9.02 0.91
CA GLY A 75 -1.31 9.46 1.59
C GLY A 75 -1.86 8.39 2.52
N ASP A 76 -1.52 7.12 2.31
CA ASP A 76 -1.85 6.06 3.24
C ASP A 76 -0.94 4.86 3.03
N VAL A 77 -0.89 3.98 4.05
CA VAL A 77 -0.15 2.73 4.00
C VAL A 77 -0.76 1.79 5.03
N TYR A 78 -0.80 0.50 4.72
CA TYR A 78 -1.43 -0.48 5.61
C TYR A 78 -0.77 -1.85 5.47
N ILE A 79 -0.99 -2.72 6.46
CA ILE A 79 -0.56 -4.11 6.43
C ILE A 79 -1.65 -4.94 7.11
N PRO A 80 -2.63 -5.41 6.33
CA PRO A 80 -3.76 -6.19 6.80
C PRO A 80 -3.40 -7.66 7.04
N ARG A 81 -2.12 -7.94 7.31
CA ARG A 81 -1.59 -9.29 7.51
C ARG A 81 -2.61 -10.24 8.13
N ASP A 82 -3.10 -9.89 9.31
CA ASP A 82 -4.20 -10.56 9.98
C ASP A 82 -4.82 -9.56 10.95
N ARG A 83 -5.84 -9.99 11.71
CA ARG A 83 -6.40 -9.18 12.78
C ARG A 83 -6.72 -10.05 14.00
N TYR A 84 -6.17 -11.27 14.02
CA TYR A 84 -6.33 -12.19 15.14
C TYR A 84 -5.00 -12.84 15.52
N THR A 85 -3.98 -12.68 14.67
CA THR A 85 -2.65 -13.25 14.88
C THR A 85 -1.56 -12.25 14.51
N LYS A 86 -1.90 -11.22 13.72
CA LYS A 86 -1.05 -10.11 13.32
C LYS A 86 0.40 -10.53 13.07
N GLU A 87 0.63 -11.50 12.19
CA GLU A 87 1.97 -12.00 11.96
C GLU A 87 2.25 -12.47 10.52
N SER A 88 1.28 -12.41 9.61
CA SER A 88 1.52 -12.89 8.25
C SER A 88 2.62 -12.07 7.56
N ARG A 89 2.51 -10.74 7.68
CA ARG A 89 3.42 -9.71 7.16
C ARG A 89 4.06 -9.98 5.79
N GLY A 90 3.49 -10.89 4.99
CA GLY A 90 4.03 -11.27 3.70
C GLY A 90 3.82 -10.21 2.63
N PHE A 91 3.03 -9.17 2.93
CA PHE A 91 2.72 -8.11 1.99
C PHE A 91 2.29 -6.86 2.74
N ALA A 92 1.97 -5.81 1.97
CA ALA A 92 1.52 -4.52 2.49
C ALA A 92 0.59 -3.87 1.49
N PHE A 93 0.15 -2.65 1.83
CA PHE A 93 -0.79 -1.89 1.03
C PHE A 93 -0.43 -0.41 1.11
N VAL A 94 0.62 0.01 0.40
CA VAL A 94 0.94 1.45 0.33
C VAL A 94 -0.06 2.07 -0.63
N ARG A 95 -0.41 3.35 -0.46
CA ARG A 95 -1.41 3.97 -1.32
C ARG A 95 -1.16 5.47 -1.56
N PHE A 96 -1.68 5.95 -2.69
CA PHE A 96 -1.62 7.36 -3.10
C PHE A 96 -3.02 7.85 -3.46
N HIS A 97 -3.20 9.18 -3.45
CA HIS A 97 -4.50 9.80 -3.65
C HIS A 97 -4.50 10.81 -4.79
N ASP A 98 -3.34 11.04 -5.42
CA ASP A 98 -3.24 11.95 -6.56
C ASP A 98 -2.59 11.23 -7.73
N LYS A 99 -3.19 11.41 -8.91
CA LYS A 99 -2.83 10.65 -10.10
C LYS A 99 -1.42 10.95 -10.60
N ARG A 100 -0.87 12.14 -10.34
CA ARG A 100 0.44 12.46 -10.88
C ARG A 100 1.53 11.69 -10.14
N ASP A 101 1.38 11.57 -8.82
CA ASP A 101 2.35 10.87 -8.00
C ASP A 101 2.08 9.36 -8.07
N ALA A 102 0.83 8.98 -8.33
CA ALA A 102 0.45 7.59 -8.45
C ALA A 102 0.97 7.00 -9.76
N GLU A 103 0.93 7.78 -10.84
CA GLU A 103 1.44 7.30 -12.13
C GLU A 103 2.95 7.15 -12.09
N ASP A 104 3.66 8.05 -11.39
CA ASP A 104 5.10 7.90 -11.25
C ASP A 104 5.45 6.71 -10.35
N ALA A 105 4.65 6.51 -9.29
CA ALA A 105 4.90 5.45 -8.34
C ALA A 105 4.85 4.08 -9.01
N MET A 106 4.03 3.90 -10.04
CA MET A 106 3.97 2.61 -10.71
C MET A 106 4.92 2.56 -11.91
N ASP A 107 5.22 3.73 -12.50
CA ASP A 107 6.16 3.82 -13.60
C ASP A 107 7.60 3.57 -13.14
N ALA A 108 7.83 3.50 -11.82
CA ALA A 108 9.16 3.31 -11.27
C ALA A 108 9.24 2.23 -10.18
N MET A 109 8.11 1.72 -9.68
CA MET A 109 8.16 0.60 -8.73
C MET A 109 7.60 -0.69 -9.32
N ASP A 110 6.67 -0.66 -10.28
CA ASP A 110 6.20 -1.90 -10.87
C ASP A 110 7.35 -2.65 -11.53
N GLY A 111 7.69 -3.84 -11.02
CA GLY A 111 8.75 -4.66 -11.58
C GLY A 111 10.10 -4.46 -10.89
N ALA A 112 10.14 -3.65 -9.83
CA ALA A 112 11.36 -3.41 -9.08
C ALA A 112 11.73 -4.66 -8.26
N VAL A 113 12.78 -4.57 -7.45
CA VAL A 113 13.23 -5.68 -6.62
C VAL A 113 13.59 -5.17 -5.23
N LEU A 114 12.88 -5.67 -4.21
CA LEU A 114 13.15 -5.29 -2.82
C LEU A 114 14.49 -5.88 -2.37
N ASP A 115 14.63 -7.20 -2.48
CA ASP A 115 15.83 -7.90 -2.09
C ASP A 115 16.05 -9.19 -2.90
N GLY A 116 15.15 -9.52 -3.83
CA GLY A 116 15.31 -10.71 -4.65
C GLY A 116 14.02 -11.16 -5.33
N ARG A 117 12.87 -10.53 -5.01
CA ARG A 117 11.61 -10.80 -5.67
C ARG A 117 11.11 -9.52 -6.34
N GLU A 118 9.89 -9.54 -6.87
CA GLU A 118 9.36 -8.44 -7.64
C GLU A 118 8.54 -7.50 -6.77
N LEU A 119 8.18 -6.34 -7.32
CA LEU A 119 7.26 -5.41 -6.68
C LEU A 119 6.07 -5.22 -7.61
N ARG A 120 4.95 -4.81 -7.02
CA ARG A 120 3.69 -4.58 -7.74
C ARG A 120 3.08 -3.29 -7.23
N VAL A 121 2.45 -2.57 -8.15
CA VAL A 121 1.78 -1.32 -7.84
C VAL A 121 0.82 -1.00 -8.97
N GLN A 122 -0.45 -0.77 -8.64
CA GLN A 122 -1.48 -0.51 -9.63
C GLN A 122 -2.71 0.09 -8.97
N MET A 123 -3.64 0.61 -9.78
CA MET A 123 -4.86 1.22 -9.26
C MET A 123 -5.73 0.17 -8.59
N ALA A 124 -6.41 0.55 -7.51
CA ALA A 124 -7.30 -0.33 -6.78
C ALA A 124 -8.55 -0.65 -7.61
N ARG A 125 -9.44 -1.50 -7.06
CA ARG A 125 -10.68 -1.91 -7.72
C ARG A 125 -11.87 -1.90 -6.77
N TYR A 126 -11.59 -1.71 -5.49
CA TYR A 126 -12.62 -1.64 -4.45
C TYR A 126 -12.34 -0.45 -3.53
N GLY A 127 -13.34 -0.06 -2.72
CA GLY A 127 -13.15 0.98 -1.73
C GLY A 127 -12.43 0.40 -0.51
N ARG A 128 -12.86 -0.80 -0.09
CA ARG A 128 -12.26 -1.59 0.97
C ARG A 128 -13.02 -2.94 0.98
N PRO A 129 -12.47 -3.99 1.60
CA PRO A 129 -13.10 -5.29 1.68
C PRO A 129 -14.43 -5.22 2.43
N PRO A 130 -15.43 -6.00 2.02
CA PRO A 130 -16.78 -5.94 2.54
C PRO A 130 -16.98 -6.72 3.85
N ASP A 131 -16.14 -7.72 4.16
CA ASP A 131 -16.40 -8.58 5.29
C ASP A 131 -15.18 -9.30 5.87
N SER A 132 -13.97 -8.82 5.54
CA SER A 132 -12.74 -9.46 6.02
C SER A 132 -12.62 -9.46 7.54
N HIS A 133 -13.53 -8.78 8.25
CA HIS A 133 -13.47 -8.66 9.71
C HIS A 133 -14.83 -8.90 10.34
N HIS A 134 -15.80 -9.36 9.53
CA HIS A 134 -17.18 -9.64 9.95
C HIS A 134 -17.86 -8.46 10.64
N SER A 135 -19.06 -8.70 11.19
CA SER A 135 -19.86 -7.68 11.86
C SER A 135 -20.66 -8.32 13.00
N MET A 35 0.92 1.97 18.57
CA MET A 35 0.28 2.36 17.30
C MET A 35 1.07 3.47 16.61
N SER A 36 1.20 3.38 15.29
CA SER A 36 1.94 4.37 14.49
C SER A 36 1.28 4.59 13.14
N TYR A 37 0.05 4.09 12.96
CA TYR A 37 -0.73 4.26 11.74
C TYR A 37 -2.17 4.65 12.10
N GLY A 38 -2.99 4.92 11.09
CA GLY A 38 -4.34 5.38 11.29
C GLY A 38 -5.21 5.15 10.06
N ARG A 39 -6.51 5.46 10.20
CA ARG A 39 -7.49 5.28 9.16
C ARG A 39 -7.16 6.10 7.92
N PRO A 40 -7.66 5.65 6.77
CA PRO A 40 -7.58 6.36 5.50
C PRO A 40 -8.52 7.57 5.53
N PRO A 41 -8.34 8.52 4.61
CA PRO A 41 -9.18 9.72 4.54
C PRO A 41 -10.60 9.36 4.11
N PRO A 42 -11.59 10.17 4.49
CA PRO A 42 -12.99 9.95 4.18
C PRO A 42 -13.38 10.46 2.79
N ASP A 43 -12.41 10.65 1.89
CA ASP A 43 -12.67 11.27 0.59
C ASP A 43 -11.99 10.50 -0.54
N VAL A 44 -11.62 9.24 -0.31
CA VAL A 44 -11.02 8.40 -1.35
C VAL A 44 -11.98 8.25 -2.54
N GLU A 45 -13.27 8.48 -2.30
CA GLU A 45 -14.30 8.40 -3.33
C GLU A 45 -14.25 9.61 -4.27
N GLY A 46 -13.29 10.50 -4.04
CA GLY A 46 -13.12 11.72 -4.82
C GLY A 46 -11.65 12.02 -5.08
N MET A 47 -10.78 11.01 -4.91
CA MET A 47 -9.34 11.14 -5.13
C MET A 47 -8.80 9.84 -5.73
N THR A 48 -7.52 9.84 -6.09
CA THR A 48 -6.84 8.64 -6.58
C THR A 48 -6.76 7.61 -5.46
N SER A 49 -6.39 6.38 -5.79
CA SER A 49 -6.35 5.29 -4.83
C SER A 49 -5.33 4.23 -5.25
N LEU A 50 -4.07 4.62 -5.42
CA LEU A 50 -3.05 3.68 -5.86
C LEU A 50 -2.79 2.69 -4.73
N LYS A 51 -2.40 1.47 -5.07
CA LYS A 51 -2.00 0.45 -4.11
C LYS A 51 -0.61 -0.09 -4.46
N VAL A 52 0.09 -0.61 -3.45
CA VAL A 52 1.42 -1.19 -3.60
C VAL A 52 1.48 -2.48 -2.78
N ASP A 53 2.06 -3.54 -3.34
CA ASP A 53 2.07 -4.86 -2.74
C ASP A 53 3.25 -5.74 -3.20
N ASN A 54 3.32 -6.96 -2.67
CA ASN A 54 4.25 -8.04 -3.02
C ASN A 54 5.61 -7.94 -2.32
N LEU A 55 5.71 -7.19 -1.23
CA LEU A 55 6.94 -7.01 -0.47
C LEU A 55 7.54 -8.33 0.03
N THR A 56 8.78 -8.25 0.53
CA THR A 56 9.53 -9.42 1.01
C THR A 56 9.12 -9.79 2.42
N TYR A 57 9.58 -10.96 2.89
CA TYR A 57 9.34 -11.41 4.26
C TYR A 57 10.16 -10.60 5.26
N ARG A 58 10.81 -9.51 4.82
CA ARG A 58 11.68 -8.69 5.64
C ARG A 58 11.36 -7.20 5.51
N THR A 59 10.47 -6.83 4.58
CA THR A 59 10.05 -5.45 4.44
C THR A 59 9.15 -5.04 5.61
N SER A 60 8.97 -3.74 5.82
CA SER A 60 8.13 -3.22 6.90
C SER A 60 7.39 -1.97 6.40
N PRO A 61 6.25 -1.64 7.01
CA PRO A 61 5.41 -0.53 6.57
C PRO A 61 6.05 0.83 6.87
N ASP A 62 7.04 0.88 7.77
CA ASP A 62 7.75 2.13 8.03
C ASP A 62 8.71 2.40 6.89
N THR A 63 9.22 1.31 6.28
CA THR A 63 10.17 1.43 5.19
C THR A 63 9.43 1.94 3.99
N LEU A 64 8.30 1.30 3.65
CA LEU A 64 7.53 1.69 2.49
C LEU A 64 6.98 3.10 2.65
N ARG A 65 6.69 3.52 3.87
CA ARG A 65 6.17 4.85 4.12
C ARG A 65 7.18 5.86 3.61
N ARG A 66 8.45 5.68 3.97
CA ARG A 66 9.52 6.62 3.63
C ARG A 66 10.01 6.41 2.20
N VAL A 67 10.06 5.15 1.78
CA VAL A 67 10.46 4.75 0.44
C VAL A 67 9.51 5.33 -0.62
N PHE A 68 8.21 5.41 -0.31
CA PHE A 68 7.21 5.87 -1.26
C PHE A 68 6.84 7.34 -1.05
N GLU A 69 7.27 7.92 0.07
CA GLU A 69 7.00 9.32 0.39
C GLU A 69 7.69 10.26 -0.61
N LYS A 70 8.77 9.80 -1.25
CA LYS A 70 9.54 10.61 -2.17
C LYS A 70 8.85 10.76 -3.52
N TYR A 71 7.93 9.84 -3.82
CA TYR A 71 7.20 9.86 -5.09
C TYR A 71 6.10 10.92 -5.06
N GLY A 72 5.75 11.42 -3.87
CA GLY A 72 4.84 12.56 -3.79
C GLY A 72 4.06 12.59 -2.48
N ARG A 73 3.09 11.69 -2.32
CA ARG A 73 2.30 11.61 -1.11
C ARG A 73 1.83 10.19 -0.83
N VAL A 74 2.50 9.54 0.10
CA VAL A 74 2.10 8.26 0.67
C VAL A 74 0.95 8.53 1.65
N GLY A 75 -0.09 9.17 1.13
CA GLY A 75 -1.25 9.62 1.90
C GLY A 75 -1.89 8.54 2.76
N ASP A 76 -1.61 7.26 2.46
CA ASP A 76 -2.06 6.17 3.30
C ASP A 76 -1.13 4.97 3.12
N VAL A 77 -1.11 4.07 4.11
CA VAL A 77 -0.27 2.88 4.09
C VAL A 77 -0.86 1.83 5.02
N TYR A 78 -1.00 0.60 4.54
CA TYR A 78 -1.54 -0.47 5.36
C TYR A 78 -0.91 -1.83 5.03
N ILE A 79 -0.95 -2.75 6.00
CA ILE A 79 -0.53 -4.13 5.86
C ILE A 79 -1.46 -4.96 6.75
N PRO A 80 -2.53 -5.50 6.16
CA PRO A 80 -3.60 -6.20 6.86
C PRO A 80 -3.22 -7.47 7.61
N ARG A 81 -2.12 -8.09 7.21
CA ARG A 81 -1.75 -9.45 7.63
C ARG A 81 -3.03 -10.27 7.84
N ASP A 82 -3.32 -10.62 9.10
CA ASP A 82 -4.55 -11.26 9.53
C ASP A 82 -4.83 -10.70 10.93
N ARG A 83 -6.04 -10.20 11.17
CA ARG A 83 -6.35 -9.48 12.41
C ARG A 83 -6.43 -10.39 13.64
N TYR A 84 -5.81 -11.58 13.58
CA TYR A 84 -5.81 -12.53 14.69
C TYR A 84 -4.42 -13.11 14.92
N THR A 85 -3.47 -12.81 14.03
CA THR A 85 -2.10 -13.33 14.11
C THR A 85 -1.09 -12.25 13.72
N LYS A 86 -1.52 -11.33 12.86
CA LYS A 86 -0.81 -10.12 12.45
C LYS A 86 0.65 -10.38 12.06
N GLU A 87 0.93 -11.55 11.46
CA GLU A 87 2.31 -11.93 11.16
C GLU A 87 2.48 -12.52 9.75
N SER A 88 1.46 -12.42 8.89
CA SER A 88 1.53 -12.97 7.53
C SER A 88 2.66 -12.33 6.73
N ARG A 89 2.98 -11.06 7.03
CA ARG A 89 4.09 -10.27 6.49
C ARG A 89 4.57 -10.76 5.12
N GLY A 90 3.80 -10.45 4.07
CA GLY A 90 4.13 -10.85 2.71
C GLY A 90 3.54 -9.93 1.64
N PHE A 91 2.79 -8.90 2.04
CA PHE A 91 2.24 -7.94 1.10
C PHE A 91 1.92 -6.63 1.81
N ALA A 92 1.41 -5.65 1.07
CA ALA A 92 1.05 -4.35 1.63
C ALA A 92 -0.04 -3.67 0.82
N PHE A 93 -0.37 -2.45 1.22
CA PHE A 93 -1.37 -1.60 0.60
C PHE A 93 -0.94 -0.15 0.78
N VAL A 94 0.27 0.20 0.33
CA VAL A 94 0.69 1.60 0.36
C VAL A 94 -0.17 2.33 -0.67
N ARG A 95 -0.55 3.59 -0.42
CA ARG A 95 -1.50 4.26 -1.30
C ARG A 95 -1.25 5.74 -1.49
N PHE A 96 -1.73 6.22 -2.64
CA PHE A 96 -1.65 7.62 -3.04
C PHE A 96 -3.03 8.18 -3.39
N HIS A 97 -3.14 9.51 -3.45
CA HIS A 97 -4.41 10.18 -3.68
C HIS A 97 -4.33 11.23 -4.80
N ASP A 98 -3.22 11.27 -5.54
CA ASP A 98 -3.10 12.14 -6.71
C ASP A 98 -2.49 11.35 -7.85
N LYS A 99 -3.10 11.44 -9.04
CA LYS A 99 -2.76 10.60 -10.17
C LYS A 99 -1.34 10.82 -10.68
N ARG A 100 -0.83 12.06 -10.63
CA ARG A 100 0.49 12.33 -11.19
C ARG A 100 1.59 11.66 -10.36
N ASP A 101 1.42 11.66 -9.03
CA ASP A 101 2.38 11.03 -8.14
C ASP A 101 2.17 9.51 -8.14
N ALA A 102 0.93 9.08 -8.43
CA ALA A 102 0.60 7.66 -8.48
C ALA A 102 1.08 7.01 -9.77
N GLU A 103 1.03 7.75 -10.89
CA GLU A 103 1.49 7.21 -12.16
C GLU A 103 3.00 7.08 -12.17
N ASP A 104 3.72 7.99 -11.49
CA ASP A 104 5.17 7.84 -11.36
C ASP A 104 5.50 6.68 -10.43
N ALA A 105 4.72 6.52 -9.36
CA ALA A 105 4.99 5.49 -8.37
C ALA A 105 4.95 4.09 -8.98
N MET A 106 4.10 3.86 -9.99
CA MET A 106 4.05 2.55 -10.63
C MET A 106 5.04 2.49 -11.80
N ASP A 107 5.31 3.64 -12.44
CA ASP A 107 6.26 3.70 -13.55
C ASP A 107 7.70 3.46 -13.06
N ALA A 108 7.90 3.40 -11.74
CA ALA A 108 9.22 3.19 -11.17
C ALA A 108 9.26 2.12 -10.07
N MET A 109 8.11 1.61 -9.63
CA MET A 109 8.08 0.51 -8.66
C MET A 109 7.36 -0.72 -9.19
N ASP A 110 6.43 -0.60 -10.15
CA ASP A 110 5.76 -1.77 -10.67
C ASP A 110 6.74 -2.62 -11.47
N GLY A 111 6.86 -3.90 -11.12
CA GLY A 111 7.74 -4.84 -11.80
C GLY A 111 9.18 -4.74 -11.29
N ALA A 112 9.44 -3.86 -10.33
CA ALA A 112 10.77 -3.69 -9.74
C ALA A 112 11.15 -4.94 -8.93
N VAL A 113 12.33 -4.92 -8.32
CA VAL A 113 12.89 -6.06 -7.61
C VAL A 113 13.46 -5.64 -6.28
N LEU A 114 13.30 -6.53 -5.29
CA LEU A 114 13.89 -6.43 -3.98
C LEU A 114 14.09 -7.86 -3.48
N ASP A 115 15.24 -8.12 -2.83
CA ASP A 115 15.65 -9.43 -2.35
C ASP A 115 15.66 -10.50 -3.45
N GLY A 116 15.30 -10.14 -4.69
CA GLY A 116 15.32 -11.07 -5.82
C GLY A 116 13.90 -11.44 -6.27
N ARG A 117 12.89 -10.93 -5.57
CA ARG A 117 11.49 -11.18 -5.93
C ARG A 117 10.98 -10.05 -6.82
N GLU A 118 9.65 -9.89 -6.85
CA GLU A 118 8.99 -8.87 -7.65
C GLU A 118 8.33 -7.86 -6.73
N LEU A 119 7.91 -6.73 -7.29
CA LEU A 119 7.19 -5.69 -6.57
C LEU A 119 6.04 -5.24 -7.46
N ARG A 120 4.94 -4.76 -6.86
CA ARG A 120 3.72 -4.48 -7.59
C ARG A 120 3.07 -3.19 -7.11
N VAL A 121 2.52 -2.44 -8.08
CA VAL A 121 1.87 -1.17 -7.84
C VAL A 121 0.81 -0.95 -8.93
N GLN A 122 -0.44 -0.73 -8.51
CA GLN A 122 -1.55 -0.46 -9.42
C GLN A 122 -2.72 0.13 -8.65
N MET A 123 -3.69 0.70 -9.35
CA MET A 123 -4.85 1.34 -8.73
C MET A 123 -5.68 0.33 -7.95
N ALA A 124 -6.28 0.77 -6.84
CA ALA A 124 -7.02 -0.07 -5.93
C ALA A 124 -8.35 -0.53 -6.52
N ARG A 125 -9.07 -1.37 -5.75
CA ARG A 125 -10.37 -1.92 -6.11
C ARG A 125 -11.30 -1.89 -4.91
N TYR A 126 -12.57 -2.27 -5.12
CA TYR A 126 -13.59 -2.34 -4.08
C TYR A 126 -13.67 -1.05 -3.26
N GLY A 127 -14.25 -1.14 -2.06
CA GLY A 127 -14.39 -0.01 -1.15
C GLY A 127 -14.06 -0.41 0.30
N ARG A 128 -13.39 -1.56 0.45
CA ARG A 128 -12.90 -2.23 1.65
C ARG A 128 -13.55 -3.61 1.78
N PRO A 129 -12.91 -4.55 2.48
CA PRO A 129 -13.38 -5.91 2.64
C PRO A 129 -14.87 -6.00 2.98
N PRO A 130 -15.62 -6.87 2.30
CA PRO A 130 -17.06 -7.02 2.47
C PRO A 130 -17.43 -7.88 3.68
N ASP A 131 -16.51 -8.72 4.18
CA ASP A 131 -16.87 -9.64 5.26
C ASP A 131 -15.66 -10.14 6.06
N SER A 132 -14.49 -9.54 5.85
CA SER A 132 -13.28 -9.97 6.55
C SER A 132 -13.30 -9.53 8.01
N HIS A 133 -14.14 -8.55 8.33
CA HIS A 133 -14.26 -8.00 9.68
C HIS A 133 -15.64 -7.33 9.82
N HIS A 134 -16.03 -6.99 11.05
CA HIS A 134 -17.35 -6.45 11.33
C HIS A 134 -17.31 -5.40 12.43
N SER A 135 -18.42 -4.69 12.63
CA SER A 135 -18.54 -3.62 13.61
C SER A 135 -19.94 -3.61 14.21
N MET A 35 6.87 5.61 14.85
CA MET A 35 6.18 4.53 14.12
C MET A 35 4.73 4.42 14.59
N SER A 36 3.79 4.93 13.79
CA SER A 36 2.37 4.86 14.11
C SER A 36 1.54 4.97 12.83
N TYR A 37 0.26 4.60 12.92
CA TYR A 37 -0.66 4.60 11.79
C TYR A 37 -2.06 4.98 12.25
N GLY A 38 -3.01 5.04 11.31
CA GLY A 38 -4.37 5.43 11.61
C GLY A 38 -5.29 5.22 10.42
N ARG A 39 -6.58 5.50 10.62
CA ARG A 39 -7.60 5.38 9.59
C ARG A 39 -7.21 6.20 8.35
N PRO A 40 -7.62 5.73 7.18
CA PRO A 40 -7.33 6.36 5.90
C PRO A 40 -8.10 7.66 5.72
N PRO A 41 -7.61 8.57 4.87
CA PRO A 41 -8.29 9.82 4.53
C PRO A 41 -9.73 9.58 4.06
N PRO A 42 -10.58 10.60 4.15
CA PRO A 42 -11.96 10.56 3.69
C PRO A 42 -12.02 10.62 2.16
N ASP A 43 -13.22 10.41 1.62
CA ASP A 43 -13.51 10.46 0.18
C ASP A 43 -12.62 9.50 -0.62
N VAL A 44 -11.99 8.53 0.05
CA VAL A 44 -11.14 7.56 -0.61
C VAL A 44 -11.93 6.70 -1.60
N GLU A 45 -13.26 6.76 -1.52
CA GLU A 45 -14.15 6.04 -2.44
C GLU A 45 -14.17 6.68 -3.82
N GLY A 46 -13.43 7.80 -3.99
CA GLY A 46 -13.44 8.56 -5.23
C GLY A 46 -12.08 9.19 -5.54
N MET A 47 -10.98 8.50 -5.22
CA MET A 47 -9.64 8.98 -5.51
C MET A 47 -8.82 7.89 -6.21
N THR A 48 -7.61 8.26 -6.66
CA THR A 48 -6.76 7.40 -7.47
C THR A 48 -6.45 6.06 -6.79
N SER A 49 -6.34 6.07 -5.46
CA SER A 49 -6.11 4.89 -4.63
C SER A 49 -5.08 3.93 -5.24
N LEU A 50 -3.97 4.47 -5.75
CA LEU A 50 -2.91 3.67 -6.36
C LEU A 50 -2.20 2.90 -5.26
N LYS A 51 -2.29 1.56 -5.27
CA LYS A 51 -1.74 0.76 -4.19
C LYS A 51 -0.44 0.06 -4.55
N VAL A 52 0.22 -0.51 -3.54
CA VAL A 52 1.52 -1.15 -3.66
C VAL A 52 1.55 -2.43 -2.85
N ASP A 53 2.15 -3.49 -3.40
CA ASP A 53 2.20 -4.82 -2.81
C ASP A 53 3.35 -5.67 -3.37
N ASN A 54 3.40 -6.94 -2.96
CA ASN A 54 4.35 -7.97 -3.38
C ASN A 54 5.74 -7.87 -2.75
N LEU A 55 6.02 -6.83 -1.96
CA LEU A 55 7.28 -6.68 -1.25
C LEU A 55 7.59 -7.91 -0.38
N THR A 56 8.82 -7.99 0.11
CA THR A 56 9.28 -9.16 0.85
C THR A 56 8.61 -9.29 2.20
N TYR A 57 8.70 -10.48 2.79
CA TYR A 57 8.24 -10.74 4.14
C TYR A 57 9.18 -10.13 5.18
N ARG A 58 10.17 -9.35 4.72
CA ARG A 58 11.18 -8.74 5.56
C ARG A 58 11.14 -7.22 5.49
N THR A 59 10.44 -6.66 4.49
CA THR A 59 10.18 -5.23 4.42
C THR A 59 9.18 -4.88 5.53
N SER A 60 8.97 -3.58 5.79
CA SER A 60 8.09 -3.12 6.85
C SER A 60 7.31 -1.89 6.41
N PRO A 61 6.18 -1.60 7.05
CA PRO A 61 5.28 -0.52 6.64
C PRO A 61 5.89 0.86 6.88
N ASP A 62 6.87 0.98 7.78
CA ASP A 62 7.55 2.25 8.00
C ASP A 62 8.54 2.49 6.87
N THR A 63 9.07 1.39 6.33
CA THR A 63 9.99 1.48 5.21
C THR A 63 9.23 1.93 3.99
N LEU A 64 8.09 1.31 3.69
CA LEU A 64 7.32 1.69 2.52
C LEU A 64 6.83 3.12 2.65
N ARG A 65 6.59 3.59 3.88
CA ARG A 65 6.14 4.96 4.08
C ARG A 65 7.19 5.93 3.54
N ARG A 66 8.47 5.68 3.83
CA ARG A 66 9.54 6.59 3.42
C ARG A 66 9.98 6.30 1.99
N VAL A 67 10.05 5.02 1.64
CA VAL A 67 10.43 4.56 0.31
C VAL A 67 9.50 5.14 -0.75
N PHE A 68 8.23 5.36 -0.42
CA PHE A 68 7.24 5.80 -1.39
C PHE A 68 6.84 7.26 -1.16
N GLU A 69 7.27 7.84 -0.04
CA GLU A 69 6.99 9.25 0.23
C GLU A 69 7.75 10.17 -0.72
N LYS A 70 8.89 9.70 -1.25
CA LYS A 70 9.70 10.48 -2.16
C LYS A 70 9.02 10.68 -3.52
N TYR A 71 8.04 9.81 -3.82
CA TYR A 71 7.28 9.88 -5.05
C TYR A 71 6.17 10.94 -4.96
N GLY A 72 5.94 11.50 -3.76
CA GLY A 72 5.00 12.59 -3.56
C GLY A 72 4.45 12.57 -2.15
N ARG A 73 3.41 11.77 -1.95
CA ARG A 73 2.85 11.47 -0.64
C ARG A 73 2.21 10.09 -0.75
N VAL A 74 2.59 9.17 0.14
CA VAL A 74 2.06 7.81 0.12
C VAL A 74 0.54 7.79 0.20
N GLY A 75 -0.06 8.89 0.69
CA GLY A 75 -1.50 9.06 0.81
C GLY A 75 -2.08 8.25 1.98
N ASP A 76 -1.72 6.97 2.04
CA ASP A 76 -2.10 6.08 3.13
C ASP A 76 -1.17 4.86 3.12
N VAL A 77 -1.13 4.11 4.21
CA VAL A 77 -0.25 2.95 4.33
C VAL A 77 -0.85 1.93 5.30
N TYR A 78 -0.88 0.66 4.89
CA TYR A 78 -1.43 -0.41 5.70
C TYR A 78 -0.78 -1.75 5.37
N ILE A 79 -1.09 -2.78 6.14
CA ILE A 79 -0.66 -4.16 5.92
C ILE A 79 -1.84 -5.07 6.27
N PRO A 80 -2.57 -5.57 5.25
CA PRO A 80 -3.69 -6.50 5.34
C PRO A 80 -3.43 -7.81 6.11
N ARG A 81 -2.33 -7.89 6.85
CA ARG A 81 -1.98 -9.05 7.64
C ARG A 81 -3.17 -9.45 8.51
N ASP A 82 -3.41 -10.76 8.65
CA ASP A 82 -4.56 -11.28 9.35
C ASP A 82 -4.67 -10.68 10.75
N ARG A 83 -5.89 -10.30 11.12
CA ARG A 83 -6.20 -9.59 12.36
C ARG A 83 -6.21 -10.51 13.58
N TYR A 84 -5.93 -11.80 13.40
CA TYR A 84 -5.97 -12.76 14.51
C TYR A 84 -4.94 -13.88 14.38
N THR A 85 -4.33 -14.04 13.19
CA THR A 85 -3.43 -15.16 12.93
C THR A 85 -2.11 -14.68 12.34
N LYS A 86 -2.07 -13.41 11.92
CA LYS A 86 -0.88 -12.72 11.44
C LYS A 86 -0.08 -13.44 10.35
N GLU A 87 -0.69 -14.35 9.60
CA GLU A 87 0.00 -15.19 8.62
C GLU A 87 0.26 -14.51 7.28
N SER A 88 -0.17 -13.26 7.12
CA SER A 88 -0.13 -12.59 5.82
C SER A 88 0.79 -11.35 5.80
N ARG A 89 1.88 -11.37 6.56
CA ARG A 89 2.89 -10.32 6.52
C ARG A 89 3.65 -10.31 5.18
N GLY A 90 3.29 -11.22 4.28
CA GLY A 90 3.97 -11.40 3.01
C GLY A 90 3.86 -10.20 2.06
N PHE A 91 3.03 -9.20 2.39
CA PHE A 91 2.87 -8.02 1.55
C PHE A 91 2.32 -6.85 2.36
N ALA A 92 2.07 -5.73 1.67
CA ALA A 92 1.53 -4.53 2.29
C ALA A 92 0.54 -3.85 1.34
N PHE A 93 0.03 -2.70 1.76
CA PHE A 93 -0.97 -1.95 1.01
C PHE A 93 -0.76 -0.45 1.18
N VAL A 94 0.19 0.13 0.45
CA VAL A 94 0.30 1.58 0.39
C VAL A 94 -0.81 2.07 -0.53
N ARG A 95 -1.21 3.34 -0.46
CA ARG A 95 -2.32 3.84 -1.29
C ARG A 95 -2.26 5.36 -1.48
N PHE A 96 -1.81 5.79 -2.66
CA PHE A 96 -1.74 7.21 -3.02
C PHE A 96 -3.12 7.72 -3.42
N HIS A 97 -3.30 9.04 -3.47
CA HIS A 97 -4.59 9.66 -3.76
C HIS A 97 -4.49 10.75 -4.84
N ASP A 98 -3.33 10.86 -5.51
CA ASP A 98 -3.14 11.85 -6.55
C ASP A 98 -2.51 11.19 -7.77
N LYS A 99 -3.10 11.41 -8.94
CA LYS A 99 -2.75 10.69 -10.15
C LYS A 99 -1.30 10.92 -10.57
N ARG A 100 -0.73 12.10 -10.32
CA ARG A 100 0.62 12.38 -10.79
C ARG A 100 1.65 11.61 -9.98
N ASP A 101 1.45 11.51 -8.66
CA ASP A 101 2.35 10.76 -7.80
C ASP A 101 2.09 9.27 -7.97
N ALA A 102 0.83 8.92 -8.29
CA ALA A 102 0.42 7.55 -8.49
C ALA A 102 1.02 6.98 -9.78
N GLU A 103 0.99 7.74 -10.88
CA GLU A 103 1.51 7.25 -12.14
C GLU A 103 3.02 7.11 -12.10
N ASP A 104 3.72 7.98 -11.38
CA ASP A 104 5.16 7.85 -11.25
C ASP A 104 5.50 6.67 -10.33
N ALA A 105 4.70 6.47 -9.28
CA ALA A 105 4.97 5.43 -8.32
C ALA A 105 4.96 4.06 -8.99
N MET A 106 4.12 3.84 -10.01
CA MET A 106 4.09 2.56 -10.69
C MET A 106 5.06 2.55 -11.86
N ASP A 107 5.33 3.71 -12.47
CA ASP A 107 6.26 3.80 -13.58
C ASP A 107 7.70 3.55 -13.11
N ALA A 108 7.92 3.48 -11.80
CA ALA A 108 9.26 3.27 -11.26
C ALA A 108 9.31 2.19 -10.17
N MET A 109 8.17 1.65 -9.73
CA MET A 109 8.16 0.56 -8.76
C MET A 109 7.41 -0.68 -9.26
N ASP A 110 6.45 -0.56 -10.19
CA ASP A 110 5.77 -1.75 -10.67
C ASP A 110 6.75 -2.63 -11.44
N GLY A 111 6.86 -3.90 -11.04
CA GLY A 111 7.75 -4.86 -11.68
C GLY A 111 9.20 -4.72 -11.21
N ALA A 112 9.47 -3.77 -10.30
CA ALA A 112 10.79 -3.55 -9.74
C ALA A 112 11.20 -4.71 -8.81
N VAL A 113 12.34 -4.56 -8.15
CA VAL A 113 12.90 -5.58 -7.26
C VAL A 113 13.34 -4.93 -5.95
N LEU A 114 13.20 -5.66 -4.84
CA LEU A 114 13.58 -5.19 -3.51
C LEU A 114 14.88 -5.86 -3.07
N ASP A 115 14.90 -7.20 -3.12
CA ASP A 115 16.07 -7.99 -2.76
C ASP A 115 16.27 -9.21 -3.65
N GLY A 116 15.32 -9.48 -4.57
CA GLY A 116 15.45 -10.59 -5.50
C GLY A 116 14.09 -11.07 -6.03
N ARG A 117 12.99 -10.64 -5.40
CA ARG A 117 11.65 -10.97 -5.85
C ARG A 117 11.13 -9.86 -6.76
N GLU A 118 9.81 -9.77 -6.88
CA GLU A 118 9.17 -8.76 -7.70
C GLU A 118 8.40 -7.79 -6.82
N LEU A 119 7.94 -6.69 -7.41
CA LEU A 119 7.17 -5.68 -6.73
C LEU A 119 5.98 -5.31 -7.61
N ARG A 120 4.94 -4.73 -7.02
CA ARG A 120 3.69 -4.47 -7.71
C ARG A 120 3.08 -3.16 -7.25
N VAL A 121 2.54 -2.40 -8.20
CA VAL A 121 1.91 -1.11 -7.94
C VAL A 121 0.83 -0.89 -8.99
N GLN A 122 -0.42 -0.69 -8.55
CA GLN A 122 -1.55 -0.47 -9.45
C GLN A 122 -2.76 0.05 -8.68
N MET A 123 -3.73 0.62 -9.41
CA MET A 123 -4.92 1.22 -8.81
C MET A 123 -5.75 0.18 -8.07
N ALA A 124 -6.48 0.62 -7.03
CA ALA A 124 -7.30 -0.24 -6.20
C ALA A 124 -8.53 -0.77 -6.94
N ARG A 125 -9.31 -1.62 -6.26
CA ARG A 125 -10.54 -2.19 -6.78
C ARG A 125 -11.73 -1.90 -5.87
N TYR A 126 -11.47 -1.42 -4.65
CA TYR A 126 -12.49 -1.14 -3.66
C TYR A 126 -11.99 -0.03 -2.73
N GLY A 127 -12.87 0.46 -1.85
CA GLY A 127 -12.48 1.38 -0.80
C GLY A 127 -12.13 0.59 0.46
N ARG A 128 -12.80 -0.55 0.64
CA ARG A 128 -12.56 -1.53 1.68
C ARG A 128 -13.02 -2.89 1.17
N PRO A 129 -12.41 -3.97 1.67
CA PRO A 129 -12.76 -5.34 1.36
C PRO A 129 -14.24 -5.61 1.67
N PRO A 130 -14.98 -6.24 0.74
CA PRO A 130 -16.39 -6.55 0.91
C PRO A 130 -16.69 -7.30 2.20
N ASP A 131 -15.75 -8.11 2.69
CA ASP A 131 -15.89 -8.85 3.93
C ASP A 131 -14.53 -9.33 4.44
N SER A 132 -14.26 -9.08 5.72
CA SER A 132 -13.04 -9.54 6.38
C SER A 132 -13.15 -9.37 7.90
N HIS A 133 -14.06 -8.49 8.35
CA HIS A 133 -14.23 -8.16 9.75
C HIS A 133 -15.68 -7.71 9.98
N HIS A 134 -16.61 -8.31 9.24
CA HIS A 134 -18.00 -7.86 9.20
C HIS A 134 -18.96 -9.03 9.36
N SER A 135 -20.25 -8.73 9.43
CA SER A 135 -21.32 -9.71 9.60
C SER A 135 -22.58 -9.26 8.88
N MET A 35 1.90 7.11 18.03
CA MET A 35 1.61 6.21 16.90
C MET A 35 2.36 6.67 15.65
N SER A 36 2.21 5.93 14.54
CA SER A 36 2.86 6.25 13.28
C SER A 36 1.93 5.95 12.09
N TYR A 37 0.69 5.56 12.38
CA TYR A 37 -0.31 5.25 11.36
C TYR A 37 -1.69 5.72 11.83
N GLY A 38 -2.70 5.56 10.98
CA GLY A 38 -4.05 5.97 11.31
C GLY A 38 -5.04 5.54 10.25
N ARG A 39 -6.34 5.67 10.56
CA ARG A 39 -7.42 5.32 9.67
C ARG A 39 -7.26 6.01 8.31
N PRO A 40 -7.78 5.38 7.25
CA PRO A 40 -7.73 5.89 5.89
C PRO A 40 -8.51 7.20 5.79
N PRO A 41 -8.14 8.08 4.85
CA PRO A 41 -8.77 9.38 4.68
C PRO A 41 -10.17 9.25 4.06
N PRO A 42 -10.99 10.29 4.19
CA PRO A 42 -12.30 10.37 3.57
C PRO A 42 -12.19 10.80 2.10
N ASP A 43 -13.35 10.88 1.43
CA ASP A 43 -13.49 11.39 0.07
C ASP A 43 -12.65 10.62 -0.96
N VAL A 44 -12.21 9.41 -0.61
CA VAL A 44 -11.43 8.60 -1.53
C VAL A 44 -12.25 8.24 -2.78
N GLU A 45 -13.59 8.36 -2.67
CA GLU A 45 -14.50 8.12 -3.77
C GLU A 45 -14.38 9.20 -4.85
N GLY A 46 -13.49 10.18 -4.63
CA GLY A 46 -13.27 11.29 -5.54
C GLY A 46 -11.78 11.60 -5.69
N MET A 47 -10.92 10.62 -5.39
CA MET A 47 -9.48 10.76 -5.49
C MET A 47 -8.86 9.47 -6.03
N THR A 48 -7.57 9.52 -6.36
CA THR A 48 -6.83 8.35 -6.84
C THR A 48 -6.76 7.30 -5.72
N SER A 49 -6.41 6.06 -6.10
CA SER A 49 -6.39 4.95 -5.16
C SER A 49 -5.33 3.93 -5.59
N LEU A 50 -4.07 4.35 -5.73
CA LEU A 50 -3.02 3.45 -6.16
C LEU A 50 -2.75 2.48 -5.02
N LYS A 51 -2.38 1.24 -5.33
CA LYS A 51 -1.96 0.26 -4.34
C LYS A 51 -0.58 -0.32 -4.70
N VAL A 52 0.13 -0.83 -3.68
CA VAL A 52 1.47 -1.36 -3.81
C VAL A 52 1.58 -2.64 -2.98
N ASP A 53 2.26 -3.66 -3.52
CA ASP A 53 2.42 -4.96 -2.89
C ASP A 53 3.64 -5.72 -3.43
N ASN A 54 3.94 -6.87 -2.77
CA ASN A 54 4.92 -7.90 -3.15
C ASN A 54 6.20 -7.81 -2.32
N LEU A 55 6.13 -7.17 -1.15
CA LEU A 55 7.27 -6.97 -0.26
C LEU A 55 7.94 -8.28 0.17
N THR A 56 9.07 -8.16 0.87
CA THR A 56 9.84 -9.31 1.35
C THR A 56 9.36 -9.75 2.73
N TYR A 57 9.81 -10.94 3.15
CA TYR A 57 9.52 -11.48 4.48
C TYR A 57 10.21 -10.69 5.59
N ARG A 58 10.86 -9.57 5.24
CA ARG A 58 11.59 -8.72 6.18
C ARG A 58 11.17 -7.26 6.08
N THR A 59 10.37 -6.91 5.08
CA THR A 59 9.88 -5.55 4.89
C THR A 59 8.92 -5.17 6.03
N SER A 60 8.67 -3.87 6.19
CA SER A 60 7.81 -3.33 7.23
C SER A 60 7.06 -2.12 6.68
N PRO A 61 5.96 -1.71 7.32
CA PRO A 61 5.16 -0.59 6.86
C PRO A 61 5.89 0.74 7.02
N ASP A 62 6.91 0.81 7.90
CA ASP A 62 7.65 2.04 8.09
C ASP A 62 8.69 2.23 6.99
N THR A 63 9.27 1.15 6.48
CA THR A 63 10.22 1.27 5.38
C THR A 63 9.47 1.72 4.14
N LEU A 64 8.34 1.08 3.83
CA LEU A 64 7.59 1.43 2.64
C LEU A 64 7.02 2.85 2.76
N ARG A 65 6.84 3.35 3.99
CA ARG A 65 6.35 4.71 4.19
C ARG A 65 7.37 5.72 3.67
N ARG A 66 8.66 5.46 3.92
CA ARG A 66 9.73 6.37 3.54
C ARG A 66 10.16 6.12 2.09
N VAL A 67 10.22 4.84 1.70
CA VAL A 67 10.57 4.44 0.34
C VAL A 67 9.61 5.05 -0.68
N PHE A 68 8.33 5.17 -0.32
CA PHE A 68 7.32 5.66 -1.24
C PHE A 68 7.00 7.13 -1.01
N GLU A 69 7.47 7.70 0.11
CA GLU A 69 7.27 9.12 0.41
C GLU A 69 7.88 10.01 -0.67
N LYS A 70 8.94 9.55 -1.34
CA LYS A 70 9.66 10.35 -2.33
C LYS A 70 8.87 10.51 -3.62
N TYR A 71 7.93 9.59 -3.88
CA TYR A 71 7.12 9.64 -5.09
C TYR A 71 5.95 10.59 -4.93
N GLY A 72 5.61 10.94 -3.69
CA GLY A 72 4.49 11.82 -3.41
C GLY A 72 3.75 11.39 -2.15
N ARG A 73 2.50 11.84 -2.07
CA ARG A 73 1.60 11.59 -0.96
C ARG A 73 1.31 10.11 -0.75
N VAL A 74 2.16 9.45 0.04
CA VAL A 74 1.95 8.10 0.55
C VAL A 74 0.84 8.15 1.59
N GLY A 75 -0.34 8.57 1.13
CA GLY A 75 -1.52 8.81 1.95
C GLY A 75 -2.00 7.58 2.71
N ASP A 76 -1.51 6.39 2.35
CA ASP A 76 -1.78 5.18 3.10
C ASP A 76 -0.61 4.21 2.92
N VAL A 77 -0.52 3.21 3.80
CA VAL A 77 0.65 2.34 3.90
C VAL A 77 0.25 1.03 4.57
N TYR A 78 -1.01 0.61 4.39
CA TYR A 78 -1.61 -0.46 5.17
C TYR A 78 -0.98 -1.83 4.94
N ILE A 79 -1.18 -2.68 5.94
CA ILE A 79 -0.83 -4.11 5.96
C ILE A 79 -1.94 -4.80 6.74
N PRO A 80 -2.96 -5.29 6.03
CA PRO A 80 -4.13 -5.95 6.57
C PRO A 80 -3.86 -7.25 7.32
N ARG A 81 -2.65 -7.50 7.82
CA ARG A 81 -2.35 -8.73 8.53
C ARG A 81 -3.44 -8.98 9.59
N ASP A 82 -3.77 -10.25 9.83
CA ASP A 82 -4.92 -10.64 10.63
C ASP A 82 -5.08 -9.78 11.86
N ARG A 83 -6.24 -9.14 11.99
CA ARG A 83 -6.52 -8.21 13.09
C ARG A 83 -6.66 -8.92 14.44
N TYR A 84 -6.29 -10.20 14.52
CA TYR A 84 -6.37 -10.97 15.76
C TYR A 84 -5.12 -11.83 15.99
N THR A 85 -4.33 -12.09 14.94
CA THR A 85 -3.19 -13.00 15.03
C THR A 85 -2.00 -12.52 14.22
N LYS A 86 -2.14 -11.39 13.52
CA LYS A 86 -1.10 -10.75 12.74
C LYS A 86 -0.16 -11.74 12.02
N GLU A 87 -0.72 -12.64 11.21
CA GLU A 87 0.06 -13.70 10.57
C GLU A 87 0.00 -13.63 9.03
N SER A 88 -0.36 -12.47 8.47
CA SER A 88 -0.43 -12.28 7.02
C SER A 88 0.35 -11.04 6.59
N ARG A 89 1.44 -10.74 7.30
CA ARG A 89 2.37 -9.66 6.99
C ARG A 89 3.01 -9.83 5.60
N GLY A 90 2.72 -10.94 4.93
CA GLY A 90 3.29 -11.33 3.65
C GLY A 90 2.92 -10.41 2.48
N PHE A 91 2.18 -9.32 2.72
CA PHE A 91 1.79 -8.40 1.67
C PHE A 91 1.55 -7.01 2.24
N ALA A 92 1.32 -6.03 1.35
CA ALA A 92 1.11 -4.63 1.73
C ALA A 92 0.07 -3.96 0.85
N PHE A 93 -0.26 -2.71 1.18
CA PHE A 93 -1.26 -1.89 0.52
C PHE A 93 -0.87 -0.43 0.71
N VAL A 94 0.29 -0.03 0.18
CA VAL A 94 0.66 1.38 0.21
C VAL A 94 -0.14 2.08 -0.87
N ARG A 95 -0.56 3.33 -0.65
CA ARG A 95 -1.47 3.98 -1.57
C ARG A 95 -1.23 5.47 -1.72
N PHE A 96 -1.71 5.99 -2.86
CA PHE A 96 -1.64 7.41 -3.20
C PHE A 96 -3.02 7.93 -3.57
N HIS A 97 -3.20 9.25 -3.49
CA HIS A 97 -4.49 9.89 -3.68
C HIS A 97 -4.43 11.01 -4.73
N ASP A 98 -3.35 11.07 -5.52
CA ASP A 98 -3.25 12.00 -6.64
C ASP A 98 -2.61 11.28 -7.82
N LYS A 99 -3.18 11.50 -9.01
CA LYS A 99 -2.80 10.75 -10.21
C LYS A 99 -1.35 10.99 -10.62
N ARG A 100 -0.79 12.17 -10.32
CA ARG A 100 0.56 12.48 -10.80
C ARG A 100 1.58 11.69 -9.99
N ASP A 101 1.37 11.61 -8.67
CA ASP A 101 2.25 10.89 -7.79
C ASP A 101 2.04 9.38 -7.99
N ALA A 102 0.83 8.99 -8.39
CA ALA A 102 0.49 7.59 -8.56
C ALA A 102 0.99 7.05 -9.89
N GLU A 103 0.95 7.84 -10.97
CA GLU A 103 1.41 7.35 -12.26
C GLU A 103 2.93 7.20 -12.25
N ASP A 104 3.65 8.05 -11.51
CA ASP A 104 5.09 7.89 -11.40
C ASP A 104 5.43 6.70 -10.50
N ALA A 105 4.67 6.52 -9.42
CA ALA A 105 4.93 5.47 -8.46
C ALA A 105 4.87 4.09 -9.12
N MET A 106 4.01 3.89 -10.11
CA MET A 106 3.96 2.59 -10.78
C MET A 106 4.94 2.54 -11.94
N ASP A 107 5.23 3.70 -12.56
CA ASP A 107 6.17 3.76 -13.67
C ASP A 107 7.61 3.53 -13.20
N ALA A 108 7.81 3.47 -11.88
CA ALA A 108 9.14 3.30 -11.31
C ALA A 108 9.20 2.22 -10.20
N MET A 109 8.04 1.69 -9.78
CA MET A 109 8.02 0.60 -8.79
C MET A 109 7.28 -0.63 -9.28
N ASP A 110 6.45 -0.55 -10.33
CA ASP A 110 5.74 -1.72 -10.82
C ASP A 110 6.68 -2.65 -11.62
N GLY A 111 7.74 -3.12 -10.96
CA GLY A 111 8.76 -3.95 -11.57
C GLY A 111 10.13 -3.80 -10.89
N ALA A 112 10.22 -2.89 -9.91
CA ALA A 112 11.44 -2.63 -9.16
C ALA A 112 11.80 -3.79 -8.24
N VAL A 113 12.87 -3.62 -7.47
CA VAL A 113 13.39 -4.63 -6.56
C VAL A 113 13.64 -4.00 -5.19
N LEU A 114 13.23 -4.67 -4.12
CA LEU A 114 13.39 -4.17 -2.76
C LEU A 114 14.70 -4.67 -2.15
N ASP A 115 14.93 -5.98 -2.22
CA ASP A 115 16.16 -6.59 -1.73
C ASP A 115 16.57 -7.82 -2.56
N GLY A 116 15.77 -8.21 -3.56
CA GLY A 116 16.10 -9.35 -4.40
C GLY A 116 14.89 -9.96 -5.11
N ARG A 117 13.67 -9.50 -4.80
CA ARG A 117 12.46 -9.94 -5.47
C ARG A 117 11.84 -8.77 -6.22
N GLU A 118 10.59 -8.91 -6.63
CA GLU A 118 9.92 -7.94 -7.48
C GLU A 118 8.95 -7.13 -6.64
N LEU A 119 8.45 -6.04 -7.21
CA LEU A 119 7.42 -5.22 -6.58
C LEU A 119 6.29 -5.00 -7.58
N ARG A 120 5.10 -4.68 -7.06
CA ARG A 120 3.91 -4.50 -7.88
C ARG A 120 3.17 -3.25 -7.43
N VAL A 121 2.71 -2.46 -8.40
CA VAL A 121 2.04 -1.21 -8.11
C VAL A 121 1.00 -0.95 -9.20
N GLN A 122 -0.28 -0.84 -8.80
CA GLN A 122 -1.37 -0.60 -9.72
C GLN A 122 -2.59 -0.08 -8.96
N MET A 123 -3.60 0.42 -9.66
CA MET A 123 -4.77 1.01 -9.03
C MET A 123 -5.56 -0.03 -8.23
N ALA A 124 -6.22 0.41 -7.16
CA ALA A 124 -6.96 -0.46 -6.25
C ALA A 124 -8.41 -0.66 -6.68
N ARG A 125 -9.17 -1.38 -5.86
CA ARG A 125 -10.59 -1.66 -6.09
C ARG A 125 -11.37 -1.58 -4.78
N TYR A 126 -12.70 -1.75 -4.85
CA TYR A 126 -13.60 -1.68 -3.70
C TYR A 126 -13.39 -0.39 -2.89
N GLY A 127 -13.91 -0.39 -1.65
CA GLY A 127 -13.70 0.68 -0.70
C GLY A 127 -13.30 0.09 0.65
N ARG A 128 -13.84 -1.08 0.99
CA ARG A 128 -13.43 -1.90 2.11
C ARG A 128 -13.92 -3.31 1.82
N PRO A 129 -13.18 -4.34 2.25
CA PRO A 129 -13.53 -5.74 2.16
C PRO A 129 -14.85 -6.02 2.89
N PRO A 130 -15.89 -6.47 2.17
CA PRO A 130 -17.19 -6.78 2.72
C PRO A 130 -17.21 -8.14 3.42
N ASP A 131 -16.08 -8.84 3.42
CA ASP A 131 -15.97 -10.19 3.94
C ASP A 131 -14.94 -10.27 5.06
N SER A 132 -14.70 -9.14 5.74
CA SER A 132 -13.72 -9.07 6.82
C SER A 132 -14.23 -8.14 7.94
N HIS A 133 -13.60 -8.25 9.12
CA HIS A 133 -13.93 -7.46 10.30
C HIS A 133 -15.43 -7.44 10.60
N HIS A 134 -16.11 -8.57 10.42
CA HIS A 134 -17.51 -8.71 10.80
C HIS A 134 -17.67 -8.62 12.33
N SER A 135 -16.56 -8.69 13.07
CA SER A 135 -16.54 -8.59 14.52
C SER A 135 -15.19 -8.09 15.00
N MET A 35 0.44 4.54 18.25
CA MET A 35 0.90 4.00 16.96
C MET A 35 1.34 5.13 16.04
N SER A 36 1.48 4.84 14.73
CA SER A 36 1.94 5.82 13.75
C SER A 36 1.14 5.72 12.45
N TYR A 37 -0.07 5.15 12.52
CA TYR A 37 -0.93 4.96 11.36
C TYR A 37 -2.36 5.33 11.70
N GLY A 38 -3.22 5.37 10.69
CA GLY A 38 -4.61 5.77 10.88
C GLY A 38 -5.49 5.37 9.70
N ARG A 39 -6.81 5.52 9.88
CA ARG A 39 -7.80 5.19 8.87
C ARG A 39 -7.66 6.09 7.64
N PRO A 40 -8.02 5.57 6.46
CA PRO A 40 -8.09 6.30 5.21
C PRO A 40 -8.98 7.56 5.32
N PRO A 41 -8.80 8.52 4.40
CA PRO A 41 -9.63 9.71 4.37
C PRO A 41 -11.06 9.36 3.93
N PRO A 42 -12.03 10.21 4.26
CA PRO A 42 -13.45 10.00 4.00
C PRO A 42 -13.83 10.23 2.54
N ASP A 43 -12.88 10.19 1.60
CA ASP A 43 -13.15 10.50 0.20
C ASP A 43 -12.51 9.49 -0.75
N VAL A 44 -12.02 8.36 -0.23
CA VAL A 44 -11.43 7.32 -1.06
C VAL A 44 -12.47 6.71 -2.01
N GLU A 45 -13.74 7.02 -1.80
CA GLU A 45 -14.83 6.51 -2.65
C GLU A 45 -14.91 7.29 -3.97
N GLY A 46 -14.03 8.28 -4.15
CA GLY A 46 -14.02 9.12 -5.33
C GLY A 46 -12.66 9.78 -5.53
N MET A 47 -11.59 9.12 -5.10
CA MET A 47 -10.24 9.65 -5.17
C MET A 47 -9.24 8.53 -5.50
N THR A 48 -8.03 8.89 -5.94
CA THR A 48 -7.01 7.92 -6.35
C THR A 48 -6.72 6.94 -5.22
N SER A 49 -6.29 5.73 -5.58
CA SER A 49 -6.03 4.64 -4.63
C SER A 49 -4.91 3.75 -5.14
N LEU A 50 -3.76 4.35 -5.47
CA LEU A 50 -2.62 3.64 -6.04
C LEU A 50 -2.02 2.72 -5.00
N LYS A 51 -2.36 1.42 -5.07
CA LYS A 51 -1.89 0.43 -4.12
C LYS A 51 -0.49 -0.06 -4.49
N VAL A 52 0.24 -0.56 -3.48
CA VAL A 52 1.57 -1.13 -3.63
C VAL A 52 1.63 -2.42 -2.81
N ASP A 53 2.22 -3.48 -3.40
CA ASP A 53 2.26 -4.82 -2.81
C ASP A 53 3.41 -5.68 -3.37
N ASN A 54 3.49 -6.93 -2.89
CA ASN A 54 4.41 -7.99 -3.34
C ASN A 54 5.80 -7.93 -2.70
N LEU A 55 6.05 -6.97 -1.82
CA LEU A 55 7.31 -6.84 -1.09
C LEU A 55 7.65 -8.09 -0.27
N THR A 56 8.85 -8.12 0.32
CA THR A 56 9.36 -9.30 1.00
C THR A 56 8.65 -9.58 2.31
N TYR A 57 8.89 -10.78 2.86
CA TYR A 57 8.38 -11.18 4.16
C TYR A 57 9.17 -10.52 5.30
N ARG A 58 10.02 -9.54 4.97
CA ARG A 58 10.90 -8.86 5.92
C ARG A 58 10.74 -7.35 5.85
N THR A 59 10.04 -6.85 4.84
CA THR A 59 9.72 -5.42 4.72
C THR A 59 8.74 -5.03 5.82
N SER A 60 8.58 -3.73 6.07
CA SER A 60 7.72 -3.21 7.12
C SER A 60 6.96 -2.00 6.60
N PRO A 61 5.88 -1.58 7.27
CA PRO A 61 5.07 -0.46 6.81
C PRO A 61 5.82 0.86 6.96
N ASP A 62 6.81 0.91 7.85
CA ASP A 62 7.62 2.10 8.05
C ASP A 62 8.59 2.31 6.88
N THR A 63 9.08 1.21 6.29
CA THR A 63 10.04 1.33 5.19
C THR A 63 9.31 1.75 3.93
N LEU A 64 8.09 1.24 3.72
CA LEU A 64 7.33 1.59 2.53
C LEU A 64 6.84 3.02 2.64
N ARG A 65 6.40 3.45 3.83
CA ARG A 65 5.98 4.84 4.02
C ARG A 65 7.09 5.77 3.56
N ARG A 66 8.34 5.45 3.93
CA ARG A 66 9.50 6.28 3.64
C ARG A 66 9.89 6.29 2.18
N VAL A 67 10.12 5.10 1.62
CA VAL A 67 10.64 4.98 0.28
C VAL A 67 9.62 5.47 -0.74
N PHE A 68 8.33 5.42 -0.41
CA PHE A 68 7.28 5.94 -1.29
C PHE A 68 7.01 7.41 -1.01
N GLU A 69 7.49 7.92 0.13
CA GLU A 69 7.34 9.33 0.49
C GLU A 69 7.98 10.26 -0.55
N LYS A 70 8.94 9.75 -1.34
CA LYS A 70 9.66 10.57 -2.31
C LYS A 70 8.91 10.67 -3.64
N TYR A 71 8.00 9.73 -3.90
CA TYR A 71 7.22 9.73 -5.12
C TYR A 71 6.03 10.67 -5.01
N GLY A 72 5.65 11.04 -3.79
CA GLY A 72 4.53 11.92 -3.57
C GLY A 72 3.81 11.60 -2.28
N ARG A 73 2.55 12.01 -2.24
CA ARG A 73 1.66 11.86 -1.10
C ARG A 73 1.32 10.40 -0.83
N VAL A 74 2.16 9.73 -0.06
CA VAL A 74 1.88 8.42 0.52
C VAL A 74 0.84 8.61 1.62
N GLY A 75 -0.27 9.24 1.24
CA GLY A 75 -1.33 9.69 2.14
C GLY A 75 -1.94 8.56 2.98
N ASP A 76 -1.69 7.30 2.63
CA ASP A 76 -2.17 6.17 3.42
C ASP A 76 -1.26 4.98 3.19
N VAL A 77 -1.21 4.06 4.16
CA VAL A 77 -0.34 2.90 4.10
C VAL A 77 -0.86 1.84 5.07
N TYR A 78 -0.98 0.59 4.61
CA TYR A 78 -1.51 -0.48 5.42
C TYR A 78 -0.85 -1.83 5.13
N ILE A 79 -0.99 -2.77 6.07
CA ILE A 79 -0.53 -4.16 5.97
C ILE A 79 -1.55 -5.00 6.74
N PRO A 80 -2.59 -5.49 6.06
CA PRO A 80 -3.68 -6.24 6.67
C PRO A 80 -3.25 -7.53 7.34
N ARG A 81 -2.15 -8.10 6.82
CA ARG A 81 -1.62 -9.42 7.18
C ARG A 81 -2.71 -10.30 7.78
N ASP A 82 -2.73 -10.45 9.11
CA ASP A 82 -3.82 -11.08 9.84
C ASP A 82 -3.98 -10.31 11.15
N ARG A 83 -5.21 -9.86 11.43
CA ARG A 83 -5.51 -8.98 12.55
C ARG A 83 -5.39 -9.69 13.91
N TYR A 84 -4.88 -10.92 13.94
CA TYR A 84 -4.77 -11.68 15.18
C TYR A 84 -3.51 -12.54 15.25
N THR A 85 -2.82 -12.74 14.12
CA THR A 85 -1.69 -13.66 14.06
C THR A 85 -0.54 -13.10 13.24
N LYS A 86 -0.74 -11.94 12.60
CA LYS A 86 0.23 -11.22 11.78
C LYS A 86 1.12 -12.10 10.90
N GLU A 87 0.64 -13.27 10.50
CA GLU A 87 1.45 -14.28 9.81
C GLU A 87 1.50 -14.08 8.29
N SER A 88 1.04 -12.93 7.78
CA SER A 88 0.97 -12.68 6.34
C SER A 88 1.55 -11.32 5.97
N ARG A 89 2.61 -10.89 6.66
CA ARG A 89 3.31 -9.64 6.38
C ARG A 89 3.99 -9.63 5.01
N GLY A 90 3.72 -10.65 4.19
CA GLY A 90 4.34 -10.83 2.88
C GLY A 90 3.84 -9.84 1.82
N PHE A 91 3.04 -8.84 2.22
CA PHE A 91 2.54 -7.83 1.30
C PHE A 91 2.16 -6.56 2.05
N ALA A 92 1.75 -5.54 1.31
CA ALA A 92 1.27 -4.30 1.88
C ALA A 92 0.20 -3.66 0.99
N PHE A 93 -0.20 -2.44 1.35
CA PHE A 93 -1.23 -1.67 0.69
C PHE A 93 -0.87 -0.19 0.85
N VAL A 94 0.31 0.20 0.37
CA VAL A 94 0.65 1.63 0.39
C VAL A 94 -0.30 2.32 -0.58
N ARG A 95 -0.68 3.58 -0.33
CA ARG A 95 -1.62 4.24 -1.20
C ARG A 95 -1.33 5.72 -1.40
N PHE A 96 -1.59 6.19 -2.63
CA PHE A 96 -1.54 7.59 -3.00
C PHE A 96 -2.92 8.08 -3.38
N HIS A 97 -3.13 9.41 -3.27
CA HIS A 97 -4.43 10.04 -3.44
C HIS A 97 -4.43 11.10 -4.55
N ASP A 98 -3.37 11.11 -5.37
CA ASP A 98 -3.32 11.97 -6.54
C ASP A 98 -2.68 11.21 -7.69
N LYS A 99 -3.26 11.33 -8.89
CA LYS A 99 -2.87 10.51 -10.02
C LYS A 99 -1.47 10.83 -10.53
N ARG A 100 -0.94 12.03 -10.28
CA ARG A 100 0.38 12.37 -10.81
C ARG A 100 1.45 11.61 -10.04
N ASP A 101 1.29 11.50 -8.72
CA ASP A 101 2.23 10.78 -7.87
C ASP A 101 2.01 9.28 -8.06
N ALA A 102 0.77 8.90 -8.36
CA ALA A 102 0.41 7.51 -8.58
C ALA A 102 1.02 6.97 -9.87
N GLU A 103 0.98 7.75 -10.94
CA GLU A 103 1.50 7.29 -12.22
C GLU A 103 3.02 7.17 -12.19
N ASP A 104 3.71 8.03 -11.44
CA ASP A 104 5.15 7.89 -11.31
C ASP A 104 5.51 6.69 -10.42
N ALA A 105 4.73 6.51 -9.34
CA ALA A 105 5.00 5.46 -8.38
C ALA A 105 4.98 4.09 -9.05
N MET A 106 4.10 3.88 -10.05
CA MET A 106 4.05 2.57 -10.71
C MET A 106 5.04 2.52 -11.87
N ASP A 107 5.34 3.67 -12.48
CA ASP A 107 6.30 3.74 -13.58
C ASP A 107 7.72 3.47 -13.09
N ALA A 108 7.92 3.40 -11.77
CA ALA A 108 9.25 3.18 -11.20
C ALA A 108 9.26 2.12 -10.09
N MET A 109 8.10 1.58 -9.70
CA MET A 109 8.05 0.48 -8.74
C MET A 109 7.29 -0.74 -9.25
N ASP A 110 6.39 -0.59 -10.23
CA ASP A 110 5.70 -1.78 -10.74
C ASP A 110 6.70 -2.68 -11.48
N GLY A 111 6.76 -3.95 -11.08
CA GLY A 111 7.65 -4.93 -11.70
C GLY A 111 9.09 -4.77 -11.22
N ALA A 112 9.35 -3.84 -10.29
CA ALA A 112 10.67 -3.61 -9.75
C ALA A 112 11.13 -4.76 -8.87
N VAL A 113 12.32 -4.61 -8.28
CA VAL A 113 12.94 -5.62 -7.42
C VAL A 113 13.62 -4.94 -6.25
N LEU A 114 13.67 -5.60 -5.08
CA LEU A 114 14.37 -5.06 -3.92
C LEU A 114 15.16 -6.11 -3.13
N ASP A 115 15.02 -7.39 -3.46
CA ASP A 115 15.71 -8.46 -2.74
C ASP A 115 15.91 -9.71 -3.59
N GLY A 116 15.60 -9.63 -4.89
CA GLY A 116 15.67 -10.78 -5.78
C GLY A 116 14.28 -11.34 -6.10
N ARG A 117 13.23 -10.62 -5.71
CA ARG A 117 11.85 -11.00 -5.96
C ARG A 117 11.23 -10.01 -6.94
N GLU A 118 9.93 -9.82 -6.82
CA GLU A 118 9.19 -8.89 -7.64
C GLU A 118 8.44 -7.90 -6.76
N LEU A 119 7.98 -6.81 -7.37
CA LEU A 119 7.21 -5.78 -6.71
C LEU A 119 6.03 -5.39 -7.60
N ARG A 120 4.97 -4.85 -6.99
CA ARG A 120 3.74 -4.53 -7.72
C ARG A 120 3.14 -3.24 -7.22
N VAL A 121 2.59 -2.47 -8.17
CA VAL A 121 1.99 -1.18 -7.90
C VAL A 121 0.91 -0.92 -8.96
N GLN A 122 -0.32 -0.66 -8.53
CA GLN A 122 -1.44 -0.41 -9.44
C GLN A 122 -2.64 0.14 -8.67
N MET A 123 -3.59 0.74 -9.38
CA MET A 123 -4.78 1.32 -8.76
C MET A 123 -5.61 0.23 -8.09
N ALA A 124 -6.36 0.59 -7.04
CA ALA A 124 -7.23 -0.33 -6.34
C ALA A 124 -8.38 -0.81 -7.24
N ARG A 125 -9.17 -1.77 -6.76
CA ARG A 125 -10.29 -2.34 -7.50
C ARG A 125 -11.54 -2.50 -6.65
N TYR A 126 -11.41 -2.22 -5.36
CA TYR A 126 -12.51 -2.34 -4.40
C TYR A 126 -12.58 -1.09 -3.53
N GLY A 127 -13.61 -1.02 -2.68
CA GLY A 127 -13.84 0.11 -1.80
C GLY A 127 -13.66 -0.26 -0.34
N ARG A 128 -13.10 -1.45 -0.09
CA ARG A 128 -12.70 -2.07 1.17
C ARG A 128 -13.49 -3.37 1.38
N PRO A 129 -12.94 -4.31 2.15
CA PRO A 129 -13.57 -5.58 2.48
C PRO A 129 -15.01 -5.38 2.94
N PRO A 130 -15.97 -6.11 2.36
CA PRO A 130 -17.38 -6.03 2.70
C PRO A 130 -17.69 -6.82 3.98
N ASP A 131 -16.74 -7.64 4.45
CA ASP A 131 -16.95 -8.51 5.60
C ASP A 131 -15.60 -8.89 6.24
N SER A 132 -14.61 -8.00 6.16
CA SER A 132 -13.24 -8.24 6.59
C SER A 132 -12.79 -9.67 6.27
N HIS A 133 -12.58 -10.51 7.29
CA HIS A 133 -12.08 -11.85 7.12
C HIS A 133 -12.61 -12.77 8.25
N HIS A 134 -13.57 -12.28 9.04
CA HIS A 134 -14.08 -12.98 10.19
C HIS A 134 -15.54 -12.58 10.47
N SER A 135 -16.18 -13.29 11.39
CA SER A 135 -17.57 -13.04 11.77
C SER A 135 -17.82 -13.49 13.21
N MET A 35 6.88 7.11 9.44
CA MET A 35 5.49 7.21 9.91
C MET A 35 4.70 5.96 9.54
N SER A 36 3.55 5.77 10.19
CA SER A 36 2.69 4.61 9.99
C SER A 36 1.29 4.99 10.47
N TYR A 37 0.35 4.06 10.49
CA TYR A 37 -1.02 4.36 10.88
C TYR A 37 -1.62 3.25 11.73
N GLY A 38 -2.80 3.54 12.27
CA GLY A 38 -3.62 2.59 12.99
C GLY A 38 -5.07 3.05 12.98
N ARG A 39 -5.43 3.95 12.04
CA ARG A 39 -6.76 4.51 11.89
C ARG A 39 -6.94 4.89 10.42
N PRO A 40 -8.05 4.50 9.79
CA PRO A 40 -8.29 4.72 8.38
C PRO A 40 -8.67 6.17 8.08
N PRO A 41 -7.88 6.87 7.24
CA PRO A 41 -8.22 8.19 6.74
C PRO A 41 -9.17 8.07 5.54
N PRO A 42 -9.76 9.18 5.08
CA PRO A 42 -10.57 9.20 3.88
C PRO A 42 -9.67 9.03 2.65
N ASP A 43 -10.26 8.56 1.55
CA ASP A 43 -9.50 8.31 0.32
C ASP A 43 -10.38 8.39 -0.93
N VAL A 44 -11.61 8.88 -0.80
CA VAL A 44 -12.57 8.91 -1.89
C VAL A 44 -13.42 10.19 -1.89
N GLU A 45 -13.25 11.06 -0.89
CA GLU A 45 -14.03 12.29 -0.81
C GLU A 45 -13.60 13.31 -1.88
N GLY A 46 -12.50 13.02 -2.59
CA GLY A 46 -11.98 13.92 -3.62
C GLY A 46 -10.58 13.51 -4.06
N MET A 47 -10.26 12.21 -3.98
CA MET A 47 -8.92 11.70 -4.22
C MET A 47 -8.96 10.41 -5.02
N THR A 48 -7.80 9.79 -5.24
CA THR A 48 -7.66 8.51 -5.92
C THR A 48 -6.95 7.53 -4.99
N SER A 49 -6.60 6.34 -5.49
CA SER A 49 -5.98 5.32 -4.67
C SER A 49 -5.04 4.45 -5.50
N LEU A 50 -3.78 4.34 -5.05
CA LEU A 50 -2.79 3.48 -5.70
C LEU A 50 -2.21 2.52 -4.68
N LYS A 51 -2.51 1.22 -4.85
CA LYS A 51 -1.99 0.16 -4.00
C LYS A 51 -0.56 -0.19 -4.36
N VAL A 52 0.23 -0.48 -3.32
CA VAL A 52 1.58 -1.01 -3.46
C VAL A 52 1.69 -2.27 -2.60
N ASP A 53 2.28 -3.34 -3.16
CA ASP A 53 2.36 -4.65 -2.54
C ASP A 53 3.59 -5.45 -3.02
N ASN A 54 3.66 -6.72 -2.60
CA ASN A 54 4.75 -7.64 -2.88
C ASN A 54 6.08 -7.16 -2.28
N LEU A 55 6.35 -7.56 -1.04
CA LEU A 55 7.61 -7.21 -0.35
C LEU A 55 8.16 -8.38 0.45
N THR A 56 9.38 -8.24 0.98
CA THR A 56 10.00 -9.28 1.80
C THR A 56 9.26 -9.48 3.12
N TYR A 57 9.52 -10.61 3.78
CA TYR A 57 8.98 -10.90 5.10
C TYR A 57 9.64 -10.01 6.18
N ARG A 58 10.38 -8.98 5.76
CA ARG A 58 11.12 -8.11 6.67
C ARG A 58 10.82 -6.63 6.43
N THR A 59 10.24 -6.27 5.27
CA THR A 59 9.82 -4.90 5.04
C THR A 59 8.70 -4.52 6.00
N SER A 60 8.46 -3.23 6.20
CA SER A 60 7.48 -2.75 7.17
C SER A 60 6.74 -1.53 6.63
N PRO A 61 5.63 -1.11 7.25
CA PRO A 61 4.83 0.00 6.78
C PRO A 61 5.58 1.32 6.94
N ASP A 62 6.61 1.38 7.79
CA ASP A 62 7.42 2.59 7.92
C ASP A 62 8.41 2.66 6.77
N THR A 63 8.86 1.49 6.30
CA THR A 63 9.81 1.43 5.20
C THR A 63 9.13 1.94 3.95
N LEU A 64 7.96 1.38 3.62
CA LEU A 64 7.26 1.76 2.41
C LEU A 64 6.88 3.23 2.47
N ARG A 65 6.55 3.74 3.66
CA ARG A 65 6.14 5.13 3.79
C ARG A 65 7.25 6.02 3.28
N ARG A 66 8.51 5.71 3.61
CA ARG A 66 9.65 6.53 3.25
C ARG A 66 10.18 6.18 1.86
N VAL A 67 10.15 4.89 1.53
CA VAL A 67 10.57 4.37 0.22
C VAL A 67 9.73 4.97 -0.89
N PHE A 68 8.45 5.23 -0.62
CA PHE A 68 7.51 5.70 -1.62
C PHE A 68 7.18 7.18 -1.45
N GLU A 69 7.59 7.78 -0.33
CA GLU A 69 7.32 9.20 -0.09
C GLU A 69 8.16 10.08 -1.03
N LYS A 70 9.25 9.53 -1.59
CA LYS A 70 10.11 10.27 -2.50
C LYS A 70 9.42 10.49 -3.85
N TYR A 71 8.40 9.69 -4.14
CA TYR A 71 7.61 9.78 -5.36
C TYR A 71 6.48 10.80 -5.21
N GLY A 72 6.16 11.16 -3.97
CA GLY A 72 5.06 12.04 -3.65
C GLY A 72 4.37 11.53 -2.40
N ARG A 73 3.24 12.14 -2.06
CA ARG A 73 2.46 11.75 -0.89
C ARG A 73 1.88 10.36 -1.10
N VAL A 74 2.35 9.38 -0.32
CA VAL A 74 1.82 8.03 -0.37
C VAL A 74 0.36 8.00 0.10
N GLY A 75 -0.14 9.14 0.59
CA GLY A 75 -1.52 9.35 0.99
C GLY A 75 -1.92 8.58 2.26
N ASP A 76 -1.84 7.26 2.20
CA ASP A 76 -2.16 6.39 3.32
C ASP A 76 -1.36 5.09 3.20
N VAL A 77 -1.40 4.28 4.26
CA VAL A 77 -0.60 3.06 4.35
C VAL A 77 -1.41 2.00 5.08
N TYR A 78 -1.36 0.76 4.57
CA TYR A 78 -2.04 -0.36 5.21
C TYR A 78 -1.32 -1.67 4.90
N ILE A 79 -1.61 -2.71 5.69
CA ILE A 79 -1.10 -4.06 5.52
C ILE A 79 -2.21 -5.03 5.91
N PRO A 80 -2.92 -5.61 4.93
CA PRO A 80 -3.96 -6.64 5.08
C PRO A 80 -3.56 -7.91 5.84
N ARG A 81 -2.52 -7.86 6.66
CA ARG A 81 -2.13 -8.98 7.51
C ARG A 81 -3.38 -9.50 8.22
N ASP A 82 -3.69 -10.79 8.03
CA ASP A 82 -4.94 -11.37 8.52
C ASP A 82 -5.17 -11.04 9.99
N ARG A 83 -6.39 -10.58 10.28
CA ARG A 83 -6.79 -10.03 11.57
C ARG A 83 -6.79 -11.07 12.70
N TYR A 84 -6.55 -12.34 12.40
CA TYR A 84 -6.61 -13.39 13.41
C TYR A 84 -5.56 -14.49 13.20
N THR A 85 -4.89 -14.51 12.05
CA THR A 85 -3.91 -15.56 11.75
C THR A 85 -2.64 -14.98 11.15
N LYS A 86 -2.60 -13.66 10.92
CA LYS A 86 -1.49 -12.92 10.34
C LYS A 86 -0.87 -13.55 9.09
N GLU A 87 -1.59 -14.44 8.41
CA GLU A 87 -1.08 -15.17 7.25
C GLU A 87 -0.89 -14.29 6.00
N SER A 88 -0.89 -12.96 6.14
CA SER A 88 -0.81 -12.05 5.01
C SER A 88 0.20 -10.93 5.27
N ARG A 89 1.09 -11.12 6.24
CA ARG A 89 2.16 -10.17 6.57
C ARG A 89 3.15 -10.01 5.42
N GLY A 90 3.07 -10.88 4.41
CA GLY A 90 4.02 -10.95 3.32
C GLY A 90 3.84 -9.87 2.25
N PHE A 91 2.92 -8.93 2.44
CA PHE A 91 2.71 -7.84 1.48
C PHE A 91 2.11 -6.62 2.16
N ALA A 92 1.78 -5.59 1.38
CA ALA A 92 1.23 -4.33 1.89
C ALA A 92 0.23 -3.71 0.92
N PHE A 93 -0.26 -2.52 1.29
CA PHE A 93 -1.25 -1.75 0.55
C PHE A 93 -1.06 -0.26 0.86
N VAL A 94 0.01 0.38 0.37
CA VAL A 94 0.08 1.84 0.49
C VAL A 94 -0.99 2.40 -0.45
N ARG A 95 -1.38 3.68 -0.29
CA ARG A 95 -2.53 4.22 -1.01
C ARG A 95 -2.38 5.70 -1.34
N PHE A 96 -1.72 6.02 -2.46
CA PHE A 96 -1.54 7.41 -2.86
C PHE A 96 -2.89 8.04 -3.14
N HIS A 97 -3.02 9.36 -2.88
CA HIS A 97 -4.27 10.10 -3.04
C HIS A 97 -4.26 10.97 -4.29
N ASP A 98 -3.11 11.10 -4.94
CA ASP A 98 -2.98 11.99 -6.08
C ASP A 98 -2.40 11.23 -7.26
N LYS A 99 -3.04 11.40 -8.42
CA LYS A 99 -2.77 10.60 -9.58
C LYS A 99 -1.39 10.88 -10.18
N ARG A 100 -0.83 12.07 -9.98
CA ARG A 100 0.47 12.41 -10.55
C ARG A 100 1.57 11.65 -9.81
N ASP A 101 1.46 11.60 -8.47
CA ASP A 101 2.40 10.89 -7.63
C ASP A 101 2.19 9.39 -7.80
N ALA A 102 0.96 8.98 -8.12
CA ALA A 102 0.62 7.59 -8.30
C ALA A 102 1.11 7.04 -9.64
N GLU A 103 0.99 7.81 -10.73
CA GLU A 103 1.40 7.33 -12.03
C GLU A 103 2.92 7.18 -12.10
N ASP A 104 3.67 8.03 -11.39
CA ASP A 104 5.12 7.87 -11.34
C ASP A 104 5.50 6.67 -10.48
N ALA A 105 4.79 6.48 -9.37
CA ALA A 105 5.10 5.42 -8.43
C ALA A 105 5.00 4.05 -9.09
N MET A 106 4.06 3.86 -10.02
CA MET A 106 3.92 2.55 -10.65
C MET A 106 4.81 2.45 -11.87
N ASP A 107 5.12 3.58 -12.52
CA ASP A 107 5.98 3.59 -13.69
C ASP A 107 7.44 3.33 -13.31
N ALA A 108 7.75 3.33 -12.00
CA ALA A 108 9.10 3.10 -11.53
C ALA A 108 9.21 2.04 -10.44
N MET A 109 8.08 1.53 -9.95
CA MET A 109 8.09 0.44 -8.97
C MET A 109 7.36 -0.81 -9.46
N ASP A 110 6.42 -0.71 -10.40
CA ASP A 110 5.75 -1.91 -10.87
C ASP A 110 6.73 -2.81 -11.61
N GLY A 111 6.89 -4.05 -11.14
CA GLY A 111 7.79 -5.02 -11.73
C GLY A 111 9.26 -4.76 -11.36
N ALA A 112 9.50 -3.75 -10.52
CA ALA A 112 10.84 -3.39 -10.09
C ALA A 112 11.39 -4.39 -9.07
N VAL A 113 12.56 -4.08 -8.50
CA VAL A 113 13.25 -4.94 -7.56
C VAL A 113 13.82 -4.12 -6.41
N LEU A 114 13.87 -4.72 -5.22
CA LEU A 114 14.40 -4.12 -4.01
C LEU A 114 15.02 -5.23 -3.14
N ASP A 115 16.31 -5.14 -2.87
CA ASP A 115 17.06 -6.15 -2.12
C ASP A 115 17.09 -7.51 -2.83
N GLY A 116 16.29 -7.70 -3.88
CA GLY A 116 16.29 -8.94 -4.67
C GLY A 116 14.88 -9.47 -4.90
N ARG A 117 13.88 -8.81 -4.30
CA ARG A 117 12.47 -9.20 -4.37
C ARG A 117 11.86 -8.87 -5.74
N GLU A 118 10.53 -8.88 -5.77
CA GLU A 118 9.74 -8.36 -6.87
C GLU A 118 8.83 -7.29 -6.29
N LEU A 119 8.34 -6.37 -7.12
CA LEU A 119 7.52 -5.27 -6.63
C LEU A 119 6.28 -5.13 -7.50
N ARG A 120 5.19 -4.64 -6.89
CA ARG A 120 3.91 -4.49 -7.55
C ARG A 120 3.22 -3.22 -7.07
N VAL A 121 2.68 -2.47 -8.03
CA VAL A 121 2.03 -1.20 -7.78
C VAL A 121 0.96 -0.97 -8.85
N GLN A 122 -0.29 -0.74 -8.45
CA GLN A 122 -1.37 -0.50 -9.38
C GLN A 122 -2.56 0.14 -8.65
N MET A 123 -3.51 0.70 -9.41
CA MET A 123 -4.67 1.36 -8.84
C MET A 123 -5.51 0.36 -8.04
N ALA A 124 -6.13 0.82 -6.95
CA ALA A 124 -6.93 -0.05 -6.09
C ALA A 124 -8.30 -0.33 -6.70
N ARG A 125 -9.08 -1.19 -6.02
CA ARG A 125 -10.43 -1.56 -6.46
C ARG A 125 -11.34 -1.80 -5.26
N TYR A 126 -12.57 -2.23 -5.53
CA TYR A 126 -13.60 -2.52 -4.54
C TYR A 126 -13.89 -1.33 -3.62
N GLY A 127 -14.66 -1.57 -2.55
CA GLY A 127 -15.07 -0.58 -1.59
C GLY A 127 -14.85 -1.09 -0.17
N ARG A 128 -13.69 -1.72 0.04
CA ARG A 128 -13.26 -2.40 1.26
C ARG A 128 -14.10 -3.65 1.55
N PRO A 129 -13.49 -4.63 2.24
CA PRO A 129 -14.09 -5.89 2.62
C PRO A 129 -15.46 -5.72 3.28
N PRO A 130 -16.52 -6.30 2.70
CA PRO A 130 -17.88 -6.19 3.21
C PRO A 130 -18.19 -7.20 4.31
N ASP A 131 -17.39 -8.26 4.46
CA ASP A 131 -17.71 -9.33 5.39
C ASP A 131 -16.50 -10.11 5.90
N SER A 132 -15.30 -9.58 5.73
CA SER A 132 -14.08 -10.26 6.15
C SER A 132 -13.82 -10.10 7.65
N HIS A 133 -14.66 -9.33 8.36
CA HIS A 133 -14.43 -9.07 9.77
C HIS A 133 -15.73 -8.73 10.53
N HIS A 134 -16.88 -8.85 9.86
CA HIS A 134 -18.17 -8.50 10.46
C HIS A 134 -18.59 -9.47 11.57
N SER A 135 -17.84 -10.57 11.74
CA SER A 135 -18.13 -11.58 12.74
C SER A 135 -16.85 -12.29 13.16
N MET A 35 6.31 6.28 14.57
CA MET A 35 4.89 6.66 14.44
C MET A 35 3.99 5.53 14.95
N SER A 36 2.68 5.67 14.76
CA SER A 36 1.70 4.70 15.23
C SER A 36 0.54 4.54 14.23
N TYR A 37 0.68 5.12 13.04
CA TYR A 37 -0.32 5.10 11.99
C TYR A 37 -1.69 5.61 12.46
N GLY A 38 -2.69 5.50 11.57
CA GLY A 38 -4.04 5.95 11.88
C GLY A 38 -5.02 5.53 10.80
N ARG A 39 -6.31 5.69 11.07
CA ARG A 39 -7.38 5.35 10.15
C ARG A 39 -7.20 6.07 8.81
N PRO A 40 -7.70 5.48 7.73
CA PRO A 40 -7.64 6.01 6.38
C PRO A 40 -8.55 7.24 6.25
N PRO A 41 -8.31 8.09 5.24
CA PRO A 41 -9.12 9.25 4.95
C PRO A 41 -10.61 8.90 4.84
N PRO A 42 -11.49 9.86 5.12
CA PRO A 42 -12.94 9.70 5.05
C PRO A 42 -13.46 9.80 3.61
N ASP A 43 -12.57 9.81 2.61
CA ASP A 43 -12.96 10.04 1.23
C ASP A 43 -12.19 9.12 0.28
N VAL A 44 -11.71 7.97 0.77
CA VAL A 44 -11.03 6.96 -0.04
C VAL A 44 -11.98 6.32 -1.06
N GLU A 45 -13.16 6.91 -1.26
CA GLU A 45 -14.17 6.40 -2.17
C GLU A 45 -14.56 7.49 -3.17
N GLY A 46 -13.78 8.58 -3.19
CA GLY A 46 -14.00 9.72 -4.05
C GLY A 46 -12.68 10.33 -4.53
N MET A 47 -11.58 9.58 -4.42
CA MET A 47 -10.26 10.02 -4.84
C MET A 47 -9.51 8.88 -5.52
N THR A 48 -8.34 9.17 -6.09
CA THR A 48 -7.47 8.17 -6.69
C THR A 48 -7.01 7.19 -5.60
N SER A 49 -6.58 6.00 -6.01
CA SER A 49 -6.05 4.99 -5.10
C SER A 49 -5.03 4.13 -5.84
N LEU A 50 -3.82 4.02 -5.29
CA LEU A 50 -2.76 3.22 -5.90
C LEU A 50 -2.17 2.26 -4.89
N LYS A 51 -2.63 1.00 -4.93
CA LYS A 51 -2.13 -0.07 -4.06
C LYS A 51 -0.68 -0.41 -4.39
N VAL A 52 0.05 -0.84 -3.35
CA VAL A 52 1.42 -1.31 -3.46
C VAL A 52 1.54 -2.60 -2.68
N ASP A 53 2.14 -3.63 -3.29
CA ASP A 53 2.23 -4.98 -2.74
C ASP A 53 3.46 -5.70 -3.29
N ASN A 54 3.52 -7.02 -3.03
CA ASN A 54 4.69 -7.87 -3.27
C ASN A 54 5.94 -7.33 -2.61
N LEU A 55 6.25 -7.86 -1.43
CA LEU A 55 7.46 -7.52 -0.68
C LEU A 55 8.01 -8.73 0.08
N THR A 56 9.16 -8.59 0.73
CA THR A 56 9.83 -9.71 1.39
C THR A 56 9.26 -9.96 2.78
N TYR A 57 9.63 -11.09 3.37
CA TYR A 57 9.25 -11.45 4.73
C TYR A 57 9.99 -10.57 5.76
N ARG A 58 10.70 -9.55 5.30
CA ARG A 58 11.47 -8.65 6.15
C ARG A 58 11.12 -7.18 5.88
N THR A 59 10.35 -6.88 4.83
CA THR A 59 9.91 -5.52 4.56
C THR A 59 8.93 -5.09 5.65
N SER A 60 8.70 -3.78 5.80
CA SER A 60 7.86 -3.24 6.85
C SER A 60 7.05 -2.06 6.33
N PRO A 61 5.96 -1.67 7.00
CA PRO A 61 5.16 -0.54 6.58
C PRO A 61 5.91 0.78 6.78
N ASP A 62 6.92 0.79 7.65
CA ASP A 62 7.69 2.01 7.89
C ASP A 62 8.60 2.30 6.71
N THR A 63 9.15 1.26 6.07
CA THR A 63 9.96 1.49 4.88
C THR A 63 9.04 2.01 3.81
N LEU A 64 7.94 1.31 3.54
CA LEU A 64 7.08 1.67 2.43
C LEU A 64 6.57 3.10 2.58
N ARG A 65 6.42 3.58 3.81
CA ARG A 65 6.04 4.97 4.04
C ARG A 65 7.12 5.91 3.49
N ARG A 66 8.39 5.64 3.78
CA ARG A 66 9.46 6.58 3.40
C ARG A 66 9.96 6.34 1.99
N VAL A 67 10.16 5.08 1.61
CA VAL A 67 10.67 4.69 0.30
C VAL A 67 9.71 5.10 -0.81
N PHE A 68 8.41 5.25 -0.52
CA PHE A 68 7.45 5.73 -1.50
C PHE A 68 7.07 7.20 -1.29
N GLU A 69 7.35 7.79 -0.13
CA GLU A 69 7.02 9.19 0.12
C GLU A 69 7.80 10.11 -0.82
N LYS A 70 8.95 9.66 -1.31
CA LYS A 70 9.79 10.47 -2.19
C LYS A 70 9.14 10.68 -3.56
N TYR A 71 8.17 9.82 -3.89
CA TYR A 71 7.43 9.92 -5.14
C TYR A 71 6.32 10.96 -5.06
N GLY A 72 6.04 11.46 -3.85
CA GLY A 72 5.06 12.53 -3.65
C GLY A 72 4.52 12.50 -2.24
N ARG A 73 3.54 11.62 -2.02
CA ARG A 73 2.97 11.34 -0.70
C ARG A 73 2.29 9.99 -0.79
N VAL A 74 2.67 9.05 0.08
CA VAL A 74 2.08 7.72 0.07
C VAL A 74 0.56 7.78 0.26
N GLY A 75 0.05 8.88 0.82
CA GLY A 75 -1.36 9.13 1.03
C GLY A 75 -1.94 8.27 2.15
N ASP A 76 -1.68 6.96 2.11
CA ASP A 76 -2.10 6.01 3.12
C ASP A 76 -1.14 4.82 3.05
N VAL A 77 -1.06 4.04 4.14
CA VAL A 77 -0.12 2.93 4.25
C VAL A 77 -0.74 1.85 5.13
N TYR A 78 -0.98 0.68 4.55
CA TYR A 78 -1.57 -0.43 5.31
C TYR A 78 -1.00 -1.79 4.88
N ILE A 79 -1.15 -2.76 5.79
CA ILE A 79 -0.80 -4.16 5.58
C ILE A 79 -1.85 -4.98 6.33
N PRO A 80 -2.91 -5.42 5.64
CA PRO A 80 -4.06 -6.09 6.22
C PRO A 80 -3.80 -7.57 6.49
N ARG A 81 -2.53 -7.97 6.53
CA ARG A 81 -2.08 -9.36 6.69
C ARG A 81 -3.03 -10.22 7.53
N ASP A 82 -3.17 -9.92 8.82
CA ASP A 82 -4.21 -10.53 9.66
C ASP A 82 -4.39 -9.64 10.89
N ARG A 83 -5.64 -9.25 11.20
CA ARG A 83 -5.93 -8.30 12.26
C ARG A 83 -5.79 -8.90 13.67
N TYR A 84 -5.24 -10.11 13.80
CA TYR A 84 -5.11 -10.75 15.10
C TYR A 84 -3.77 -11.46 15.28
N THR A 85 -3.10 -11.83 14.18
CA THR A 85 -1.88 -12.62 14.24
C THR A 85 -0.78 -12.05 13.35
N LYS A 86 -1.14 -11.12 12.46
CA LYS A 86 -0.23 -10.43 11.56
C LYS A 86 0.81 -11.33 10.89
N GLU A 87 0.43 -12.55 10.47
CA GLU A 87 1.38 -13.53 9.95
C GLU A 87 1.59 -13.40 8.44
N SER A 88 0.61 -12.83 7.73
CA SER A 88 0.62 -12.73 6.28
C SER A 88 1.45 -11.54 5.79
N ARG A 89 2.61 -11.30 6.42
CA ARG A 89 3.52 -10.21 6.12
C ARG A 89 4.04 -10.22 4.68
N GLY A 90 3.62 -11.19 3.86
CA GLY A 90 4.11 -11.35 2.50
C GLY A 90 3.67 -10.25 1.52
N PHE A 91 2.87 -9.26 1.96
CA PHE A 91 2.39 -8.21 1.07
C PHE A 91 2.05 -6.93 1.83
N ALA A 92 1.53 -5.95 1.08
CA ALA A 92 1.14 -4.65 1.62
C ALA A 92 0.02 -4.03 0.79
N PHE A 93 -0.39 -2.82 1.20
CA PHE A 93 -1.42 -2.02 0.56
C PHE A 93 -1.16 -0.54 0.84
N VAL A 94 -0.03 -0.01 0.36
CA VAL A 94 0.15 1.45 0.42
C VAL A 94 -0.84 2.03 -0.58
N ARG A 95 -1.35 3.25 -0.38
CA ARG A 95 -2.40 3.78 -1.26
C ARG A 95 -2.27 5.29 -1.44
N PHE A 96 -1.77 5.69 -2.61
CA PHE A 96 -1.67 7.11 -2.96
C PHE A 96 -3.06 7.65 -3.27
N HIS A 97 -3.22 8.99 -3.28
CA HIS A 97 -4.51 9.63 -3.50
C HIS A 97 -4.47 10.69 -4.59
N ASP A 98 -3.34 10.82 -5.31
CA ASP A 98 -3.22 11.77 -6.42
C ASP A 98 -2.60 11.05 -7.61
N LYS A 99 -3.22 11.22 -8.78
CA LYS A 99 -2.86 10.48 -9.97
C LYS A 99 -1.46 10.80 -10.47
N ARG A 100 -0.96 12.02 -10.26
CA ARG A 100 0.33 12.39 -10.82
C ARG A 100 1.45 11.67 -10.08
N ASP A 101 1.35 11.62 -8.76
CA ASP A 101 2.36 10.96 -7.94
C ASP A 101 2.16 9.45 -8.00
N ALA A 102 0.94 9.01 -8.30
CA ALA A 102 0.63 7.60 -8.41
C ALA A 102 1.10 7.01 -9.74
N GLU A 103 0.95 7.77 -10.83
CA GLU A 103 1.40 7.27 -12.14
C GLU A 103 2.92 7.16 -12.17
N ASP A 104 3.63 8.04 -11.47
CA ASP A 104 5.08 7.92 -11.39
C ASP A 104 5.47 6.76 -10.48
N ALA A 105 4.74 6.58 -9.37
CA ALA A 105 5.07 5.56 -8.39
C ALA A 105 5.01 4.16 -9.01
N MET A 106 4.09 3.93 -9.96
CA MET A 106 4.01 2.63 -10.57
C MET A 106 4.95 2.52 -11.78
N ASP A 107 5.22 3.64 -12.44
CA ASP A 107 6.11 3.67 -13.59
C ASP A 107 7.57 3.43 -13.17
N ALA A 108 7.84 3.45 -11.86
CA ALA A 108 9.20 3.24 -11.35
C ALA A 108 9.28 2.18 -10.26
N MET A 109 8.15 1.66 -9.77
CA MET A 109 8.17 0.58 -8.78
C MET A 109 7.46 -0.68 -9.27
N ASP A 110 6.52 -0.60 -10.23
CA ASP A 110 5.87 -1.80 -10.70
C ASP A 110 6.87 -2.67 -11.45
N GLY A 111 6.99 -3.93 -11.04
CA GLY A 111 7.89 -4.90 -11.65
C GLY A 111 9.35 -4.70 -11.23
N ALA A 112 9.62 -3.73 -10.34
CA ALA A 112 10.95 -3.46 -9.83
C ALA A 112 11.42 -4.55 -8.86
N VAL A 113 12.58 -4.33 -8.24
CA VAL A 113 13.20 -5.29 -7.33
C VAL A 113 13.67 -4.57 -6.07
N LEU A 114 13.58 -5.24 -4.93
CA LEU A 114 14.02 -4.70 -3.65
C LEU A 114 15.28 -5.40 -3.16
N ASP A 115 15.21 -6.72 -3.00
CA ASP A 115 16.34 -7.50 -2.52
C ASP A 115 16.61 -8.74 -3.40
N GLY A 116 15.74 -8.99 -4.38
CA GLY A 116 15.93 -10.10 -5.32
C GLY A 116 14.60 -10.62 -5.85
N ARG A 117 13.48 -10.26 -5.20
CA ARG A 117 12.14 -10.64 -5.65
C ARG A 117 11.58 -9.56 -6.56
N GLU A 118 10.27 -9.52 -6.69
CA GLU A 118 9.58 -8.55 -7.53
C GLU A 118 8.77 -7.61 -6.65
N LEU A 119 8.29 -6.51 -7.23
CA LEU A 119 7.50 -5.51 -6.54
C LEU A 119 6.28 -5.20 -7.42
N ARG A 120 5.19 -4.72 -6.81
CA ARG A 120 3.95 -4.48 -7.52
C ARG A 120 3.28 -3.20 -7.04
N VAL A 121 2.74 -2.46 -8.00
CA VAL A 121 2.05 -1.19 -7.76
C VAL A 121 1.02 -0.99 -8.86
N GLN A 122 -0.25 -0.78 -8.50
CA GLN A 122 -1.30 -0.55 -9.47
C GLN A 122 -2.53 0.08 -8.81
N MET A 123 -3.45 0.60 -9.62
CA MET A 123 -4.65 1.25 -9.10
C MET A 123 -5.52 0.25 -8.35
N ALA A 124 -6.23 0.73 -7.32
CA ALA A 124 -7.12 -0.12 -6.53
C ALA A 124 -8.41 -0.42 -7.29
N ARG A 125 -9.29 -1.25 -6.72
CA ARG A 125 -10.57 -1.58 -7.33
C ARG A 125 -11.74 -1.47 -6.35
N TYR A 126 -11.43 -1.25 -5.08
CA TYR A 126 -12.42 -1.07 -4.03
C TYR A 126 -12.04 0.13 -3.16
N GLY A 127 -12.92 0.49 -2.22
CA GLY A 127 -12.63 1.55 -1.26
C GLY A 127 -12.18 0.95 0.06
N ARG A 128 -12.89 -0.09 0.52
CA ARG A 128 -12.52 -0.92 1.66
C ARG A 128 -13.54 -2.06 1.76
N PRO A 129 -13.15 -3.21 2.33
CA PRO A 129 -13.98 -4.37 2.52
C PRO A 129 -15.20 -4.07 3.41
N PRO A 130 -16.33 -4.75 3.18
CA PRO A 130 -17.57 -4.57 3.92
C PRO A 130 -17.53 -5.25 5.30
N ASP A 131 -16.50 -6.06 5.55
CA ASP A 131 -16.38 -6.81 6.79
C ASP A 131 -14.91 -7.12 7.06
N SER A 132 -14.56 -7.39 8.33
CA SER A 132 -13.18 -7.67 8.71
C SER A 132 -12.81 -9.13 8.46
N HIS A 133 -13.36 -9.73 7.39
CA HIS A 133 -13.05 -11.11 7.03
C HIS A 133 -13.35 -12.09 8.17
N HIS A 134 -14.37 -11.80 8.98
CA HIS A 134 -14.80 -12.69 10.05
C HIS A 134 -15.32 -14.02 9.50
N SER A 135 -15.50 -14.12 8.18
CA SER A 135 -15.96 -15.34 7.52
C SER A 135 -15.46 -15.38 6.07
N MET A 35 6.28 2.70 16.29
CA MET A 35 5.56 3.35 15.19
C MET A 35 4.05 3.12 15.34
N SER A 36 3.26 3.83 14.53
CA SER A 36 1.80 3.72 14.56
C SER A 36 1.23 4.14 13.21
N TYR A 37 -0.06 3.86 13.00
CA TYR A 37 -0.75 4.15 11.76
C TYR A 37 -2.16 4.67 12.03
N GLY A 38 -2.86 5.06 10.96
CA GLY A 38 -4.19 5.63 11.08
C GLY A 38 -4.97 5.54 9.78
N ARG A 39 -6.23 5.96 9.83
CA ARG A 39 -7.15 5.94 8.70
C ARG A 39 -6.61 6.72 7.51
N PRO A 40 -7.07 6.34 6.30
CA PRO A 40 -6.84 7.07 5.07
C PRO A 40 -7.24 8.55 5.20
N PRO A 41 -6.69 9.43 4.34
CA PRO A 41 -7.04 10.84 4.27
C PRO A 41 -8.55 11.04 4.12
N PRO A 42 -9.04 12.25 4.44
CA PRO A 42 -10.44 12.60 4.27
C PRO A 42 -10.75 12.77 2.78
N ASP A 43 -12.05 12.84 2.44
CA ASP A 43 -12.54 13.01 1.09
C ASP A 43 -12.00 11.95 0.13
N VAL A 44 -11.54 10.81 0.67
CA VAL A 44 -11.00 9.73 -0.14
C VAL A 44 -12.04 9.19 -1.12
N GLU A 45 -13.33 9.46 -0.85
CA GLU A 45 -14.43 9.06 -1.71
C GLU A 45 -14.48 9.90 -2.98
N GLY A 46 -13.53 10.82 -3.14
CA GLY A 46 -13.45 11.73 -4.26
C GLY A 46 -12.03 11.85 -4.80
N MET A 47 -11.18 10.85 -4.53
CA MET A 47 -9.80 10.83 -5.00
C MET A 47 -9.43 9.43 -5.48
N THR A 48 -8.31 9.34 -6.22
CA THR A 48 -7.79 8.07 -6.70
C THR A 48 -7.14 7.27 -5.58
N SER A 49 -6.71 6.05 -5.87
CA SER A 49 -6.07 5.15 -4.92
C SER A 49 -5.07 4.27 -5.66
N LEU A 50 -3.84 4.16 -5.13
CA LEU A 50 -2.80 3.35 -5.75
C LEU A 50 -2.17 2.41 -4.74
N LYS A 51 -2.64 1.17 -4.71
CA LYS A 51 -2.12 0.10 -3.86
C LYS A 51 -0.70 -0.30 -4.27
N VAL A 52 0.09 -0.75 -3.30
CA VAL A 52 1.44 -1.28 -3.51
C VAL A 52 1.60 -2.56 -2.70
N ASP A 53 2.23 -3.58 -3.29
CA ASP A 53 2.34 -4.91 -2.72
C ASP A 53 3.57 -5.69 -3.23
N ASN A 54 3.70 -6.93 -2.74
CA ASN A 54 4.72 -7.91 -3.15
C ASN A 54 6.09 -7.72 -2.50
N LEU A 55 6.20 -6.90 -1.44
CA LEU A 55 7.45 -6.68 -0.72
C LEU A 55 8.03 -7.98 -0.15
N THR A 56 9.22 -7.90 0.47
CA THR A 56 9.88 -9.04 1.04
C THR A 56 9.35 -9.37 2.44
N TYR A 57 9.78 -10.50 2.99
CA TYR A 57 9.46 -10.92 4.34
C TYR A 57 10.36 -10.19 5.36
N ARG A 58 11.12 -9.18 4.91
CA ARG A 58 12.07 -8.45 5.74
C ARG A 58 11.83 -6.96 5.70
N THR A 59 11.08 -6.47 4.72
CA THR A 59 10.68 -5.06 4.65
C THR A 59 9.53 -4.83 5.63
N SER A 60 9.25 -3.56 5.95
CA SER A 60 8.23 -3.20 6.91
C SER A 60 7.40 -2.03 6.39
N PRO A 61 6.19 -1.82 6.92
CA PRO A 61 5.32 -0.74 6.49
C PRO A 61 5.91 0.64 6.82
N ASP A 62 6.89 0.71 7.72
CA ASP A 62 7.57 1.97 8.00
C ASP A 62 8.59 2.25 6.90
N THR A 63 9.16 1.18 6.36
CA THR A 63 10.12 1.31 5.28
C THR A 63 9.38 1.80 4.05
N LEU A 64 8.25 1.17 3.73
CA LEU A 64 7.48 1.54 2.55
C LEU A 64 6.96 2.97 2.70
N ARG A 65 6.70 3.40 3.93
CA ARG A 65 6.18 4.75 4.18
C ARG A 65 7.20 5.77 3.72
N ARG A 66 8.49 5.54 3.98
CA ARG A 66 9.55 6.48 3.61
C ARG A 66 9.98 6.25 2.17
N VAL A 67 10.06 4.98 1.76
CA VAL A 67 10.45 4.58 0.42
C VAL A 67 9.48 5.15 -0.62
N PHE A 68 8.20 5.27 -0.29
CA PHE A 68 7.19 5.73 -1.25
C PHE A 68 6.82 7.19 -1.02
N GLU A 69 7.26 7.77 0.09
CA GLU A 69 7.02 9.18 0.38
C GLU A 69 7.67 10.08 -0.67
N LYS A 70 8.79 9.64 -1.26
CA LYS A 70 9.55 10.45 -2.20
C LYS A 70 8.84 10.59 -3.54
N TYR A 71 7.91 9.68 -3.82
CA TYR A 71 7.15 9.71 -5.06
C TYR A 71 6.05 10.76 -5.00
N GLY A 72 5.75 11.28 -3.81
CA GLY A 72 4.87 12.44 -3.72
C GLY A 72 3.96 12.44 -2.48
N ARG A 73 3.07 11.44 -2.38
CA ARG A 73 2.11 11.40 -1.28
C ARG A 73 1.68 9.97 -0.95
N VAL A 74 2.37 9.37 0.01
CA VAL A 74 1.98 8.11 0.62
C VAL A 74 0.86 8.44 1.60
N GLY A 75 -0.25 8.96 1.06
CA GLY A 75 -1.39 9.45 1.82
C GLY A 75 -1.76 8.53 2.98
N ASP A 76 -1.56 7.22 2.81
CA ASP A 76 -1.69 6.25 3.89
C ASP A 76 -1.02 4.94 3.51
N VAL A 77 -0.90 4.04 4.49
CA VAL A 77 -0.22 2.78 4.32
C VAL A 77 -0.85 1.73 5.22
N TYR A 78 -1.02 0.51 4.70
CA TYR A 78 -1.62 -0.57 5.46
C TYR A 78 -1.02 -1.92 5.06
N ILE A 79 -1.29 -2.94 5.87
CA ILE A 79 -0.88 -4.32 5.62
C ILE A 79 -2.03 -5.23 6.06
N PRO A 80 -2.81 -5.74 5.09
CA PRO A 80 -3.90 -6.69 5.26
C PRO A 80 -3.57 -7.99 5.99
N ARG A 81 -2.45 -8.05 6.70
CA ARG A 81 -2.04 -9.21 7.48
C ARG A 81 -3.22 -9.67 8.33
N ASP A 82 -3.52 -10.97 8.30
CA ASP A 82 -4.70 -11.51 8.97
C ASP A 82 -4.73 -11.08 10.43
N ARG A 83 -5.88 -10.54 10.84
CA ARG A 83 -6.07 -9.90 12.13
C ARG A 83 -6.21 -10.90 13.27
N TYR A 84 -6.02 -12.20 13.01
CA TYR A 84 -6.13 -13.23 14.04
C TYR A 84 -5.07 -14.32 13.90
N THR A 85 -4.42 -14.43 12.74
CA THR A 85 -3.48 -15.50 12.48
C THR A 85 -2.22 -14.99 11.79
N LYS A 86 -2.19 -13.70 11.43
CA LYS A 86 -1.08 -13.03 10.77
C LYS A 86 -0.51 -13.79 9.58
N GLU A 87 -1.30 -14.66 8.95
CA GLU A 87 -0.84 -15.50 7.85
C GLU A 87 -0.75 -14.78 6.51
N SER A 88 -0.81 -13.44 6.50
CA SER A 88 -0.85 -12.66 5.26
C SER A 88 0.15 -11.51 5.29
N ARG A 89 1.21 -11.67 6.12
CA ARG A 89 2.28 -10.70 6.28
C ARG A 89 3.18 -10.60 5.05
N GLY A 90 2.86 -11.34 3.99
CA GLY A 90 3.69 -11.45 2.79
C GLY A 90 3.54 -10.29 1.82
N PHE A 91 2.67 -9.32 2.10
CA PHE A 91 2.46 -8.19 1.20
C PHE A 91 1.92 -6.98 1.96
N ALA A 92 1.61 -5.89 1.23
CA ALA A 92 1.14 -4.65 1.82
C ALA A 92 0.10 -3.96 0.94
N PHE A 93 -0.33 -2.77 1.37
CA PHE A 93 -1.35 -1.96 0.73
C PHE A 93 -1.01 -0.48 0.94
N VAL A 94 0.17 -0.04 0.48
CA VAL A 94 0.50 1.39 0.53
C VAL A 94 -0.43 2.10 -0.45
N ARG A 95 -0.75 3.39 -0.23
CA ARG A 95 -1.67 4.07 -1.14
C ARG A 95 -1.33 5.54 -1.37
N PHE A 96 -1.52 5.95 -2.62
CA PHE A 96 -1.46 7.35 -3.04
C PHE A 96 -2.86 7.86 -3.38
N HIS A 97 -3.02 9.18 -3.49
CA HIS A 97 -4.31 9.83 -3.68
C HIS A 97 -4.28 10.90 -4.76
N ASP A 98 -3.21 10.96 -5.57
CA ASP A 98 -3.15 11.89 -6.68
C ASP A 98 -2.54 11.20 -7.90
N LYS A 99 -3.14 11.41 -9.06
CA LYS A 99 -2.79 10.71 -10.28
C LYS A 99 -1.35 10.95 -10.70
N ARG A 100 -0.81 12.16 -10.51
CA ARG A 100 0.52 12.47 -11.02
C ARG A 100 1.58 11.71 -10.22
N ASP A 101 1.41 11.64 -8.90
CA ASP A 101 2.34 10.95 -8.03
C ASP A 101 2.11 9.45 -8.12
N ALA A 102 0.87 9.05 -8.43
CA ALA A 102 0.54 7.64 -8.52
C ALA A 102 1.02 7.03 -9.84
N GLU A 103 0.97 7.78 -10.94
CA GLU A 103 1.43 7.28 -12.22
C GLU A 103 2.95 7.14 -12.22
N ASP A 104 3.66 8.02 -11.51
CA ASP A 104 5.11 7.87 -11.41
C ASP A 104 5.46 6.70 -10.49
N ALA A 105 4.70 6.54 -9.40
CA ALA A 105 4.97 5.49 -8.43
C ALA A 105 4.89 4.10 -9.05
N MET A 106 4.03 3.90 -10.05
CA MET A 106 3.95 2.59 -10.69
C MET A 106 4.90 2.52 -11.89
N ASP A 107 5.21 3.66 -12.52
CA ASP A 107 6.14 3.71 -13.63
C ASP A 107 7.59 3.50 -13.13
N ALA A 108 7.78 3.46 -11.82
CA ALA A 108 9.10 3.32 -11.23
C ALA A 108 9.19 2.25 -10.13
N MET A 109 8.06 1.68 -9.69
CA MET A 109 8.08 0.58 -8.73
C MET A 109 7.43 -0.69 -9.28
N ASP A 110 6.54 -0.61 -10.28
CA ASP A 110 5.97 -1.84 -10.81
C ASP A 110 7.06 -2.66 -11.49
N GLY A 111 7.18 -3.92 -11.08
CA GLY A 111 8.14 -4.85 -11.65
C GLY A 111 9.56 -4.62 -11.10
N ALA A 112 9.71 -3.68 -10.17
CA ALA A 112 11.00 -3.38 -9.56
C ALA A 112 11.45 -4.53 -8.64
N VAL A 113 12.57 -4.33 -7.93
CA VAL A 113 13.15 -5.34 -7.05
C VAL A 113 13.58 -4.68 -5.75
N LEU A 114 13.48 -5.41 -4.65
CA LEU A 114 13.84 -4.91 -3.32
C LEU A 114 15.13 -5.59 -2.86
N ASP A 115 15.16 -6.92 -2.88
CA ASP A 115 16.33 -7.69 -2.47
C ASP A 115 16.57 -8.90 -3.38
N GLY A 116 15.67 -9.14 -4.34
CA GLY A 116 15.84 -10.24 -5.29
C GLY A 116 14.50 -10.73 -5.85
N ARG A 117 13.39 -10.37 -5.20
CA ARG A 117 12.05 -10.71 -5.68
C ARG A 117 11.51 -9.58 -6.53
N GLU A 118 10.19 -9.55 -6.71
CA GLU A 118 9.52 -8.56 -7.54
C GLU A 118 8.72 -7.63 -6.65
N LEU A 119 8.25 -6.53 -7.23
CA LEU A 119 7.44 -5.55 -6.53
C LEU A 119 6.26 -5.17 -7.41
N ARG A 120 5.16 -4.70 -6.81
CA ARG A 120 3.92 -4.43 -7.52
C ARG A 120 3.26 -3.18 -7.00
N VAL A 121 2.55 -2.49 -7.89
CA VAL A 121 1.83 -1.27 -7.58
C VAL A 121 0.85 -0.99 -8.72
N GLN A 122 -0.40 -0.71 -8.37
CA GLN A 122 -1.46 -0.44 -9.35
C GLN A 122 -2.66 0.17 -8.63
N MET A 123 -3.63 0.67 -9.40
CA MET A 123 -4.80 1.32 -8.84
C MET A 123 -5.63 0.34 -8.02
N ALA A 124 -6.35 0.84 -7.01
CA ALA A 124 -7.17 0.02 -6.13
C ALA A 124 -8.42 -0.51 -6.87
N ARG A 125 -9.20 -1.36 -6.19
CA ARG A 125 -10.41 -1.95 -6.74
C ARG A 125 -11.62 -1.70 -5.84
N TYR A 126 -11.43 -1.17 -4.63
CA TYR A 126 -12.51 -0.97 -3.68
C TYR A 126 -12.25 0.22 -2.79
N GLY A 127 -13.21 0.53 -1.91
CA GLY A 127 -13.12 1.60 -0.93
C GLY A 127 -13.08 1.04 0.48
N ARG A 128 -12.69 -0.25 0.58
CA ARG A 128 -12.48 -1.10 1.74
C ARG A 128 -13.46 -2.29 1.67
N PRO A 129 -13.04 -3.45 2.17
CA PRO A 129 -13.83 -4.65 2.22
C PRO A 129 -15.11 -4.44 3.04
N PRO A 130 -16.23 -5.04 2.63
CA PRO A 130 -17.52 -4.92 3.29
C PRO A 130 -17.48 -5.25 4.79
N ASP A 131 -16.54 -6.10 5.20
CA ASP A 131 -16.32 -6.47 6.59
C ASP A 131 -14.88 -6.92 6.73
N SER A 132 -14.40 -7.12 7.96
CA SER A 132 -12.99 -7.40 8.21
C SER A 132 -12.44 -8.51 7.32
N HIS A 133 -13.14 -9.65 7.24
CA HIS A 133 -12.71 -10.78 6.44
C HIS A 133 -13.81 -11.83 6.35
N HIS A 134 -15.07 -11.40 6.44
CA HIS A 134 -16.21 -12.31 6.57
C HIS A 134 -17.34 -11.99 5.62
N SER A 135 -17.15 -11.00 4.73
CA SER A 135 -18.13 -10.58 3.75
C SER A 135 -17.45 -10.11 2.47
N MET A 35 4.70 2.46 14.07
CA MET A 35 4.04 2.73 12.78
C MET A 35 3.63 4.19 12.69
N SER A 36 2.88 4.56 11.64
CA SER A 36 2.42 5.92 11.43
C SER A 36 1.03 5.93 10.80
N TYR A 37 0.33 4.79 10.82
CA TYR A 37 -0.97 4.65 10.18
C TYR A 37 -2.03 5.53 10.85
N GLY A 38 -3.19 5.59 10.21
CA GLY A 38 -4.35 6.33 10.70
C GLY A 38 -5.56 6.00 9.84
N ARG A 39 -6.76 6.34 10.32
CA ARG A 39 -7.99 6.07 9.59
C ARG A 39 -7.96 6.72 8.21
N PRO A 40 -8.61 6.09 7.23
CA PRO A 40 -8.78 6.63 5.89
C PRO A 40 -9.72 7.83 5.95
N PRO A 41 -9.65 8.74 4.96
CA PRO A 41 -10.47 9.93 4.93
C PRO A 41 -11.93 9.57 4.59
N PRO A 42 -12.89 10.41 5.03
CA PRO A 42 -14.31 10.20 4.83
C PRO A 42 -14.75 10.49 3.39
N ASP A 43 -13.79 10.63 2.47
CA ASP A 43 -14.07 10.96 1.09
C ASP A 43 -13.18 10.16 0.14
N VAL A 44 -12.58 9.07 0.64
CA VAL A 44 -11.72 8.20 -0.16
C VAL A 44 -12.47 7.64 -1.38
N GLU A 45 -13.80 7.63 -1.32
CA GLU A 45 -14.65 7.15 -2.40
C GLU A 45 -14.69 8.16 -3.55
N GLY A 46 -13.94 9.26 -3.43
CA GLY A 46 -13.89 10.35 -4.41
C GLY A 46 -12.46 10.85 -4.58
N MET A 47 -11.47 9.99 -4.28
CA MET A 47 -10.05 10.33 -4.37
C MET A 47 -9.31 9.20 -5.09
N THR A 48 -8.12 9.51 -5.60
CA THR A 48 -7.31 8.53 -6.31
C THR A 48 -6.79 7.47 -5.32
N SER A 49 -6.31 6.34 -5.85
CA SER A 49 -5.76 5.27 -5.04
C SER A 49 -4.74 4.49 -5.85
N LEU A 50 -3.62 4.11 -5.23
CA LEU A 50 -2.61 3.29 -5.87
C LEU A 50 -1.99 2.30 -4.89
N LYS A 51 -2.54 1.09 -4.84
CA LYS A 51 -2.02 -0.01 -4.02
C LYS A 51 -0.60 -0.38 -4.41
N VAL A 52 0.16 -0.87 -3.42
CA VAL A 52 1.51 -1.39 -3.60
C VAL A 52 1.61 -2.69 -2.81
N ASP A 53 2.17 -3.73 -3.41
CA ASP A 53 2.22 -5.07 -2.86
C ASP A 53 3.38 -5.91 -3.39
N ASN A 54 3.39 -7.20 -3.01
CA ASN A 54 4.35 -8.23 -3.40
C ASN A 54 5.74 -8.10 -2.76
N LEU A 55 5.95 -7.10 -1.89
CA LEU A 55 7.19 -6.93 -1.15
C LEU A 55 7.57 -8.16 -0.32
N THR A 56 8.79 -8.16 0.23
CA THR A 56 9.35 -9.33 0.92
C THR A 56 8.71 -9.55 2.28
N TYR A 57 9.01 -10.71 2.86
CA TYR A 57 8.60 -11.07 4.22
C TYR A 57 9.49 -10.37 5.26
N ARG A 58 10.33 -9.42 4.82
CA ARG A 58 11.27 -8.70 5.67
C ARG A 58 11.09 -7.19 5.55
N THR A 59 10.27 -6.73 4.60
CA THR A 59 9.92 -5.32 4.47
C THR A 59 9.13 -4.87 5.70
N SER A 60 8.96 -3.55 5.88
CA SER A 60 8.33 -3.01 7.07
C SER A 60 7.38 -1.86 6.71
N PRO A 61 6.48 -1.50 7.64
CA PRO A 61 5.53 -0.42 7.42
C PRO A 61 6.24 0.94 7.40
N ASP A 62 7.37 1.06 8.09
CA ASP A 62 8.11 2.31 8.13
C ASP A 62 8.88 2.53 6.81
N THR A 63 9.28 1.45 6.14
CA THR A 63 9.99 1.63 4.88
C THR A 63 9.01 2.10 3.84
N LEU A 64 7.92 1.35 3.62
CA LEU A 64 7.03 1.68 2.53
C LEU A 64 6.47 3.10 2.71
N ARG A 65 6.35 3.56 3.96
CA ARG A 65 5.95 4.93 4.24
C ARG A 65 6.94 5.91 3.64
N ARG A 66 8.24 5.71 3.85
CA ARG A 66 9.25 6.69 3.45
C ARG A 66 9.74 6.46 2.02
N VAL A 67 9.98 5.20 1.66
CA VAL A 67 10.47 4.81 0.35
C VAL A 67 9.47 5.15 -0.75
N PHE A 68 8.18 5.29 -0.43
CA PHE A 68 7.18 5.73 -1.40
C PHE A 68 6.75 7.18 -1.19
N GLU A 69 6.99 7.77 -0.02
CA GLU A 69 6.63 9.16 0.22
C GLU A 69 7.45 10.08 -0.67
N LYS A 70 8.61 9.60 -1.13
CA LYS A 70 9.52 10.40 -1.96
C LYS A 70 8.98 10.59 -3.37
N TYR A 71 8.06 9.71 -3.78
CA TYR A 71 7.43 9.79 -5.10
C TYR A 71 6.43 10.93 -5.16
N GLY A 72 6.07 11.48 -3.99
CA GLY A 72 5.28 12.70 -3.95
C GLY A 72 4.65 12.86 -2.58
N ARG A 73 3.62 12.06 -2.34
CA ARG A 73 3.00 11.88 -1.04
C ARG A 73 2.38 10.50 -1.05
N VAL A 74 2.85 9.65 -0.12
CA VAL A 74 2.44 8.26 -0.04
C VAL A 74 0.92 8.14 0.10
N GLY A 75 0.26 9.22 0.53
CA GLY A 75 -1.19 9.31 0.66
C GLY A 75 -1.71 8.54 1.86
N ASP A 76 -1.43 7.24 1.89
CA ASP A 76 -1.79 6.34 2.97
C ASP A 76 -0.95 5.08 2.86
N VAL A 77 -0.90 4.27 3.92
CA VAL A 77 -0.12 3.05 3.92
C VAL A 77 -0.77 2.05 4.87
N TYR A 78 -0.92 0.79 4.42
CA TYR A 78 -1.55 -0.25 5.22
C TYR A 78 -0.92 -1.61 4.95
N ILE A 79 -1.06 -2.51 5.93
CA ILE A 79 -0.61 -3.90 5.87
C ILE A 79 -1.65 -4.73 6.62
N PRO A 80 -2.62 -5.30 5.90
CA PRO A 80 -3.72 -6.04 6.49
C PRO A 80 -3.30 -7.29 7.26
N ARG A 81 -2.14 -7.85 6.88
CA ARG A 81 -1.61 -9.14 7.34
C ARG A 81 -2.72 -10.02 7.90
N ASP A 82 -2.91 -10.04 9.22
CA ASP A 82 -4.03 -10.69 9.86
C ASP A 82 -4.30 -10.00 11.20
N ARG A 83 -5.55 -9.62 11.44
CA ARG A 83 -5.94 -8.79 12.57
C ARG A 83 -5.98 -9.55 13.91
N TYR A 84 -5.47 -10.79 13.95
CA TYR A 84 -5.54 -11.60 15.17
C TYR A 84 -4.20 -12.29 15.48
N THR A 85 -3.31 -12.37 14.48
CA THR A 85 -2.06 -13.11 14.60
C THR A 85 -0.88 -12.31 14.07
N LYS A 86 -1.16 -11.22 13.36
CA LYS A 86 -0.20 -10.26 12.84
C LYS A 86 1.11 -10.90 12.35
N GLU A 87 1.02 -12.01 11.62
CA GLU A 87 2.19 -12.76 11.17
C GLU A 87 2.14 -13.02 9.66
N SER A 88 1.48 -12.15 8.91
CA SER A 88 1.29 -12.29 7.47
C SER A 88 1.72 -11.02 6.74
N ARG A 89 2.77 -10.36 7.24
CA ARG A 89 3.34 -9.14 6.68
C ARG A 89 3.99 -9.39 5.30
N GLY A 90 3.69 -10.52 4.67
CA GLY A 90 4.25 -10.89 3.37
C GLY A 90 3.79 -9.99 2.23
N PHE A 91 2.93 -9.01 2.51
CA PHE A 91 2.46 -8.07 1.51
C PHE A 91 2.02 -6.77 2.18
N ALA A 92 1.60 -5.79 1.38
CA ALA A 92 1.13 -4.51 1.88
C ALA A 92 0.07 -3.91 0.96
N PHE A 93 -0.34 -2.69 1.30
CA PHE A 93 -1.34 -1.91 0.60
C PHE A 93 -0.97 -0.44 0.78
N VAL A 94 0.19 -0.02 0.27
CA VAL A 94 0.51 1.40 0.29
C VAL A 94 -0.45 2.05 -0.72
N ARG A 95 -0.94 3.27 -0.48
CA ARG A 95 -2.00 3.84 -1.32
C ARG A 95 -1.83 5.34 -1.52
N PHE A 96 -1.37 5.73 -2.72
CA PHE A 96 -1.28 7.13 -3.08
C PHE A 96 -2.68 7.67 -3.32
N HIS A 97 -2.83 9.00 -3.41
CA HIS A 97 -4.15 9.60 -3.56
C HIS A 97 -4.18 10.75 -4.56
N ASP A 98 -3.10 10.91 -5.33
CA ASP A 98 -3.04 11.89 -6.40
C ASP A 98 -2.44 11.24 -7.65
N LYS A 99 -3.03 11.53 -8.80
CA LYS A 99 -2.70 10.84 -10.05
C LYS A 99 -1.26 11.09 -10.48
N ARG A 100 -0.71 12.29 -10.24
CA ARG A 100 0.59 12.62 -10.78
C ARG A 100 1.68 11.75 -10.14
N ASP A 101 1.58 11.55 -8.82
CA ASP A 101 2.57 10.78 -8.10
C ASP A 101 2.18 9.30 -8.08
N ALA A 102 0.91 8.99 -8.38
CA ALA A 102 0.48 7.63 -8.50
C ALA A 102 0.95 7.04 -9.83
N GLU A 103 0.94 7.84 -10.91
CA GLU A 103 1.40 7.36 -12.21
C GLU A 103 2.92 7.21 -12.20
N ASP A 104 3.64 8.09 -11.49
CA ASP A 104 5.08 7.94 -11.38
C ASP A 104 5.45 6.73 -10.52
N ALA A 105 4.73 6.53 -9.41
CA ALA A 105 5.07 5.48 -8.48
C ALA A 105 5.00 4.11 -9.14
N MET A 106 4.03 3.88 -10.03
CA MET A 106 3.93 2.58 -10.68
C MET A 106 4.91 2.50 -11.85
N ASP A 107 5.22 3.63 -12.48
CA ASP A 107 6.17 3.67 -13.59
C ASP A 107 7.59 3.41 -13.13
N ALA A 108 7.82 3.40 -11.80
CA ALA A 108 9.15 3.20 -11.25
C ALA A 108 9.21 2.15 -10.14
N MET A 109 8.06 1.63 -9.69
CA MET A 109 8.04 0.55 -8.70
C MET A 109 7.30 -0.70 -9.19
N ASP A 110 6.36 -0.58 -10.13
CA ASP A 110 5.67 -1.76 -10.62
C ASP A 110 6.67 -2.63 -11.39
N GLY A 111 6.81 -3.89 -10.97
CA GLY A 111 7.72 -4.84 -11.61
C GLY A 111 9.16 -4.68 -11.13
N ALA A 112 9.40 -3.76 -10.18
CA ALA A 112 10.72 -3.51 -9.62
C ALA A 112 11.16 -4.68 -8.73
N VAL A 113 12.29 -4.51 -8.05
CA VAL A 113 12.87 -5.54 -7.19
C VAL A 113 13.29 -4.91 -5.86
N LEU A 114 13.22 -5.70 -4.78
CA LEU A 114 13.59 -5.24 -3.44
C LEU A 114 14.87 -5.95 -2.99
N ASP A 115 14.88 -7.28 -3.06
CA ASP A 115 16.04 -8.08 -2.65
C ASP A 115 16.30 -9.26 -3.60
N GLY A 116 15.41 -9.47 -4.58
CA GLY A 116 15.58 -10.52 -5.57
C GLY A 116 14.24 -11.01 -6.13
N ARG A 117 13.14 -10.65 -5.46
CA ARG A 117 11.80 -11.00 -5.91
C ARG A 117 11.25 -9.91 -6.82
N GLU A 118 9.92 -9.84 -6.91
CA GLU A 118 9.24 -8.84 -7.72
C GLU A 118 8.44 -7.92 -6.82
N LEU A 119 7.98 -6.80 -7.38
CA LEU A 119 7.18 -5.82 -6.66
C LEU A 119 6.00 -5.44 -7.56
N ARG A 120 4.95 -4.87 -6.98
CA ARG A 120 3.72 -4.58 -7.71
C ARG A 120 3.13 -3.27 -7.23
N VAL A 121 2.60 -2.49 -8.18
CA VAL A 121 1.98 -1.20 -7.90
C VAL A 121 0.92 -0.94 -8.96
N GLN A 122 -0.34 -0.76 -8.54
CA GLN A 122 -1.43 -0.48 -9.44
C GLN A 122 -2.61 0.13 -8.67
N MET A 123 -3.59 0.68 -9.39
CA MET A 123 -4.75 1.30 -8.77
C MET A 123 -5.53 0.29 -7.94
N ALA A 124 -6.18 0.77 -6.87
CA ALA A 124 -6.88 -0.09 -5.92
C ALA A 124 -8.22 -0.57 -6.47
N ARG A 125 -8.91 -1.41 -5.68
CA ARG A 125 -10.21 -1.97 -6.02
C ARG A 125 -11.17 -1.91 -4.83
N TYR A 126 -12.44 -2.24 -5.09
CA TYR A 126 -13.50 -2.32 -4.10
C TYR A 126 -13.63 -1.06 -3.24
N GLY A 127 -14.35 -1.17 -2.12
CA GLY A 127 -14.59 -0.06 -1.21
C GLY A 127 -14.27 -0.44 0.24
N ARG A 128 -13.59 -1.59 0.40
CA ARG A 128 -13.05 -2.21 1.62
C ARG A 128 -13.69 -3.58 1.84
N PRO A 129 -12.98 -4.50 2.51
CA PRO A 129 -13.39 -5.88 2.74
C PRO A 129 -14.86 -6.04 3.15
N PRO A 130 -15.70 -6.60 2.26
CA PRO A 130 -17.10 -6.85 2.53
C PRO A 130 -17.32 -8.18 3.26
N ASP A 131 -16.26 -9.00 3.42
CA ASP A 131 -16.37 -10.34 3.98
C ASP A 131 -15.15 -10.68 4.83
N SER A 132 -14.70 -9.75 5.68
CA SER A 132 -13.59 -9.97 6.59
C SER A 132 -13.90 -9.40 7.96
N HIS A 133 -12.96 -9.59 8.90
CA HIS A 133 -13.03 -9.13 10.29
C HIS A 133 -14.39 -9.39 10.95
N HIS A 134 -15.09 -10.44 10.52
CA HIS A 134 -16.41 -10.80 11.02
C HIS A 134 -16.54 -12.29 11.31
N SER A 135 -15.43 -13.02 11.17
CA SER A 135 -15.34 -14.46 11.42
C SER A 135 -15.84 -14.80 12.83
N MET A 35 1.56 5.19 18.49
CA MET A 35 0.85 5.67 17.29
C MET A 35 1.86 6.02 16.19
N SER A 36 1.68 5.43 15.01
CA SER A 36 2.56 5.66 13.87
C SER A 36 1.77 5.65 12.55
N TYR A 37 0.44 5.56 12.64
CA TYR A 37 -0.45 5.52 11.49
C TYR A 37 -1.73 6.29 11.78
N GLY A 38 -2.58 6.43 10.76
CA GLY A 38 -3.83 7.15 10.90
C GLY A 38 -4.81 6.73 9.82
N ARG A 39 -6.09 7.11 10.00
CA ARG A 39 -7.15 6.77 9.08
C ARG A 39 -6.92 7.41 7.71
N PRO A 40 -7.49 6.80 6.67
CA PRO A 40 -7.51 7.33 5.32
C PRO A 40 -8.00 8.78 5.30
N PRO A 41 -7.61 9.57 4.28
CA PRO A 41 -8.01 10.96 4.15
C PRO A 41 -9.49 11.06 3.76
N PRO A 42 -10.10 12.23 3.96
CA PRO A 42 -11.49 12.48 3.60
C PRO A 42 -11.63 12.62 2.08
N ASP A 43 -12.87 12.63 1.59
CA ASP A 43 -13.20 12.76 0.17
C ASP A 43 -12.48 11.73 -0.69
N VAL A 44 -12.08 10.60 -0.09
CA VAL A 44 -11.39 9.55 -0.81
C VAL A 44 -12.25 8.98 -1.94
N GLU A 45 -13.57 9.19 -1.86
CA GLU A 45 -14.52 8.75 -2.88
C GLU A 45 -14.44 9.62 -4.14
N GLY A 46 -13.50 10.58 -4.15
CA GLY A 46 -13.31 11.51 -5.25
C GLY A 46 -11.84 11.77 -5.53
N MET A 47 -10.97 10.81 -5.17
CA MET A 47 -9.53 10.93 -5.40
C MET A 47 -8.96 9.60 -5.90
N THR A 48 -7.69 9.61 -6.29
CA THR A 48 -6.98 8.43 -6.76
C THR A 48 -6.91 7.37 -5.65
N SER A 49 -6.57 6.14 -6.02
CA SER A 49 -6.54 5.01 -5.10
C SER A 49 -5.51 3.98 -5.52
N LEU A 50 -4.26 4.42 -5.75
CA LEU A 50 -3.22 3.51 -6.17
C LEU A 50 -2.93 2.54 -5.02
N LYS A 51 -2.52 1.30 -5.32
CA LYS A 51 -2.01 0.43 -4.27
C LYS A 51 -0.66 -0.18 -4.62
N VAL A 52 0.00 -0.76 -3.61
CA VAL A 52 1.35 -1.32 -3.73
C VAL A 52 1.42 -2.60 -2.92
N ASP A 53 2.06 -3.63 -3.48
CA ASP A 53 2.16 -4.96 -2.87
C ASP A 53 3.39 -5.74 -3.33
N ASN A 54 3.57 -6.94 -2.78
CA ASN A 54 4.59 -7.93 -3.16
C ASN A 54 5.95 -7.71 -2.48
N LEU A 55 5.96 -7.11 -1.28
CA LEU A 55 7.19 -6.86 -0.51
C LEU A 55 7.96 -8.15 -0.20
N THR A 56 9.12 -8.00 0.45
CA THR A 56 9.98 -9.12 0.81
C THR A 56 9.73 -9.56 2.26
N TYR A 57 10.29 -10.71 2.63
CA TYR A 57 10.19 -11.25 3.98
C TYR A 57 11.00 -10.42 4.98
N ARG A 58 11.55 -9.28 4.55
CA ARG A 58 12.37 -8.40 5.37
C ARG A 58 11.87 -6.96 5.30
N THR A 59 10.89 -6.67 4.44
CA THR A 59 10.30 -5.35 4.34
C THR A 59 9.42 -5.07 5.56
N SER A 60 9.08 -3.80 5.78
CA SER A 60 8.25 -3.37 6.89
C SER A 60 7.33 -2.24 6.42
N PRO A 61 6.24 -1.97 7.16
CA PRO A 61 5.36 -0.87 6.81
C PRO A 61 6.02 0.48 7.09
N ASP A 62 7.09 0.48 7.90
CA ASP A 62 7.84 1.70 8.19
C ASP A 62 8.65 2.13 6.99
N THR A 63 9.31 1.18 6.32
CA THR A 63 10.09 1.51 5.12
C THR A 63 9.12 1.99 4.06
N LEU A 64 8.08 1.22 3.76
CA LEU A 64 7.21 1.54 2.64
C LEU A 64 6.62 2.94 2.81
N ARG A 65 6.43 3.42 4.04
CA ARG A 65 5.97 4.79 4.24
C ARG A 65 7.02 5.77 3.71
N ARG A 66 8.29 5.60 4.07
CA ARG A 66 9.31 6.57 3.74
C ARG A 66 9.83 6.40 2.30
N VAL A 67 10.06 5.15 1.88
CA VAL A 67 10.59 4.84 0.57
C VAL A 67 9.60 5.21 -0.54
N PHE A 68 8.30 5.28 -0.23
CA PHE A 68 7.30 5.75 -1.18
C PHE A 68 6.96 7.22 -0.99
N GLU A 69 7.29 7.81 0.17
CA GLU A 69 7.01 9.20 0.44
C GLU A 69 7.68 10.13 -0.57
N LYS A 70 8.75 9.66 -1.22
CA LYS A 70 9.51 10.46 -2.19
C LYS A 70 8.77 10.61 -3.52
N TYR A 71 7.85 9.69 -3.80
CA TYR A 71 7.08 9.72 -5.04
C TYR A 71 5.89 10.65 -4.91
N GLY A 72 5.51 11.01 -3.68
CA GLY A 72 4.36 11.86 -3.45
C GLY A 72 3.63 11.45 -2.18
N ARG A 73 2.37 11.88 -2.11
CA ARG A 73 1.47 11.64 -1.00
C ARG A 73 1.21 10.16 -0.77
N VAL A 74 2.04 9.56 0.08
CA VAL A 74 1.85 8.22 0.63
C VAL A 74 0.72 8.29 1.65
N GLY A 75 -0.43 8.81 1.21
CA GLY A 75 -1.60 9.11 2.03
C GLY A 75 -2.12 7.89 2.79
N ASP A 76 -1.65 6.69 2.44
CA ASP A 76 -2.03 5.46 3.11
C ASP A 76 -0.88 4.46 3.05
N VAL A 77 -0.76 3.66 4.11
CA VAL A 77 0.25 2.62 4.21
C VAL A 77 -0.28 1.57 5.19
N TYR A 78 -0.48 0.34 4.70
CA TYR A 78 -1.10 -0.71 5.48
C TYR A 78 -0.56 -2.08 5.11
N ILE A 79 -0.88 -3.10 5.92
CA ILE A 79 -0.53 -4.50 5.67
C ILE A 79 -1.72 -5.36 6.12
N PRO A 80 -2.58 -5.76 5.17
CA PRO A 80 -3.76 -6.60 5.38
C PRO A 80 -3.53 -7.95 6.06
N ARG A 81 -2.36 -8.18 6.68
CA ARG A 81 -2.08 -9.47 7.32
C ARG A 81 -3.14 -9.74 8.40
N ASP A 82 -3.29 -11.02 8.76
CA ASP A 82 -4.32 -11.43 9.72
C ASP A 82 -4.27 -10.56 10.98
N ARG A 83 -5.42 -9.97 11.32
CA ARG A 83 -5.58 -9.04 12.44
C ARG A 83 -5.39 -9.71 13.81
N TYR A 84 -5.14 -11.02 13.85
CA TYR A 84 -5.03 -11.73 15.11
C TYR A 84 -3.94 -12.79 15.13
N THR A 85 -3.37 -13.13 13.96
CA THR A 85 -2.40 -14.20 13.84
C THR A 85 -1.24 -13.80 12.93
N LYS A 86 -1.31 -12.59 12.35
CA LYS A 86 -0.31 -11.98 11.48
C LYS A 86 0.47 -13.00 10.64
N GLU A 87 -0.24 -13.86 9.91
CA GLU A 87 0.38 -14.94 9.14
C GLU A 87 0.20 -14.76 7.63
N SER A 88 -0.16 -13.56 7.19
CA SER A 88 -0.30 -13.23 5.78
C SER A 88 0.50 -11.97 5.45
N ARG A 89 1.56 -11.74 6.21
CA ARG A 89 2.48 -10.61 6.06
C ARG A 89 3.27 -10.66 4.76
N GLY A 90 2.92 -11.57 3.85
CA GLY A 90 3.63 -11.79 2.59
C GLY A 90 3.47 -10.62 1.61
N PHE A 91 2.69 -9.60 1.95
CA PHE A 91 2.50 -8.45 1.09
C PHE A 91 2.11 -7.21 1.90
N ALA A 92 1.82 -6.11 1.19
CA ALA A 92 1.46 -4.84 1.81
C ALA A 92 0.40 -4.13 0.98
N PHE A 93 0.01 -2.93 1.43
CA PHE A 93 -1.02 -2.13 0.78
C PHE A 93 -0.75 -0.64 1.00
N VAL A 94 0.30 -0.11 0.37
CA VAL A 94 0.53 1.34 0.39
C VAL A 94 -0.44 1.97 -0.61
N ARG A 95 -0.75 3.26 -0.49
CA ARG A 95 -1.66 3.91 -1.44
C ARG A 95 -1.38 5.40 -1.59
N PHE A 96 -1.82 5.93 -2.74
CA PHE A 96 -1.74 7.35 -3.10
C PHE A 96 -3.11 7.88 -3.48
N HIS A 97 -3.26 9.21 -3.46
CA HIS A 97 -4.53 9.88 -3.69
C HIS A 97 -4.44 10.97 -4.77
N ASP A 98 -3.38 10.97 -5.58
CA ASP A 98 -3.29 11.87 -6.72
C ASP A 98 -2.64 11.15 -7.90
N LYS A 99 -3.20 11.34 -9.09
CA LYS A 99 -2.79 10.61 -10.28
C LYS A 99 -1.34 10.88 -10.68
N ARG A 100 -0.81 12.06 -10.40
CA ARG A 100 0.54 12.40 -10.86
C ARG A 100 1.57 11.63 -10.04
N ASP A 101 1.33 11.56 -8.72
CA ASP A 101 2.22 10.84 -7.82
C ASP A 101 2.04 9.35 -8.02
N ALA A 102 0.82 8.94 -8.41
CA ALA A 102 0.48 7.54 -8.58
C ALA A 102 1.03 6.97 -9.88
N GLU A 103 1.01 7.75 -10.97
CA GLU A 103 1.52 7.26 -12.24
C GLU A 103 3.04 7.13 -12.19
N ASP A 104 3.73 8.01 -11.46
CA ASP A 104 5.17 7.87 -11.31
C ASP A 104 5.50 6.69 -10.39
N ALA A 105 4.70 6.51 -9.33
CA ALA A 105 4.94 5.47 -8.36
C ALA A 105 4.93 4.08 -9.01
N MET A 106 4.10 3.86 -10.04
CA MET A 106 4.09 2.56 -10.69
C MET A 106 5.09 2.52 -11.84
N ASP A 107 5.37 3.68 -12.46
CA ASP A 107 6.34 3.75 -13.54
C ASP A 107 7.76 3.47 -13.05
N ALA A 108 7.96 3.42 -11.72
CA ALA A 108 9.27 3.21 -11.14
C ALA A 108 9.30 2.15 -10.03
N MET A 109 8.14 1.63 -9.62
CA MET A 109 8.10 0.52 -8.66
C MET A 109 7.41 -0.72 -9.23
N ASP A 110 6.50 -0.59 -10.20
CA ASP A 110 5.85 -1.78 -10.74
C ASP A 110 6.84 -2.59 -11.55
N GLY A 111 6.99 -3.87 -11.20
CA GLY A 111 7.90 -4.78 -11.88
C GLY A 111 9.33 -4.64 -11.40
N ALA A 112 9.59 -3.74 -10.45
CA ALA A 112 10.91 -3.52 -9.89
C ALA A 112 11.32 -4.69 -8.99
N VAL A 113 12.49 -4.57 -8.35
CA VAL A 113 13.03 -5.59 -7.47
C VAL A 113 13.54 -4.93 -6.19
N LEU A 114 13.39 -5.61 -5.05
CA LEU A 114 13.81 -5.10 -3.76
C LEU A 114 15.04 -5.85 -3.25
N ASP A 115 14.96 -7.18 -3.21
CA ASP A 115 16.04 -8.03 -2.73
C ASP A 115 16.25 -9.26 -3.61
N GLY A 116 15.37 -9.46 -4.61
CA GLY A 116 15.48 -10.58 -5.53
C GLY A 116 14.13 -11.04 -6.07
N ARG A 117 13.03 -10.54 -5.50
CA ARG A 117 11.68 -10.84 -5.96
C ARG A 117 11.15 -9.65 -6.74
N GLU A 118 9.84 -9.61 -6.94
CA GLU A 118 9.19 -8.60 -7.75
C GLU A 118 8.48 -7.60 -6.85
N LEU A 119 8.04 -6.50 -7.41
CA LEU A 119 7.28 -5.48 -6.73
C LEU A 119 6.10 -5.10 -7.61
N ARG A 120 5.00 -4.67 -7.00
CA ARG A 120 3.76 -4.47 -7.72
C ARG A 120 3.07 -3.20 -7.25
N VAL A 121 2.58 -2.43 -8.23
CA VAL A 121 1.92 -1.17 -7.99
C VAL A 121 0.89 -0.93 -9.08
N GLN A 122 -0.39 -0.80 -8.70
CA GLN A 122 -1.47 -0.56 -9.65
C GLN A 122 -2.70 -0.03 -8.91
N MET A 123 -3.66 0.53 -9.65
CA MET A 123 -4.85 1.14 -9.07
C MET A 123 -5.71 0.10 -8.36
N ALA A 124 -6.36 0.52 -7.25
CA ALA A 124 -7.24 -0.33 -6.48
C ALA A 124 -8.59 -0.51 -7.17
N ARG A 125 -9.50 -1.25 -6.53
CA ARG A 125 -10.84 -1.51 -7.04
C ARG A 125 -11.91 -1.39 -5.96
N TYR A 126 -11.46 -1.27 -4.71
CA TYR A 126 -12.32 -1.11 -3.55
C TYR A 126 -11.79 0.00 -2.66
N GLY A 127 -12.50 0.28 -1.56
CA GLY A 127 -12.05 1.26 -0.57
C GLY A 127 -11.89 0.60 0.79
N ARG A 128 -12.71 -0.41 1.08
CA ARG A 128 -12.67 -1.20 2.30
C ARG A 128 -13.33 -2.55 2.02
N PRO A 129 -12.78 -3.62 2.60
CA PRO A 129 -13.34 -4.96 2.58
C PRO A 129 -14.84 -4.96 2.91
N PRO A 130 -15.63 -5.83 2.25
CA PRO A 130 -17.06 -5.94 2.51
C PRO A 130 -17.30 -6.69 3.82
N ASP A 131 -16.35 -7.53 4.23
CA ASP A 131 -16.40 -8.28 5.47
C ASP A 131 -15.00 -8.85 5.75
N SER A 132 -14.48 -8.62 6.96
CA SER A 132 -13.17 -9.15 7.34
C SER A 132 -12.95 -9.10 8.86
N HIS A 133 -13.70 -8.26 9.57
CA HIS A 133 -13.56 -8.10 11.01
C HIS A 133 -14.93 -7.85 11.64
N HIS A 134 -15.06 -8.06 12.95
CA HIS A 134 -16.36 -7.99 13.62
C HIS A 134 -16.26 -7.47 15.06
N SER A 135 -15.08 -6.98 15.47
CA SER A 135 -14.89 -6.46 16.81
C SER A 135 -13.76 -5.43 16.83
N MET A 35 1.78 3.65 18.93
CA MET A 35 1.11 3.60 17.61
C MET A 35 1.82 4.54 16.64
N SER A 36 1.76 4.23 15.35
CA SER A 36 2.40 5.01 14.30
C SER A 36 1.53 5.07 13.03
N TYR A 37 0.29 4.58 13.11
CA TYR A 37 -0.63 4.55 11.98
C TYR A 37 -2.05 4.84 12.44
N GLY A 38 -2.98 4.92 11.49
CA GLY A 38 -4.37 5.19 11.80
C GLY A 38 -5.25 4.97 10.58
N ARG A 39 -6.57 4.98 10.80
CA ARG A 39 -7.56 4.85 9.75
C ARG A 39 -7.37 5.92 8.68
N PRO A 40 -7.67 5.56 7.44
CA PRO A 40 -7.48 6.39 6.26
C PRO A 40 -8.47 7.55 6.21
N PRO A 41 -8.19 8.58 5.39
CA PRO A 41 -9.06 9.73 5.19
C PRO A 41 -10.49 9.31 4.82
N PRO A 42 -11.47 10.18 5.13
CA PRO A 42 -12.88 9.95 4.84
C PRO A 42 -13.23 10.23 3.37
N ASP A 43 -12.23 10.39 2.50
CA ASP A 43 -12.45 10.79 1.12
C ASP A 43 -11.58 9.98 0.15
N VAL A 44 -11.08 8.82 0.57
CA VAL A 44 -10.30 7.92 -0.28
C VAL A 44 -11.14 7.30 -1.39
N GLU A 45 -12.38 7.78 -1.57
CA GLU A 45 -13.29 7.31 -2.59
C GLU A 45 -13.70 8.46 -3.51
N GLY A 46 -13.00 9.59 -3.36
CA GLY A 46 -13.20 10.80 -4.16
C GLY A 46 -11.87 11.35 -4.66
N MET A 47 -10.80 10.54 -4.54
CA MET A 47 -9.46 10.88 -4.98
C MET A 47 -8.80 9.63 -5.56
N THR A 48 -7.55 9.75 -6.02
CA THR A 48 -6.81 8.61 -6.57
C THR A 48 -6.72 7.51 -5.53
N SER A 49 -6.41 6.28 -5.97
CA SER A 49 -6.45 5.11 -5.11
C SER A 49 -5.43 4.06 -5.53
N LEU A 50 -4.18 4.47 -5.78
CA LEU A 50 -3.14 3.53 -6.16
C LEU A 50 -2.89 2.59 -4.97
N LYS A 51 -2.45 1.36 -5.21
CA LYS A 51 -1.97 0.54 -4.12
C LYS A 51 -0.65 -0.14 -4.46
N VAL A 52 0.02 -0.72 -3.47
CA VAL A 52 1.32 -1.35 -3.60
C VAL A 52 1.36 -2.64 -2.79
N ASP A 53 2.02 -3.66 -3.34
CA ASP A 53 2.06 -5.02 -2.78
C ASP A 53 3.34 -5.77 -3.16
N ASN A 54 3.40 -7.05 -2.76
CA ASN A 54 4.50 -7.97 -3.08
C ASN A 54 5.84 -7.60 -2.43
N LEU A 55 5.82 -7.07 -1.21
CA LEU A 55 7.02 -6.70 -0.47
C LEU A 55 7.89 -7.92 -0.13
N THR A 56 9.02 -7.68 0.54
CA THR A 56 9.94 -8.73 0.97
C THR A 56 9.71 -9.11 2.42
N TYR A 57 10.25 -10.26 2.83
CA TYR A 57 10.13 -10.73 4.21
C TYR A 57 10.92 -9.85 5.19
N ARG A 58 11.50 -8.75 4.70
CA ARG A 58 12.28 -7.81 5.50
C ARG A 58 11.71 -6.40 5.39
N THR A 59 10.73 -6.19 4.51
CA THR A 59 10.06 -4.89 4.37
C THR A 59 9.20 -4.63 5.60
N SER A 60 8.78 -3.38 5.77
CA SER A 60 7.96 -2.96 6.90
C SER A 60 6.99 -1.85 6.44
N PRO A 61 5.95 -1.54 7.21
CA PRO A 61 5.06 -0.45 6.87
C PRO A 61 5.76 0.90 7.04
N ASP A 62 6.85 0.93 7.81
CA ASP A 62 7.58 2.17 8.03
C ASP A 62 8.50 2.46 6.86
N THR A 63 9.08 1.42 6.24
CA THR A 63 9.89 1.64 5.05
C THR A 63 8.98 2.14 3.96
N LEU A 64 7.91 1.40 3.67
CA LEU A 64 7.05 1.75 2.56
C LEU A 64 6.52 3.18 2.70
N ARG A 65 6.34 3.67 3.93
CA ARG A 65 5.93 5.05 4.12
C ARG A 65 6.99 6.01 3.57
N ARG A 66 8.27 5.78 3.89
CA ARG A 66 9.32 6.72 3.50
C ARG A 66 9.83 6.47 2.08
N VAL A 67 10.05 5.20 1.73
CA VAL A 67 10.57 4.80 0.42
C VAL A 67 9.60 5.13 -0.70
N PHE A 68 8.30 5.30 -0.39
CA PHE A 68 7.32 5.73 -1.38
C PHE A 68 6.96 7.20 -1.23
N GLU A 69 7.26 7.82 -0.08
CA GLU A 69 6.96 9.22 0.12
C GLU A 69 7.80 10.09 -0.83
N LYS A 70 8.94 9.58 -1.29
CA LYS A 70 9.82 10.31 -2.20
C LYS A 70 9.18 10.54 -3.57
N TYR A 71 8.20 9.71 -3.91
CA TYR A 71 7.47 9.81 -5.16
C TYR A 71 6.43 10.93 -5.09
N GLY A 72 6.20 11.48 -3.90
CA GLY A 72 5.33 12.62 -3.71
C GLY A 72 4.80 12.64 -2.28
N ARG A 73 3.81 11.79 -2.04
CA ARG A 73 3.22 11.57 -0.72
C ARG A 73 2.36 10.31 -0.78
N VAL A 74 2.66 9.32 0.05
CA VAL A 74 1.77 8.18 0.18
C VAL A 74 0.46 8.75 0.74
N GLY A 75 -0.67 8.41 0.12
CA GLY A 75 -1.96 8.90 0.59
C GLY A 75 -2.41 8.08 1.80
N ASP A 76 -1.86 6.87 1.93
CA ASP A 76 -2.15 5.97 3.04
C ASP A 76 -1.13 4.83 3.04
N VAL A 77 -1.12 4.04 4.11
CA VAL A 77 -0.20 2.92 4.27
C VAL A 77 -0.83 1.87 5.20
N TYR A 78 -0.86 0.61 4.75
CA TYR A 78 -1.44 -0.49 5.53
C TYR A 78 -0.78 -1.83 5.22
N ILE A 79 -1.05 -2.82 6.08
CA ILE A 79 -0.66 -4.21 5.92
C ILE A 79 -1.84 -5.06 6.41
N PRO A 80 -2.70 -5.50 5.49
CA PRO A 80 -3.90 -6.31 5.76
C PRO A 80 -3.66 -7.67 6.42
N ARG A 81 -2.52 -7.88 7.08
CA ARG A 81 -2.24 -9.16 7.72
C ARG A 81 -3.38 -9.51 8.70
N ASP A 82 -3.57 -10.81 8.97
CA ASP A 82 -4.67 -11.28 9.79
C ASP A 82 -4.80 -10.48 11.08
N ARG A 83 -5.98 -9.91 11.32
CA ARG A 83 -6.22 -8.99 12.44
C ARG A 83 -6.27 -9.69 13.81
N TYR A 84 -5.91 -10.98 13.87
CA TYR A 84 -5.94 -11.72 15.13
C TYR A 84 -4.68 -12.59 15.30
N THR A 85 -3.94 -12.83 14.22
CA THR A 85 -2.79 -13.75 14.26
C THR A 85 -1.62 -13.24 13.42
N LYS A 86 -1.78 -12.07 12.80
CA LYS A 86 -0.81 -11.41 11.93
C LYS A 86 0.01 -12.39 11.07
N GLU A 87 -0.63 -13.46 10.61
CA GLU A 87 0.05 -14.54 9.89
C GLU A 87 0.13 -14.31 8.37
N SER A 88 -0.19 -13.08 7.92
CA SER A 88 -0.27 -12.78 6.50
C SER A 88 0.50 -11.52 6.15
N ARG A 89 1.57 -11.24 6.90
CA ARG A 89 2.48 -10.12 6.68
C ARG A 89 3.24 -10.26 5.34
N GLY A 90 2.90 -11.28 4.55
CA GLY A 90 3.57 -11.59 3.29
C GLY A 90 3.37 -10.52 2.22
N PHE A 91 2.57 -9.49 2.49
CA PHE A 91 2.35 -8.39 1.56
C PHE A 91 1.93 -7.14 2.31
N ALA A 92 1.63 -6.07 1.56
CA ALA A 92 1.25 -4.78 2.12
C ALA A 92 0.23 -4.09 1.22
N PHE A 93 -0.20 -2.90 1.64
CA PHE A 93 -1.17 -2.10 0.92
C PHE A 93 -0.84 -0.61 1.12
N VAL A 94 0.22 -0.12 0.47
CA VAL A 94 0.49 1.32 0.45
C VAL A 94 -0.50 1.95 -0.52
N ARG A 95 -0.67 3.28 -0.51
CA ARG A 95 -1.56 3.93 -1.46
C ARG A 95 -1.16 5.38 -1.72
N PHE A 96 -1.63 5.91 -2.85
CA PHE A 96 -1.53 7.33 -3.19
C PHE A 96 -2.91 7.88 -3.53
N HIS A 97 -3.04 9.20 -3.42
CA HIS A 97 -4.32 9.89 -3.57
C HIS A 97 -4.20 11.11 -4.48
N ASP A 98 -3.07 11.19 -5.19
CA ASP A 98 -2.81 12.23 -6.16
C ASP A 98 -2.31 11.55 -7.43
N LYS A 99 -2.99 11.83 -8.55
CA LYS A 99 -2.78 11.07 -9.77
C LYS A 99 -1.40 11.23 -10.40
N ARG A 100 -0.71 12.37 -10.18
CA ARG A 100 0.60 12.56 -10.77
C ARG A 100 1.65 11.74 -10.04
N ASP A 101 1.55 11.67 -8.71
CA ASP A 101 2.49 10.91 -7.90
C ASP A 101 2.19 9.42 -8.04
N ALA A 102 0.93 9.08 -8.32
CA ALA A 102 0.51 7.70 -8.47
C ALA A 102 1.00 7.10 -9.79
N GLU A 103 0.95 7.87 -10.88
CA GLU A 103 1.39 7.36 -12.17
C GLU A 103 2.90 7.19 -12.19
N ASP A 104 3.65 8.03 -11.47
CA ASP A 104 5.08 7.87 -11.38
C ASP A 104 5.44 6.69 -10.45
N ALA A 105 4.69 6.54 -9.36
CA ALA A 105 4.98 5.49 -8.40
C ALA A 105 4.92 4.11 -9.05
N MET A 106 4.02 3.91 -10.02
CA MET A 106 3.93 2.60 -10.66
C MET A 106 4.88 2.52 -11.85
N ASP A 107 5.17 3.65 -12.49
CA ASP A 107 6.09 3.70 -13.62
C ASP A 107 7.54 3.43 -13.18
N ALA A 108 7.79 3.40 -11.86
CA ALA A 108 9.13 3.20 -11.34
C ALA A 108 9.22 2.13 -10.24
N MET A 109 8.10 1.60 -9.76
CA MET A 109 8.10 0.49 -8.82
C MET A 109 7.46 -0.77 -9.38
N ASP A 110 6.56 -0.67 -10.37
CA ASP A 110 5.99 -1.88 -10.93
C ASP A 110 7.06 -2.71 -11.64
N GLY A 111 7.19 -3.98 -11.26
CA GLY A 111 8.12 -4.90 -11.88
C GLY A 111 9.55 -4.75 -11.34
N ALA A 112 9.75 -3.86 -10.35
CA ALA A 112 11.05 -3.66 -9.72
C ALA A 112 11.44 -4.88 -8.89
N VAL A 113 12.61 -4.82 -8.26
CA VAL A 113 13.16 -5.93 -7.49
C VAL A 113 13.75 -5.43 -6.18
N LEU A 114 13.56 -6.25 -5.14
CA LEU A 114 14.18 -6.09 -3.84
C LEU A 114 14.27 -7.50 -3.25
N ASP A 115 15.37 -7.78 -2.54
CA ASP A 115 15.69 -9.08 -1.96
C ASP A 115 15.77 -10.22 -3.02
N GLY A 116 15.47 -9.90 -4.28
CA GLY A 116 15.56 -10.86 -5.37
C GLY A 116 14.18 -11.27 -5.86
N ARG A 117 13.12 -10.75 -5.22
CA ARG A 117 11.75 -11.01 -5.61
C ARG A 117 11.23 -9.85 -6.46
N GLU A 118 9.92 -9.76 -6.61
CA GLU A 118 9.29 -8.75 -7.45
C GLU A 118 8.63 -7.70 -6.56
N LEU A 119 8.22 -6.59 -7.16
CA LEU A 119 7.52 -5.53 -6.47
C LEU A 119 6.36 -5.12 -7.37
N ARG A 120 5.24 -4.72 -6.76
CA ARG A 120 4.02 -4.49 -7.52
C ARG A 120 3.28 -3.27 -7.00
N VAL A 121 2.61 -2.58 -7.93
CA VAL A 121 1.87 -1.36 -7.65
C VAL A 121 0.91 -1.11 -8.81
N GLN A 122 -0.36 -0.83 -8.49
CA GLN A 122 -1.39 -0.60 -9.50
C GLN A 122 -2.63 0.00 -8.85
N MET A 123 -3.57 0.50 -9.65
CA MET A 123 -4.77 1.16 -9.13
C MET A 123 -5.65 0.16 -8.37
N ALA A 124 -6.30 0.62 -7.30
CA ALA A 124 -7.20 -0.21 -6.51
C ALA A 124 -8.50 -0.52 -7.26
N ARG A 125 -9.37 -1.31 -6.65
CA ARG A 125 -10.64 -1.71 -7.27
C ARG A 125 -11.81 -1.69 -6.28
N TYR A 126 -11.52 -1.55 -5.00
CA TYR A 126 -12.53 -1.49 -3.95
C TYR A 126 -12.25 -0.35 -2.99
N GLY A 127 -13.26 0.04 -2.20
CA GLY A 127 -13.09 1.04 -1.16
C GLY A 127 -12.47 0.39 0.07
N ARG A 128 -12.99 -0.79 0.44
CA ARG A 128 -12.44 -1.68 1.46
C ARG A 128 -13.26 -2.99 1.40
N PRO A 129 -12.72 -4.09 1.94
CA PRO A 129 -13.38 -5.38 2.02
C PRO A 129 -14.71 -5.30 2.75
N PRO A 130 -15.75 -6.00 2.27
CA PRO A 130 -17.08 -5.94 2.80
C PRO A 130 -17.33 -6.85 4.02
N ASP A 131 -16.46 -7.84 4.27
CA ASP A 131 -16.75 -8.82 5.32
C ASP A 131 -15.49 -9.49 5.89
N SER A 132 -14.31 -8.89 5.67
CA SER A 132 -13.06 -9.48 6.14
C SER A 132 -12.91 -9.41 7.66
N HIS A 133 -13.83 -8.74 8.37
CA HIS A 133 -13.73 -8.59 9.81
C HIS A 133 -15.11 -8.50 10.46
N HIS A 134 -15.16 -8.66 11.78
CA HIS A 134 -16.40 -8.63 12.55
C HIS A 134 -16.14 -8.11 13.96
N SER A 135 -17.21 -7.83 14.70
CA SER A 135 -17.14 -7.32 16.07
C SER A 135 -18.33 -7.82 16.86
N MET A 35 0.84 3.03 18.78
CA MET A 35 0.72 2.80 17.33
C MET A 35 1.40 3.91 16.54
N SER A 36 1.48 3.75 15.21
CA SER A 36 2.12 4.72 14.32
C SER A 36 1.33 4.88 13.03
N TYR A 37 0.10 4.35 12.99
CA TYR A 37 -0.77 4.39 11.82
C TYR A 37 -2.22 4.63 12.24
N GLY A 38 -3.11 4.80 11.27
CA GLY A 38 -4.51 5.06 11.57
C GLY A 38 -5.40 4.85 10.36
N ARG A 39 -6.72 4.81 10.60
CA ARG A 39 -7.73 4.62 9.57
C ARG A 39 -7.66 5.73 8.52
N PRO A 40 -8.04 5.42 7.29
CA PRO A 40 -8.11 6.35 6.17
C PRO A 40 -8.93 7.60 6.49
N PRO A 41 -8.68 8.72 5.79
CA PRO A 41 -9.45 9.95 5.95
C PRO A 41 -10.84 9.77 5.34
N PRO A 42 -11.81 10.60 5.75
CA PRO A 42 -13.21 10.49 5.37
C PRO A 42 -13.49 10.99 3.95
N ASP A 43 -12.49 11.04 3.08
CA ASP A 43 -12.67 11.62 1.75
C ASP A 43 -11.99 10.78 0.67
N VAL A 44 -11.51 9.58 1.00
CA VAL A 44 -10.90 8.69 0.01
C VAL A 44 -11.90 8.27 -1.05
N GLU A 45 -13.20 8.51 -0.82
CA GLU A 45 -14.26 8.19 -1.76
C GLU A 45 -14.35 9.21 -2.91
N GLY A 46 -13.41 10.16 -2.93
CA GLY A 46 -13.40 11.23 -3.91
C GLY A 46 -11.98 11.56 -4.40
N MET A 47 -11.06 10.58 -4.30
CA MET A 47 -9.68 10.76 -4.73
C MET A 47 -9.15 9.50 -5.42
N THR A 48 -7.94 9.60 -5.99
CA THR A 48 -7.27 8.48 -6.64
C THR A 48 -6.94 7.41 -5.60
N SER A 49 -6.52 6.22 -6.04
CA SER A 49 -6.10 5.15 -5.16
C SER A 49 -5.10 4.26 -5.88
N LEU A 50 -3.92 4.06 -5.28
CA LEU A 50 -2.88 3.23 -5.86
C LEU A 50 -2.27 2.29 -4.83
N LYS A 51 -2.73 1.04 -4.83
CA LYS A 51 -2.20 -0.03 -3.97
C LYS A 51 -0.75 -0.34 -4.29
N VAL A 52 0.00 -0.74 -3.27
CA VAL A 52 1.39 -1.21 -3.40
C VAL A 52 1.51 -2.49 -2.59
N ASP A 53 2.14 -3.52 -3.17
CA ASP A 53 2.17 -4.86 -2.61
C ASP A 53 3.39 -5.65 -3.09
N ASN A 54 3.41 -6.95 -2.79
CA ASN A 54 4.46 -7.89 -3.12
C ASN A 54 5.81 -7.46 -2.55
N LEU A 55 6.11 -7.87 -1.31
CA LEU A 55 7.37 -7.54 -0.66
C LEU A 55 7.92 -8.74 0.15
N THR A 56 9.14 -8.62 0.67
CA THR A 56 9.79 -9.71 1.40
C THR A 56 9.24 -9.83 2.81
N TYR A 57 9.61 -10.93 3.49
CA TYR A 57 9.26 -11.12 4.89
C TYR A 57 10.12 -10.24 5.80
N ARG A 58 10.90 -9.32 5.24
CA ARG A 58 11.74 -8.41 6.03
C ARG A 58 11.29 -6.96 5.85
N THR A 59 10.56 -6.66 4.78
CA THR A 59 10.03 -5.33 4.53
C THR A 59 9.03 -4.96 5.62
N SER A 60 8.73 -3.66 5.78
CA SER A 60 7.86 -3.17 6.83
C SER A 60 7.00 -2.02 6.32
N PRO A 61 5.93 -1.65 7.03
CA PRO A 61 5.09 -0.54 6.63
C PRO A 61 5.82 0.79 6.83
N ASP A 62 6.87 0.82 7.65
CA ASP A 62 7.63 2.04 7.90
C ASP A 62 8.55 2.32 6.71
N THR A 63 9.08 1.27 6.07
CA THR A 63 9.90 1.50 4.90
C THR A 63 9.01 2.03 3.81
N LEU A 64 7.89 1.36 3.54
CA LEU A 64 7.05 1.73 2.42
C LEU A 64 6.57 3.17 2.57
N ARG A 65 6.41 3.65 3.80
CA ARG A 65 6.04 5.04 4.01
C ARG A 65 7.14 5.95 3.48
N ARG A 66 8.41 5.66 3.78
CA ARG A 66 9.50 6.58 3.43
C ARG A 66 10.01 6.33 2.00
N VAL A 67 10.19 5.07 1.62
CA VAL A 67 10.69 4.68 0.30
C VAL A 67 9.74 5.09 -0.82
N PHE A 68 8.45 5.28 -0.51
CA PHE A 68 7.49 5.77 -1.50
C PHE A 68 7.18 7.26 -1.30
N GLU A 69 7.47 7.83 -0.13
CA GLU A 69 7.22 9.25 0.11
C GLU A 69 7.99 10.15 -0.85
N LYS A 70 9.08 9.64 -1.46
CA LYS A 70 9.88 10.41 -2.40
C LYS A 70 9.18 10.60 -3.73
N TYR A 71 8.17 9.77 -4.01
CA TYR A 71 7.38 9.83 -5.24
C TYR A 71 6.22 10.79 -5.08
N GLY A 72 5.92 11.19 -3.84
CA GLY A 72 4.80 12.04 -3.52
C GLY A 72 4.20 11.58 -2.20
N ARG A 73 3.09 12.21 -1.80
CA ARG A 73 2.39 11.82 -0.58
C ARG A 73 1.87 10.40 -0.77
N VAL A 74 2.34 9.48 0.09
CA VAL A 74 1.90 8.09 0.03
C VAL A 74 0.40 7.97 0.19
N GLY A 75 -0.25 9.03 0.70
CA GLY A 75 -1.69 9.14 0.86
C GLY A 75 -2.20 8.31 2.03
N ASP A 76 -1.83 7.02 2.07
CA ASP A 76 -2.18 6.11 3.13
C ASP A 76 -1.23 4.92 3.08
N VAL A 77 -1.12 4.17 4.17
CA VAL A 77 -0.19 3.04 4.27
C VAL A 77 -0.80 1.96 5.15
N TYR A 78 -0.97 0.76 4.58
CA TYR A 78 -1.51 -0.37 5.32
C TYR A 78 -0.88 -1.70 4.90
N ILE A 79 -1.09 -2.73 5.73
CA ILE A 79 -0.67 -4.10 5.49
C ILE A 79 -1.80 -4.99 6.01
N PRO A 80 -2.72 -5.38 5.11
CA PRO A 80 -3.89 -6.21 5.39
C PRO A 80 -3.58 -7.62 5.90
N ARG A 81 -2.36 -7.88 6.36
CA ARG A 81 -1.89 -9.21 6.74
C ARG A 81 -2.92 -9.99 7.57
N ASP A 82 -3.26 -9.46 8.75
CA ASP A 82 -4.28 -10.01 9.62
C ASP A 82 -4.68 -8.94 10.64
N ARG A 83 -5.66 -9.21 11.51
CA ARG A 83 -6.10 -8.22 12.48
C ARG A 83 -6.16 -8.79 13.90
N TYR A 84 -5.66 -10.01 14.10
CA TYR A 84 -5.65 -10.67 15.41
C TYR A 84 -4.26 -11.21 15.74
N THR A 85 -3.41 -11.43 14.73
CA THR A 85 -2.08 -11.97 14.93
C THR A 85 -1.03 -11.16 14.18
N LYS A 86 -1.45 -10.43 13.13
CA LYS A 86 -0.60 -9.59 12.31
C LYS A 86 0.71 -10.28 11.90
N GLU A 87 0.62 -11.37 11.13
CA GLU A 87 1.81 -12.14 10.77
C GLU A 87 1.97 -12.38 9.27
N SER A 88 0.88 -12.24 8.51
CA SER A 88 0.87 -12.48 7.07
C SER A 88 1.49 -11.30 6.30
N ARG A 89 2.58 -10.73 6.84
CA ARG A 89 3.24 -9.53 6.34
C ARG A 89 3.91 -9.70 4.98
N GLY A 90 3.58 -10.76 4.24
CA GLY A 90 4.19 -11.05 2.94
C GLY A 90 3.79 -10.05 1.85
N PHE A 91 2.96 -9.05 2.18
CA PHE A 91 2.50 -8.07 1.20
C PHE A 91 2.11 -6.76 1.89
N ALA A 92 1.55 -5.82 1.13
CA ALA A 92 1.15 -4.52 1.66
C ALA A 92 0.01 -3.91 0.85
N PHE A 93 -0.41 -2.71 1.26
CA PHE A 93 -1.44 -1.93 0.61
C PHE A 93 -1.20 -0.44 0.90
N VAL A 94 -0.08 0.11 0.40
CA VAL A 94 0.08 1.57 0.45
C VAL A 94 -0.90 2.14 -0.57
N ARG A 95 -1.41 3.36 -0.39
CA ARG A 95 -2.46 3.89 -1.26
C ARG A 95 -2.32 5.39 -1.48
N PHE A 96 -1.82 5.78 -2.65
CA PHE A 96 -1.69 7.18 -3.02
C PHE A 96 -3.06 7.74 -3.34
N HIS A 97 -3.21 9.07 -3.35
CA HIS A 97 -4.49 9.74 -3.61
C HIS A 97 -4.36 10.81 -4.69
N ASP A 98 -3.17 10.95 -5.29
CA ASP A 98 -2.95 11.90 -6.37
C ASP A 98 -2.43 11.14 -7.58
N LYS A 99 -3.05 11.38 -8.75
CA LYS A 99 -2.77 10.60 -9.94
C LYS A 99 -1.36 10.76 -10.47
N ARG A 100 -0.67 11.85 -10.12
CA ARG A 100 0.69 12.08 -10.62
C ARG A 100 1.67 11.33 -9.74
N ASP A 101 1.47 11.50 -8.45
CA ASP A 101 2.26 10.82 -7.44
C ASP A 101 2.09 9.31 -7.62
N ALA A 102 0.91 8.91 -8.12
CA ALA A 102 0.57 7.52 -8.33
C ALA A 102 1.07 7.00 -9.67
N GLU A 103 0.93 7.76 -10.76
CA GLU A 103 1.39 7.29 -12.06
C GLU A 103 2.91 7.19 -12.09
N ASP A 104 3.61 8.11 -11.40
CA ASP A 104 5.06 7.99 -11.30
C ASP A 104 5.44 6.79 -10.44
N ALA A 105 4.72 6.58 -9.33
CA ALA A 105 5.06 5.52 -8.40
C ALA A 105 5.00 4.14 -9.07
N MET A 106 4.08 3.94 -10.02
CA MET A 106 4.01 2.64 -10.66
C MET A 106 4.94 2.56 -11.86
N ASP A 107 5.23 3.70 -12.49
CA ASP A 107 6.14 3.76 -13.63
C ASP A 107 7.58 3.46 -13.20
N ALA A 108 7.84 3.46 -11.88
CA ALA A 108 9.18 3.24 -11.37
C ALA A 108 9.26 2.16 -10.28
N MET A 109 8.12 1.64 -9.81
CA MET A 109 8.13 0.53 -8.85
C MET A 109 7.42 -0.72 -9.37
N ASP A 110 6.52 -0.62 -10.35
CA ASP A 110 5.86 -1.82 -10.85
C ASP A 110 6.88 -2.73 -11.55
N GLY A 111 6.94 -3.99 -11.13
CA GLY A 111 7.82 -4.98 -11.74
C GLY A 111 9.27 -4.83 -11.28
N ALA A 112 9.52 -3.89 -10.35
CA ALA A 112 10.86 -3.67 -9.81
C ALA A 112 11.29 -4.82 -8.92
N VAL A 113 12.47 -4.69 -8.31
CA VAL A 113 13.05 -5.72 -7.46
C VAL A 113 13.67 -5.06 -6.22
N LEU A 114 13.71 -5.80 -5.11
CA LEU A 114 14.28 -5.31 -3.86
C LEU A 114 15.46 -6.17 -3.42
N ASP A 115 15.24 -7.48 -3.28
CA ASP A 115 16.29 -8.39 -2.84
C ASP A 115 16.40 -9.63 -3.74
N GLY A 116 15.54 -9.70 -4.77
CA GLY A 116 15.55 -10.80 -5.73
C GLY A 116 14.14 -11.21 -6.16
N ARG A 117 13.12 -10.75 -5.43
CA ARG A 117 11.72 -11.04 -5.72
C ARG A 117 11.18 -10.05 -6.74
N GLU A 118 9.87 -9.81 -6.68
CA GLU A 118 9.20 -8.84 -7.51
C GLU A 118 8.48 -7.83 -6.61
N LEU A 119 8.24 -6.63 -7.16
CA LEU A 119 7.56 -5.55 -6.45
C LEU A 119 6.36 -5.13 -7.30
N ARG A 120 5.29 -4.65 -6.66
CA ARG A 120 4.05 -4.39 -7.36
C ARG A 120 3.35 -3.14 -6.83
N VAL A 121 2.67 -2.46 -7.76
CA VAL A 121 1.92 -1.24 -7.47
C VAL A 121 0.98 -0.98 -8.65
N GLN A 122 -0.30 -0.75 -8.36
CA GLN A 122 -1.31 -0.48 -9.38
C GLN A 122 -2.56 0.10 -8.73
N MET A 123 -3.49 0.61 -9.55
CA MET A 123 -4.72 1.22 -9.05
C MET A 123 -5.56 0.20 -8.30
N ALA A 124 -6.32 0.68 -7.31
CA ALA A 124 -7.13 -0.17 -6.46
C ALA A 124 -8.37 -0.70 -7.19
N ARG A 125 -9.16 -1.54 -6.49
CA ARG A 125 -10.39 -2.12 -7.02
C ARG A 125 -11.58 -1.82 -6.10
N TYR A 126 -11.30 -1.32 -4.90
CA TYR A 126 -12.31 -1.05 -3.88
C TYR A 126 -11.85 0.11 -3.00
N GLY A 127 -12.67 0.49 -2.02
CA GLY A 127 -12.29 1.51 -1.05
C GLY A 127 -11.95 0.85 0.28
N ARG A 128 -12.79 -0.11 0.72
CA ARG A 128 -12.61 -0.95 1.88
C ARG A 128 -13.50 -2.18 1.73
N PRO A 129 -13.11 -3.30 2.34
CA PRO A 129 -13.89 -4.52 2.42
C PRO A 129 -15.31 -4.27 2.93
N PRO A 130 -16.27 -5.14 2.56
CA PRO A 130 -17.63 -5.07 3.07
C PRO A 130 -17.69 -5.55 4.51
N ASP A 131 -16.71 -6.37 4.91
CA ASP A 131 -16.54 -6.90 6.25
C ASP A 131 -15.05 -7.18 6.46
N SER A 132 -14.60 -7.27 7.71
CA SER A 132 -13.19 -7.42 8.01
C SER A 132 -12.58 -8.60 7.26
N HIS A 133 -13.26 -9.75 7.28
CA HIS A 133 -12.81 -10.95 6.58
C HIS A 133 -13.94 -11.99 6.53
N HIS A 134 -15.14 -11.61 6.95
CA HIS A 134 -16.29 -12.52 7.04
C HIS A 134 -16.80 -12.96 5.66
N SER A 135 -16.22 -12.42 4.58
CA SER A 135 -16.60 -12.75 3.21
C SER A 135 -15.45 -12.49 2.25
N MET A 35 0.66 8.72 14.88
CA MET A 35 -0.04 7.72 14.07
C MET A 35 0.19 7.99 12.58
N SER A 36 0.30 6.93 11.77
CA SER A 36 0.50 7.05 10.34
C SER A 36 -0.15 5.88 9.58
N TYR A 37 -0.99 5.10 10.27
CA TYR A 37 -1.63 3.92 9.69
C TYR A 37 -3.08 3.84 10.14
N GLY A 38 -3.65 4.99 10.47
CA GLY A 38 -5.00 5.07 10.98
C GLY A 38 -6.03 4.87 9.89
N ARG A 39 -7.29 4.72 10.32
CA ARG A 39 -8.43 4.53 9.44
C ARG A 39 -8.46 5.60 8.34
N PRO A 40 -8.86 5.19 7.13
CA PRO A 40 -9.00 6.06 5.98
C PRO A 40 -10.21 6.98 6.15
N PRO A 41 -10.27 8.06 5.35
CA PRO A 41 -11.37 9.01 5.40
C PRO A 41 -12.64 8.42 4.80
N PRO A 42 -13.81 8.98 5.12
CA PRO A 42 -15.12 8.48 4.73
C PRO A 42 -15.44 8.75 3.26
N ASP A 43 -14.44 9.12 2.46
CA ASP A 43 -14.63 9.45 1.06
C ASP A 43 -13.51 8.93 0.17
N VAL A 44 -12.68 8.04 0.72
CA VAL A 44 -11.58 7.42 -0.02
C VAL A 44 -12.09 6.69 -1.27
N GLU A 45 -13.37 6.30 -1.27
CA GLU A 45 -14.01 5.62 -2.39
C GLU A 45 -14.31 6.56 -3.55
N GLY A 46 -14.11 7.86 -3.33
CA GLY A 46 -14.40 8.92 -4.30
C GLY A 46 -13.14 9.69 -4.69
N MET A 47 -11.96 9.08 -4.52
CA MET A 47 -10.68 9.70 -4.89
C MET A 47 -9.77 8.69 -5.58
N THR A 48 -8.65 9.18 -6.12
CA THR A 48 -7.63 8.34 -6.75
C THR A 48 -7.09 7.35 -5.73
N SER A 49 -6.53 6.23 -6.19
CA SER A 49 -5.96 5.20 -5.33
C SER A 49 -4.87 4.45 -6.10
N LEU A 50 -3.78 4.14 -5.41
CA LEU A 50 -2.71 3.33 -5.98
C LEU A 50 -2.09 2.40 -4.95
N LYS A 51 -2.63 1.17 -4.86
CA LYS A 51 -2.11 0.11 -3.99
C LYS A 51 -0.67 -0.25 -4.35
N VAL A 52 0.08 -0.72 -3.35
CA VAL A 52 1.45 -1.18 -3.50
C VAL A 52 1.60 -2.47 -2.68
N ASP A 53 2.20 -3.50 -3.29
CA ASP A 53 2.33 -4.83 -2.69
C ASP A 53 3.51 -5.63 -3.27
N ASN A 54 3.63 -6.88 -2.82
CA ASN A 54 4.59 -7.90 -3.27
C ASN A 54 5.97 -7.79 -2.59
N LEU A 55 6.15 -6.85 -1.67
CA LEU A 55 7.38 -6.67 -0.92
C LEU A 55 7.80 -7.91 -0.12
N THR A 56 8.99 -7.87 0.46
CA THR A 56 9.58 -8.99 1.17
C THR A 56 8.96 -9.21 2.54
N TYR A 57 9.31 -10.32 3.18
CA TYR A 57 8.90 -10.59 4.55
C TYR A 57 9.72 -9.80 5.57
N ARG A 58 10.76 -9.06 5.12
CA ARG A 58 11.57 -8.24 6.00
C ARG A 58 11.03 -6.81 6.03
N THR A 59 10.29 -6.42 4.99
CA THR A 59 9.74 -5.07 4.86
C THR A 59 8.78 -4.76 6.00
N SER A 60 8.47 -3.47 6.17
CA SER A 60 7.61 -2.98 7.24
C SER A 60 6.77 -1.81 6.70
N PRO A 61 5.74 -1.34 7.42
CA PRO A 61 4.92 -0.25 6.95
C PRO A 61 5.66 1.08 7.03
N ASP A 62 6.69 1.17 7.88
CA ASP A 62 7.48 2.37 8.01
C ASP A 62 8.49 2.50 6.87
N THR A 63 8.98 1.37 6.36
CA THR A 63 9.93 1.41 5.26
C THR A 63 9.22 1.88 4.01
N LEU A 64 8.07 1.29 3.70
CA LEU A 64 7.34 1.67 2.51
C LEU A 64 6.87 3.12 2.60
N ARG A 65 6.61 3.62 3.81
CA ARG A 65 6.19 5.00 4.02
C ARG A 65 7.29 5.94 3.53
N ARG A 66 8.55 5.58 3.78
CA ARG A 66 9.70 6.42 3.45
C ARG A 66 10.19 6.16 2.03
N VAL A 67 10.17 4.89 1.62
CA VAL A 67 10.54 4.45 0.28
C VAL A 67 9.67 5.11 -0.78
N PHE A 68 8.37 5.25 -0.49
CA PHE A 68 7.42 5.77 -1.45
C PHE A 68 7.15 7.26 -1.25
N GLU A 69 7.58 7.82 -0.11
CA GLU A 69 7.43 9.24 0.16
C GLU A 69 8.14 10.11 -0.90
N LYS A 70 9.21 9.59 -1.51
CA LYS A 70 9.98 10.37 -2.47
C LYS A 70 9.24 10.57 -3.80
N TYR A 71 8.24 9.73 -4.05
CA TYR A 71 7.42 9.81 -5.25
C TYR A 71 6.27 10.79 -5.08
N GLY A 72 5.98 11.18 -3.83
CA GLY A 72 4.87 12.05 -3.51
C GLY A 72 4.25 11.60 -2.19
N ARG A 73 3.12 12.20 -1.85
CA ARG A 73 2.39 11.84 -0.64
C ARG A 73 1.89 10.41 -0.81
N VAL A 74 2.36 9.50 0.07
CA VAL A 74 1.96 8.11 0.02
C VAL A 74 0.44 7.96 0.13
N GLY A 75 -0.23 9.01 0.62
CA GLY A 75 -1.68 9.10 0.73
C GLY A 75 -2.23 8.25 1.88
N ASP A 76 -1.86 6.97 1.90
CA ASP A 76 -2.25 6.04 2.96
C ASP A 76 -1.30 4.85 2.93
N VAL A 77 -1.28 4.08 4.01
CA VAL A 77 -0.40 2.92 4.12
C VAL A 77 -1.03 1.90 5.07
N TYR A 78 -1.13 0.65 4.61
CA TYR A 78 -1.69 -0.42 5.43
C TYR A 78 -1.00 -1.76 5.15
N ILE A 79 -1.12 -2.69 6.10
CA ILE A 79 -0.63 -4.05 6.00
C ILE A 79 -1.67 -4.92 6.74
N PRO A 80 -2.66 -5.43 6.01
CA PRO A 80 -3.77 -6.18 6.57
C PRO A 80 -3.35 -7.41 7.35
N ARG A 81 -2.13 -7.88 7.06
CA ARG A 81 -1.53 -9.08 7.63
C ARG A 81 -2.62 -10.10 7.98
N ASP A 82 -2.85 -10.34 9.27
CA ASP A 82 -4.01 -11.10 9.71
C ASP A 82 -4.41 -10.63 11.11
N ARG A 83 -5.66 -10.18 11.22
CA ARG A 83 -6.24 -9.58 12.41
C ARG A 83 -6.31 -10.54 13.61
N TYR A 84 -5.85 -11.79 13.47
CA TYR A 84 -5.96 -12.76 14.55
C TYR A 84 -4.77 -13.73 14.62
N THR A 85 -3.96 -13.81 13.56
CA THR A 85 -2.89 -14.80 13.49
C THR A 85 -1.58 -14.17 13.02
N LYS A 86 -1.62 -12.89 12.63
CA LYS A 86 -0.50 -12.07 12.18
C LYS A 86 0.62 -12.87 11.50
N GLU A 87 0.32 -13.56 10.39
CA GLU A 87 1.29 -14.40 9.71
C GLU A 87 1.30 -14.17 8.20
N SER A 88 0.91 -12.98 7.75
CA SER A 88 0.81 -12.64 6.33
C SER A 88 1.51 -11.32 6.02
N ARG A 89 2.64 -11.05 6.69
CA ARG A 89 3.46 -9.85 6.50
C ARG A 89 4.02 -9.76 5.07
N GLY A 90 3.74 -10.76 4.24
CA GLY A 90 4.30 -10.89 2.90
C GLY A 90 3.80 -9.85 1.90
N PHE A 91 2.99 -8.87 2.33
CA PHE A 91 2.48 -7.86 1.43
C PHE A 91 2.06 -6.60 2.18
N ALA A 92 1.64 -5.57 1.43
CA ALA A 92 1.16 -4.32 1.98
C ALA A 92 0.09 -3.71 1.06
N PHE A 93 -0.34 -2.51 1.40
CA PHE A 93 -1.37 -1.76 0.68
C PHE A 93 -1.08 -0.27 0.86
N VAL A 94 0.04 0.21 0.33
CA VAL A 94 0.26 1.66 0.32
C VAL A 94 -0.65 2.22 -0.76
N ARG A 95 -1.30 3.37 -0.54
CA ARG A 95 -2.32 3.87 -1.45
C ARG A 95 -2.24 5.38 -1.62
N PHE A 96 -1.74 5.81 -2.78
CA PHE A 96 -1.66 7.24 -3.10
C PHE A 96 -3.06 7.76 -3.44
N HIS A 97 -3.23 9.08 -3.43
CA HIS A 97 -4.52 9.72 -3.72
C HIS A 97 -4.40 10.85 -4.74
N ASP A 98 -3.23 10.98 -5.38
CA ASP A 98 -3.02 11.99 -6.40
C ASP A 98 -2.41 11.34 -7.63
N LYS A 99 -3.00 11.60 -8.81
CA LYS A 99 -2.65 10.89 -10.03
C LYS A 99 -1.21 11.09 -10.47
N ARG A 100 -0.59 12.26 -10.23
CA ARG A 100 0.76 12.46 -10.72
C ARG A 100 1.76 11.69 -9.83
N ASP A 101 1.50 11.68 -8.52
CA ASP A 101 2.34 10.95 -7.58
C ASP A 101 2.14 9.46 -7.79
N ALA A 102 0.94 9.07 -8.23
CA ALA A 102 0.59 7.67 -8.42
C ALA A 102 1.12 7.12 -9.75
N GLU A 103 1.00 7.87 -10.84
CA GLU A 103 1.45 7.37 -12.13
C GLU A 103 2.97 7.22 -12.16
N ASP A 104 3.72 8.04 -11.41
CA ASP A 104 5.15 7.86 -11.33
C ASP A 104 5.52 6.67 -10.44
N ALA A 105 4.76 6.50 -9.35
CA ALA A 105 5.05 5.45 -8.40
C ALA A 105 4.96 4.07 -9.04
N MET A 106 4.08 3.86 -10.01
CA MET A 106 3.99 2.57 -10.67
C MET A 106 4.96 2.50 -11.85
N ASP A 107 5.25 3.64 -12.48
CA ASP A 107 6.17 3.69 -13.61
C ASP A 107 7.61 3.41 -13.17
N ALA A 108 7.87 3.37 -11.87
CA ALA A 108 9.20 3.14 -11.34
C ALA A 108 9.26 2.06 -10.26
N MET A 109 8.12 1.56 -9.78
CA MET A 109 8.10 0.46 -8.82
C MET A 109 7.38 -0.78 -9.36
N ASP A 110 6.44 -0.65 -10.30
CA ASP A 110 5.79 -1.85 -10.80
C ASP A 110 6.79 -2.72 -11.55
N GLY A 111 7.02 -3.94 -11.05
CA GLY A 111 7.93 -4.88 -11.67
C GLY A 111 9.40 -4.61 -11.29
N ALA A 112 9.64 -3.62 -10.43
CA ALA A 112 10.98 -3.28 -9.97
C ALA A 112 11.53 -4.37 -9.04
N VAL A 113 12.72 -4.13 -8.49
CA VAL A 113 13.40 -5.07 -7.61
C VAL A 113 14.06 -4.31 -6.46
N LEU A 114 13.61 -4.54 -5.22
CA LEU A 114 14.18 -3.84 -4.08
C LEU A 114 15.33 -4.60 -3.41
N ASP A 115 15.44 -5.91 -3.64
CA ASP A 115 16.44 -6.73 -2.99
C ASP A 115 16.75 -8.03 -3.74
N GLY A 116 15.87 -8.45 -4.65
CA GLY A 116 16.05 -9.70 -5.41
C GLY A 116 14.71 -10.32 -5.82
N ARG A 117 13.60 -9.74 -5.36
CA ARG A 117 12.26 -10.16 -5.76
C ARG A 117 11.61 -9.06 -6.58
N GLU A 118 10.29 -9.03 -6.62
CA GLU A 118 9.55 -8.09 -7.45
C GLU A 118 8.64 -7.22 -6.59
N LEU A 119 8.21 -6.09 -7.15
CA LEU A 119 7.26 -5.20 -6.51
C LEU A 119 6.04 -5.07 -7.42
N ARG A 120 4.93 -4.62 -6.84
CA ARG A 120 3.68 -4.43 -7.57
C ARG A 120 3.03 -3.14 -7.10
N VAL A 121 2.53 -2.37 -8.05
CA VAL A 121 1.92 -1.07 -7.79
C VAL A 121 0.88 -0.81 -8.88
N GLN A 122 -0.39 -0.66 -8.48
CA GLN A 122 -1.48 -0.43 -9.42
C GLN A 122 -2.68 0.16 -8.70
N MET A 123 -3.65 0.67 -9.46
CA MET A 123 -4.85 1.28 -8.90
C MET A 123 -5.65 0.25 -8.11
N ALA A 124 -6.31 0.69 -7.04
CA ALA A 124 -7.05 -0.21 -6.15
C ALA A 124 -8.47 -0.44 -6.64
N ARG A 125 -9.21 -1.29 -5.91
CA ARG A 125 -10.61 -1.59 -6.21
C ARG A 125 -11.42 -1.74 -4.92
N TYR A 126 -12.71 -2.08 -5.05
CA TYR A 126 -13.65 -2.16 -3.94
C TYR A 126 -13.68 -0.86 -3.12
N GLY A 127 -14.27 -0.93 -1.92
CA GLY A 127 -14.35 0.20 -1.01
C GLY A 127 -14.04 -0.24 0.44
N ARG A 128 -13.44 -1.42 0.57
CA ARG A 128 -12.98 -2.13 1.76
C ARG A 128 -13.72 -3.47 1.86
N PRO A 129 -13.04 -4.50 2.36
CA PRO A 129 -13.57 -5.85 2.48
C PRO A 129 -14.71 -5.89 3.50
N PRO A 130 -15.88 -6.41 3.11
CA PRO A 130 -17.06 -6.46 3.94
C PRO A 130 -17.11 -7.66 4.89
N ASP A 131 -16.20 -8.63 4.73
CA ASP A 131 -16.28 -9.87 5.49
C ASP A 131 -14.91 -10.47 5.82
N SER A 132 -13.85 -9.66 5.74
CA SER A 132 -12.51 -10.12 6.07
C SER A 132 -12.36 -10.39 7.56
N HIS A 133 -13.25 -9.83 8.38
CA HIS A 133 -13.13 -9.93 9.82
C HIS A 133 -14.49 -9.86 10.50
N HIS A 134 -14.51 -10.11 11.81
CA HIS A 134 -15.73 -10.13 12.60
C HIS A 134 -15.45 -9.64 14.02
N SER A 135 -16.50 -9.52 14.85
CA SER A 135 -16.38 -9.07 16.22
C SER A 135 -17.51 -9.66 17.06
N MET A 35 2.44 2.35 17.19
CA MET A 35 1.57 2.75 16.06
C MET A 35 2.42 3.18 14.87
N SER A 36 1.91 2.97 13.66
CA SER A 36 2.59 3.35 12.42
C SER A 36 1.60 3.78 11.34
N TYR A 37 0.30 3.70 11.62
CA TYR A 37 -0.76 4.09 10.70
C TYR A 37 -1.77 5.03 11.36
N GLY A 38 -2.81 5.36 10.58
CA GLY A 38 -3.94 6.14 11.02
C GLY A 38 -5.08 5.96 10.02
N ARG A 39 -6.28 6.38 10.39
CA ARG A 39 -7.47 6.22 9.57
C ARG A 39 -7.29 6.87 8.20
N PRO A 40 -7.92 6.29 7.17
CA PRO A 40 -7.96 6.84 5.83
C PRO A 40 -8.89 8.04 5.79
N PRO A 41 -8.83 8.87 4.74
CA PRO A 41 -9.69 10.02 4.59
C PRO A 41 -11.12 9.58 4.29
N PRO A 42 -12.10 10.43 4.59
CA PRO A 42 -13.52 10.14 4.38
C PRO A 42 -13.97 10.40 2.95
N ASP A 43 -13.03 10.57 2.01
CA ASP A 43 -13.36 10.97 0.65
C ASP A 43 -12.54 10.18 -0.38
N VAL A 44 -12.15 8.96 -0.04
CA VAL A 44 -11.40 8.09 -0.95
C VAL A 44 -12.14 7.91 -2.28
N GLU A 45 -13.47 8.05 -2.26
CA GLU A 45 -14.31 7.89 -3.45
C GLU A 45 -14.18 9.08 -4.39
N GLY A 46 -13.35 10.06 -4.05
CA GLY A 46 -13.18 11.28 -4.83
C GLY A 46 -11.77 11.42 -5.38
N MET A 47 -10.90 10.43 -5.16
CA MET A 47 -9.53 10.45 -5.64
C MET A 47 -9.10 9.05 -6.09
N THR A 48 -7.88 8.94 -6.64
CA THR A 48 -7.32 7.67 -7.05
C THR A 48 -6.95 6.83 -5.82
N SER A 49 -6.51 5.59 -6.06
CA SER A 49 -6.24 4.60 -5.02
C SER A 49 -5.11 3.67 -5.47
N LEU A 50 -4.01 4.26 -5.94
CA LEU A 50 -2.88 3.53 -6.50
C LEU A 50 -2.21 2.68 -5.43
N LYS A 51 -2.51 1.38 -5.37
CA LYS A 51 -1.99 0.54 -4.29
C LYS A 51 -0.67 -0.12 -4.65
N VAL A 52 -0.05 -0.77 -3.67
CA VAL A 52 1.31 -1.33 -3.77
C VAL A 52 1.43 -2.59 -2.92
N ASP A 53 2.12 -3.61 -3.45
CA ASP A 53 2.32 -4.89 -2.78
C ASP A 53 3.60 -5.59 -3.26
N ASN A 54 3.93 -6.73 -2.61
CA ASN A 54 4.95 -7.69 -3.01
C ASN A 54 6.27 -7.59 -2.22
N LEU A 55 6.27 -6.94 -1.05
CA LEU A 55 7.46 -6.79 -0.22
C LEU A 55 8.10 -8.13 0.18
N THR A 56 9.23 -8.07 0.88
CA THR A 56 9.95 -9.25 1.34
C THR A 56 9.57 -9.59 2.77
N TYR A 57 9.98 -10.79 3.22
CA TYR A 57 9.76 -11.25 4.59
C TYR A 57 10.61 -10.46 5.59
N ARG A 58 11.30 -9.41 5.14
CA ARG A 58 12.17 -8.60 5.99
C ARG A 58 11.84 -7.11 5.86
N THR A 59 10.96 -6.74 4.91
CA THR A 59 10.52 -5.37 4.73
C THR A 59 9.60 -4.96 5.89
N SER A 60 9.41 -3.65 6.08
CA SER A 60 8.54 -3.12 7.11
C SER A 60 7.77 -1.92 6.55
N PRO A 61 6.60 -1.60 7.12
CA PRO A 61 5.72 -0.56 6.61
C PRO A 61 6.28 0.83 6.85
N ASP A 62 7.19 0.99 7.81
CA ASP A 62 7.81 2.28 8.06
C ASP A 62 8.81 2.54 6.94
N THR A 63 9.36 1.47 6.38
CA THR A 63 10.30 1.57 5.29
C THR A 63 9.55 1.96 4.04
N LEU A 64 8.46 1.24 3.74
CA LEU A 64 7.67 1.53 2.55
C LEU A 64 7.07 2.92 2.63
N ARG A 65 6.77 3.40 3.84
CA ARG A 65 6.19 4.72 4.02
C ARG A 65 7.17 5.77 3.52
N ARG A 66 8.45 5.65 3.86
CA ARG A 66 9.46 6.61 3.46
C ARG A 66 9.92 6.36 2.02
N VAL A 67 10.07 5.08 1.67
CA VAL A 67 10.47 4.63 0.35
C VAL A 67 9.48 5.10 -0.71
N PHE A 68 8.19 5.22 -0.36
CA PHE A 68 7.18 5.64 -1.32
C PHE A 68 6.78 7.09 -1.12
N GLU A 69 7.20 7.71 -0.01
CA GLU A 69 6.88 9.10 0.24
C GLU A 69 7.69 10.01 -0.70
N LYS A 70 8.83 9.52 -1.20
CA LYS A 70 9.68 10.30 -2.11
C LYS A 70 9.01 10.52 -3.46
N TYR A 71 8.05 9.67 -3.81
CA TYR A 71 7.30 9.77 -5.05
C TYR A 71 6.26 10.90 -4.97
N GLY A 72 6.05 11.45 -3.76
CA GLY A 72 5.18 12.59 -3.56
C GLY A 72 4.68 12.60 -2.12
N ARG A 73 3.64 11.80 -1.88
CA ARG A 73 3.11 11.52 -0.56
C ARG A 73 2.23 10.29 -0.66
N VAL A 74 2.50 9.27 0.17
CA VAL A 74 1.60 8.13 0.22
C VAL A 74 0.28 8.64 0.79
N GLY A 75 -0.84 8.28 0.17
CA GLY A 75 -2.15 8.69 0.66
C GLY A 75 -2.54 7.82 1.85
N ASP A 76 -1.96 6.61 1.92
CA ASP A 76 -2.15 5.69 3.03
C ASP A 76 -1.11 4.57 2.95
N VAL A 77 -1.01 3.77 4.01
CA VAL A 77 -0.16 2.59 4.04
C VAL A 77 -0.73 1.63 5.08
N TYR A 78 -0.69 0.33 4.79
CA TYR A 78 -1.25 -0.68 5.69
C TYR A 78 -0.64 -2.06 5.43
N ILE A 79 -0.78 -2.95 6.40
CA ILE A 79 -0.43 -4.36 6.28
C ILE A 79 -1.50 -5.14 7.03
N PRO A 80 -2.56 -5.53 6.33
CA PRO A 80 -3.72 -6.15 6.93
C PRO A 80 -3.51 -7.60 7.29
N ARG A 81 -2.44 -8.19 6.76
CA ARG A 81 -2.09 -9.61 6.90
C ARG A 81 -3.35 -10.45 7.15
N ASP A 82 -3.53 -10.97 8.37
CA ASP A 82 -4.76 -11.61 8.80
C ASP A 82 -4.96 -11.32 10.28
N ARG A 83 -6.16 -10.84 10.60
CA ARG A 83 -6.53 -10.36 11.93
C ARG A 83 -6.78 -11.51 12.91
N TYR A 84 -6.30 -12.72 12.59
CA TYR A 84 -6.51 -13.89 13.43
C TYR A 84 -5.26 -14.76 13.53
N THR A 85 -4.25 -14.50 12.69
CA THR A 85 -3.03 -15.30 12.64
C THR A 85 -1.79 -14.40 12.62
N LYS A 86 -1.97 -13.12 12.26
CA LYS A 86 -0.95 -12.10 12.25
C LYS A 86 0.39 -12.57 11.65
N GLU A 87 0.34 -13.45 10.64
CA GLU A 87 1.55 -14.00 10.04
C GLU A 87 1.53 -13.91 8.51
N SER A 88 0.54 -13.22 7.96
CA SER A 88 0.39 -13.05 6.52
C SER A 88 1.07 -11.76 6.06
N ARG A 89 2.11 -11.34 6.78
CA ARG A 89 2.93 -10.17 6.48
C ARG A 89 3.61 -10.28 5.11
N GLY A 90 3.31 -11.35 4.36
CA GLY A 90 3.87 -11.62 3.03
C GLY A 90 3.61 -10.51 2.01
N PHE A 91 2.81 -9.49 2.35
CA PHE A 91 2.56 -8.37 1.47
C PHE A 91 2.24 -7.09 2.25
N ALA A 92 2.00 -6.01 1.52
CA ALA A 92 1.69 -4.70 2.09
C ALA A 92 0.67 -3.99 1.22
N PHE A 93 0.28 -2.78 1.64
CA PHE A 93 -0.75 -2.01 0.97
C PHE A 93 -0.46 -0.51 1.05
N VAL A 94 0.59 -0.03 0.38
CA VAL A 94 0.81 1.42 0.30
C VAL A 94 -0.20 1.94 -0.71
N ARG A 95 -0.57 3.22 -0.62
CA ARG A 95 -1.53 3.79 -1.57
C ARG A 95 -1.26 5.28 -1.79
N PHE A 96 -1.79 5.82 -2.91
CA PHE A 96 -1.75 7.24 -3.22
C PHE A 96 -3.12 7.73 -3.65
N HIS A 97 -3.30 9.06 -3.62
CA HIS A 97 -4.58 9.71 -3.88
C HIS A 97 -4.44 10.91 -4.80
N ASP A 98 -3.30 11.01 -5.49
CA ASP A 98 -3.09 12.03 -6.50
C ASP A 98 -2.47 11.37 -7.72
N LYS A 99 -3.04 11.65 -8.90
CA LYS A 99 -2.68 10.96 -10.13
C LYS A 99 -1.22 11.15 -10.52
N ARG A 100 -0.60 12.28 -10.19
CA ARG A 100 0.76 12.53 -10.66
C ARG A 100 1.76 11.68 -9.88
N ASP A 101 1.53 11.53 -8.58
CA ASP A 101 2.39 10.71 -7.74
C ASP A 101 2.05 9.23 -7.97
N ALA A 102 0.80 8.95 -8.31
CA ALA A 102 0.34 7.59 -8.57
C ALA A 102 0.93 7.04 -9.86
N GLU A 103 0.92 7.82 -10.94
CA GLU A 103 1.44 7.32 -12.21
C GLU A 103 2.95 7.15 -12.16
N ASP A 104 3.66 8.00 -11.40
CA ASP A 104 5.10 7.84 -11.25
C ASP A 104 5.42 6.66 -10.35
N ALA A 105 4.63 6.46 -9.29
CA ALA A 105 4.88 5.41 -8.32
C ALA A 105 4.85 4.04 -8.99
N MET A 106 4.00 3.84 -10.01
CA MET A 106 3.95 2.54 -10.67
C MET A 106 4.93 2.49 -11.84
N ASP A 107 5.22 3.64 -12.45
CA ASP A 107 6.15 3.72 -13.56
C ASP A 107 7.58 3.44 -13.10
N ALA A 108 7.80 3.38 -11.78
CA ALA A 108 9.13 3.16 -11.22
C ALA A 108 9.16 2.08 -10.13
N MET A 109 8.00 1.58 -9.69
CA MET A 109 7.96 0.48 -8.72
C MET A 109 7.23 -0.75 -9.23
N ASP A 110 6.40 -0.65 -10.27
CA ASP A 110 5.69 -1.83 -10.78
C ASP A 110 6.62 -2.73 -11.61
N GLY A 111 7.76 -3.10 -11.01
CA GLY A 111 8.81 -3.88 -11.65
C GLY A 111 10.16 -3.74 -10.95
N ALA A 112 10.22 -3.01 -9.83
CA ALA A 112 11.47 -2.80 -9.10
C ALA A 112 11.86 -4.05 -8.31
N VAL A 113 12.94 -3.94 -7.51
CA VAL A 113 13.40 -5.02 -6.66
C VAL A 113 13.76 -4.47 -5.29
N LEU A 114 13.10 -4.97 -4.24
CA LEU A 114 13.32 -4.52 -2.88
C LEU A 114 14.69 -5.00 -2.40
N ASP A 115 14.91 -6.32 -2.45
CA ASP A 115 16.18 -6.92 -2.05
C ASP A 115 16.49 -8.21 -2.83
N GLY A 116 15.60 -8.64 -3.73
CA GLY A 116 15.82 -9.85 -4.51
C GLY A 116 14.55 -10.39 -5.19
N ARG A 117 13.38 -9.82 -4.88
CA ARG A 117 12.13 -10.17 -5.55
C ARG A 117 11.53 -8.92 -6.19
N GLU A 118 10.33 -9.06 -6.74
CA GLU A 118 9.70 -8.02 -7.53
C GLU A 118 8.84 -7.10 -6.66
N LEU A 119 8.36 -6.01 -7.25
CA LEU A 119 7.37 -5.14 -6.63
C LEU A 119 6.15 -5.06 -7.55
N ARG A 120 5.03 -4.61 -7.00
CA ARG A 120 3.78 -4.51 -7.71
C ARG A 120 3.05 -3.26 -7.28
N VAL A 121 2.54 -2.50 -8.26
CA VAL A 121 1.86 -1.23 -8.00
C VAL A 121 0.82 -1.01 -9.11
N GLN A 122 -0.43 -0.77 -8.73
CA GLN A 122 -1.51 -0.58 -9.69
C GLN A 122 -2.74 0.03 -9.01
N MET A 123 -3.68 0.53 -9.82
CA MET A 123 -4.88 1.18 -9.31
C MET A 123 -5.76 0.17 -8.57
N ALA A 124 -6.50 0.63 -7.56
CA ALA A 124 -7.39 -0.21 -6.79
C ALA A 124 -8.70 -0.47 -7.54
N ARG A 125 -9.62 -1.19 -6.88
CA ARG A 125 -10.93 -1.52 -7.42
C ARG A 125 -12.03 -1.40 -6.36
N TYR A 126 -11.63 -1.23 -5.10
CA TYR A 126 -12.56 -1.08 -3.99
C TYR A 126 -12.12 0.07 -3.08
N GLY A 127 -12.94 0.38 -2.08
CA GLY A 127 -12.59 1.34 -1.04
C GLY A 127 -12.24 0.60 0.25
N ARG A 128 -12.82 -0.59 0.43
CA ARG A 128 -12.54 -1.52 1.50
C ARG A 128 -12.90 -2.91 1.01
N PRO A 129 -12.28 -3.94 1.58
CA PRO A 129 -12.58 -5.34 1.35
C PRO A 129 -14.06 -5.62 1.65
N PRO A 130 -14.69 -6.53 0.90
CA PRO A 130 -16.11 -6.78 0.96
C PRO A 130 -16.55 -7.66 2.14
N ASP A 131 -15.65 -8.45 2.73
CA ASP A 131 -16.05 -9.37 3.79
C ASP A 131 -14.88 -9.82 4.68
N SER A 132 -13.76 -9.10 4.67
CA SER A 132 -12.61 -9.46 5.47
C SER A 132 -12.85 -9.27 6.96
N HIS A 133 -13.92 -8.55 7.33
CA HIS A 133 -14.26 -8.34 8.73
C HIS A 133 -15.77 -8.17 8.89
N HIS A 134 -16.27 -8.54 10.07
CA HIS A 134 -17.70 -8.52 10.38
C HIS A 134 -17.90 -8.62 11.89
N SER A 135 -19.15 -8.42 12.32
CA SER A 135 -19.53 -8.45 13.74
C SER A 135 -20.93 -9.03 13.90
N MET A 35 6.70 3.58 15.53
CA MET A 35 5.77 4.29 14.64
C MET A 35 4.32 3.88 14.94
N SER A 36 3.37 4.43 14.20
CA SER A 36 1.95 4.15 14.38
C SER A 36 1.21 4.40 13.08
N TYR A 37 -0.08 4.03 13.03
CA TYR A 37 -0.90 4.14 11.84
C TYR A 37 -2.34 4.50 12.20
N GLY A 38 -3.15 4.76 11.18
CA GLY A 38 -4.52 5.19 11.38
C GLY A 38 -5.37 5.03 10.12
N ARG A 39 -6.67 5.33 10.23
CA ARG A 39 -7.64 5.21 9.16
C ARG A 39 -7.17 5.95 7.90
N PRO A 40 -7.59 5.45 6.73
CA PRO A 40 -7.42 6.13 5.44
C PRO A 40 -7.94 7.56 5.48
N PRO A 41 -7.50 8.42 4.55
CA PRO A 41 -7.96 9.79 4.45
C PRO A 41 -9.49 9.90 4.41
N PRO A 42 -10.05 11.01 4.90
CA PRO A 42 -11.49 11.22 5.00
C PRO A 42 -12.14 11.62 3.68
N ASP A 43 -11.40 11.57 2.57
CA ASP A 43 -11.91 12.04 1.29
C ASP A 43 -11.48 11.12 0.13
N VAL A 44 -11.10 9.88 0.45
CA VAL A 44 -10.75 8.91 -0.59
C VAL A 44 -11.92 8.60 -1.52
N GLU A 45 -13.13 9.03 -1.16
CA GLU A 45 -14.33 8.82 -1.95
C GLU A 45 -14.50 9.92 -3.00
N GLY A 46 -13.53 10.83 -3.09
CA GLY A 46 -13.58 11.96 -4.01
C GLY A 46 -12.24 12.23 -4.69
N MET A 47 -11.32 11.27 -4.64
CA MET A 47 -10.00 11.38 -5.27
C MET A 47 -9.60 10.04 -5.86
N THR A 48 -8.53 10.04 -6.67
CA THR A 48 -8.02 8.82 -7.28
C THR A 48 -7.40 7.90 -6.22
N SER A 49 -6.94 6.72 -6.63
CA SER A 49 -6.34 5.76 -5.73
C SER A 49 -5.32 4.89 -6.46
N LEU A 50 -4.32 4.43 -5.71
CA LEU A 50 -3.30 3.50 -6.16
C LEU A 50 -2.99 2.58 -4.99
N LYS A 51 -2.54 1.34 -5.24
CA LYS A 51 -2.05 0.50 -4.15
C LYS A 51 -0.70 -0.11 -4.49
N VAL A 52 -0.04 -0.65 -3.46
CA VAL A 52 1.30 -1.22 -3.54
C VAL A 52 1.36 -2.49 -2.71
N ASP A 53 1.93 -3.55 -3.28
CA ASP A 53 1.97 -4.88 -2.69
C ASP A 53 3.20 -5.66 -3.18
N ASN A 54 3.25 -6.95 -2.80
CA ASN A 54 4.36 -7.85 -3.07
C ASN A 54 5.70 -7.31 -2.56
N LEU A 55 6.06 -7.66 -1.32
CA LEU A 55 7.32 -7.25 -0.72
C LEU A 55 8.10 -8.45 -0.19
N THR A 56 9.32 -8.22 0.31
CA THR A 56 10.19 -9.29 0.80
C THR A 56 9.87 -9.67 2.25
N TYR A 57 10.45 -10.78 2.71
CA TYR A 57 10.31 -11.23 4.08
C TYR A 57 11.09 -10.32 5.05
N ARG A 58 11.62 -9.19 4.56
CA ARG A 58 12.42 -8.27 5.35
C ARG A 58 11.92 -6.84 5.23
N THR A 59 10.97 -6.58 4.31
CA THR A 59 10.37 -5.26 4.18
C THR A 59 9.47 -4.99 5.40
N SER A 60 9.14 -3.73 5.65
CA SER A 60 8.34 -3.32 6.81
C SER A 60 7.45 -2.14 6.43
N PRO A 61 6.39 -1.85 7.19
CA PRO A 61 5.47 -0.78 6.86
C PRO A 61 6.09 0.61 7.06
N ASP A 62 7.12 0.72 7.92
CA ASP A 62 7.76 2.01 8.15
C ASP A 62 8.67 2.39 6.97
N THR A 63 9.29 1.39 6.33
CA THR A 63 10.09 1.70 5.15
C THR A 63 9.15 2.15 4.06
N LEU A 64 8.09 1.40 3.80
CA LEU A 64 7.23 1.70 2.67
C LEU A 64 6.64 3.11 2.78
N ARG A 65 6.45 3.62 3.99
CA ARG A 65 5.99 5.00 4.16
C ARG A 65 7.06 5.96 3.64
N ARG A 66 8.33 5.75 4.00
CA ARG A 66 9.39 6.68 3.66
C ARG A 66 9.89 6.50 2.22
N VAL A 67 10.10 5.24 1.81
CA VAL A 67 10.63 4.89 0.50
C VAL A 67 9.64 5.25 -0.62
N PHE A 68 8.34 5.35 -0.31
CA PHE A 68 7.34 5.80 -1.27
C PHE A 68 7.01 7.28 -1.12
N GLU A 69 7.35 7.90 0.01
CA GLU A 69 7.09 9.32 0.22
C GLU A 69 7.77 10.17 -0.86
N LYS A 70 8.92 9.70 -1.36
CA LYS A 70 9.73 10.45 -2.33
C LYS A 70 9.03 10.60 -3.67
N TYR A 71 8.08 9.72 -3.95
CA TYR A 71 7.30 9.76 -5.19
C TYR A 71 6.25 10.87 -5.13
N GLY A 72 6.02 11.43 -3.94
CA GLY A 72 5.18 12.61 -3.79
C GLY A 72 4.57 12.67 -2.41
N ARG A 73 3.59 11.80 -2.17
CA ARG A 73 2.89 11.72 -0.89
C ARG A 73 2.10 10.42 -0.84
N VAL A 74 2.49 9.50 0.04
CA VAL A 74 1.66 8.31 0.24
C VAL A 74 0.35 8.81 0.85
N GLY A 75 -0.78 8.38 0.30
CA GLY A 75 -2.08 8.76 0.84
C GLY A 75 -2.39 7.90 2.07
N ASP A 76 -1.77 6.72 2.13
CA ASP A 76 -1.96 5.80 3.25
C ASP A 76 -0.93 4.68 3.20
N VAL A 77 -0.88 3.86 4.26
CA VAL A 77 0.02 2.73 4.38
C VAL A 77 -0.58 1.71 5.35
N TYR A 78 -0.62 0.44 4.95
CA TYR A 78 -1.24 -0.61 5.75
C TYR A 78 -0.63 -1.99 5.51
N ILE A 79 -0.86 -2.91 6.46
CA ILE A 79 -0.49 -4.33 6.36
C ILE A 79 -1.59 -5.12 7.10
N PRO A 80 -2.57 -5.65 6.35
CA PRO A 80 -3.77 -6.29 6.88
C PRO A 80 -3.58 -7.47 7.83
N ARG A 81 -2.36 -7.94 8.01
CA ARG A 81 -2.05 -9.15 8.79
C ARG A 81 -3.21 -10.16 8.72
N ASP A 82 -3.83 -10.48 9.86
CA ASP A 82 -4.90 -11.44 9.96
C ASP A 82 -5.96 -11.00 10.97
N ARG A 83 -5.80 -9.79 11.50
CA ARG A 83 -6.54 -9.17 12.62
C ARG A 83 -6.80 -10.07 13.82
N TYR A 84 -6.23 -11.28 13.86
CA TYR A 84 -6.41 -12.19 14.99
C TYR A 84 -5.15 -12.99 15.30
N THR A 85 -4.23 -13.13 14.34
CA THR A 85 -3.06 -13.97 14.51
C THR A 85 -1.77 -13.21 14.15
N LYS A 86 -1.93 -12.02 13.54
CA LYS A 86 -0.85 -11.07 13.30
C LYS A 86 0.44 -11.71 12.79
N GLU A 87 0.36 -12.64 11.84
CA GLU A 87 1.55 -13.35 11.37
C GLU A 87 1.58 -13.52 9.85
N SER A 88 0.66 -12.91 9.10
CA SER A 88 0.66 -13.03 7.65
C SER A 88 1.94 -12.46 7.06
N ARG A 89 2.36 -11.31 7.61
CA ARG A 89 3.58 -10.57 7.30
C ARG A 89 4.27 -11.01 6.00
N GLY A 90 3.61 -10.76 4.87
CA GLY A 90 4.12 -11.15 3.57
C GLY A 90 3.74 -10.17 2.45
N PHE A 91 2.93 -9.16 2.76
CA PHE A 91 2.55 -8.14 1.79
C PHE A 91 2.18 -6.85 2.52
N ALA A 92 1.82 -5.81 1.74
CA ALA A 92 1.43 -4.53 2.29
C ALA A 92 0.41 -3.87 1.37
N PHE A 93 -0.03 -2.67 1.76
CA PHE A 93 -1.01 -1.89 1.03
C PHE A 93 -0.74 -0.40 1.22
N VAL A 94 0.27 0.14 0.53
CA VAL A 94 0.47 1.59 0.52
C VAL A 94 -0.50 2.16 -0.52
N ARG A 95 -0.85 3.44 -0.44
CA ARG A 95 -1.74 4.04 -1.41
C ARG A 95 -1.33 5.47 -1.73
N PHE A 96 -1.82 5.97 -2.88
CA PHE A 96 -1.73 7.38 -3.25
C PHE A 96 -3.11 7.87 -3.61
N HIS A 97 -3.26 9.20 -3.71
CA HIS A 97 -4.55 9.83 -3.94
C HIS A 97 -4.46 11.00 -4.92
N ASP A 98 -3.34 11.10 -5.62
CA ASP A 98 -3.16 12.10 -6.68
C ASP A 98 -2.53 11.41 -7.89
N LYS A 99 -3.06 11.70 -9.08
CA LYS A 99 -2.69 10.99 -10.30
C LYS A 99 -1.22 11.17 -10.65
N ARG A 100 -0.64 12.35 -10.42
CA ARG A 100 0.73 12.58 -10.87
C ARG A 100 1.72 11.75 -10.06
N ASP A 101 1.49 11.66 -8.75
CA ASP A 101 2.36 10.88 -7.87
C ASP A 101 2.07 9.40 -8.03
N ALA A 102 0.83 9.05 -8.37
CA ALA A 102 0.44 7.66 -8.53
C ALA A 102 0.97 7.07 -9.83
N GLU A 103 0.98 7.85 -10.91
CA GLU A 103 1.47 7.34 -12.19
C GLU A 103 2.97 7.17 -12.17
N ASP A 104 3.70 8.02 -11.43
CA ASP A 104 5.14 7.83 -11.30
C ASP A 104 5.45 6.65 -10.37
N ALA A 105 4.66 6.49 -9.32
CA ALA A 105 4.88 5.44 -8.34
C ALA A 105 4.85 4.07 -8.99
N MET A 106 3.99 3.86 -9.98
CA MET A 106 3.92 2.56 -10.63
C MET A 106 4.91 2.48 -11.79
N ASP A 107 5.22 3.61 -12.42
CA ASP A 107 6.16 3.65 -13.53
C ASP A 107 7.60 3.38 -13.05
N ALA A 108 7.81 3.33 -11.73
CA ALA A 108 9.13 3.10 -11.18
C ALA A 108 9.18 2.05 -10.08
N MET A 109 8.02 1.54 -9.62
CA MET A 109 7.97 0.45 -8.65
C MET A 109 7.27 -0.79 -9.19
N ASP A 110 6.34 -0.66 -10.15
CA ASP A 110 5.67 -1.85 -10.66
C ASP A 110 6.65 -2.72 -11.44
N GLY A 111 6.74 -4.00 -11.07
CA GLY A 111 7.60 -4.96 -11.74
C GLY A 111 9.06 -4.84 -11.32
N ALA A 112 9.37 -3.91 -10.41
CA ALA A 112 10.73 -3.70 -9.91
C ALA A 112 11.17 -4.87 -9.02
N VAL A 113 12.37 -4.75 -8.45
CA VAL A 113 12.96 -5.77 -7.60
C VAL A 113 13.56 -5.11 -6.37
N LEU A 114 13.44 -5.77 -5.20
CA LEU A 114 13.97 -5.24 -3.95
C LEU A 114 15.22 -6.00 -3.51
N ASP A 115 15.12 -7.33 -3.44
CA ASP A 115 16.24 -8.17 -3.01
C ASP A 115 16.37 -9.42 -3.88
N GLY A 116 15.43 -9.63 -4.82
CA GLY A 116 15.48 -10.77 -5.72
C GLY A 116 14.10 -11.24 -6.17
N ARG A 117 13.03 -10.67 -5.58
CA ARG A 117 11.67 -10.96 -5.96
C ARG A 117 11.05 -9.75 -6.66
N GLU A 118 9.74 -9.74 -6.81
CA GLU A 118 9.04 -8.73 -7.58
C GLU A 118 8.36 -7.74 -6.65
N LEU A 119 8.00 -6.58 -7.20
CA LEU A 119 7.28 -5.54 -6.51
C LEU A 119 6.08 -5.17 -7.38
N ARG A 120 4.98 -4.71 -6.77
CA ARG A 120 3.74 -4.50 -7.49
C ARG A 120 3.05 -3.22 -7.04
N VAL A 121 2.55 -2.47 -8.02
CA VAL A 121 1.88 -1.19 -7.81
C VAL A 121 0.87 -0.98 -8.94
N GLN A 122 -0.40 -0.75 -8.60
CA GLN A 122 -1.44 -0.51 -9.59
C GLN A 122 -2.68 0.09 -8.92
N MET A 123 -3.60 0.63 -9.73
CA MET A 123 -4.80 1.29 -9.23
C MET A 123 -5.67 0.31 -8.44
N ALA A 124 -6.31 0.82 -7.38
CA ALA A 124 -7.18 0.01 -6.52
C ALA A 124 -8.50 -0.34 -7.21
N ARG A 125 -9.35 -1.11 -6.53
CA ARG A 125 -10.65 -1.51 -7.07
C ARG A 125 -11.78 -1.43 -6.04
N TYR A 126 -11.41 -1.33 -4.75
CA TYR A 126 -12.38 -1.23 -3.67
C TYR A 126 -11.95 -0.14 -2.68
N GLY A 127 -12.81 0.16 -1.71
CA GLY A 127 -12.48 1.07 -0.63
C GLY A 127 -12.17 0.28 0.64
N ARG A 128 -12.86 -0.85 0.82
CA ARG A 128 -12.63 -1.82 1.87
C ARG A 128 -13.15 -3.17 1.39
N PRO A 129 -12.48 -4.26 1.78
CA PRO A 129 -12.86 -5.62 1.50
C PRO A 129 -14.19 -5.94 2.17
N PRO A 130 -15.20 -6.34 1.38
CA PRO A 130 -16.55 -6.63 1.86
C PRO A 130 -16.67 -8.02 2.47
N ASP A 131 -15.58 -8.79 2.48
CA ASP A 131 -15.60 -10.19 2.90
C ASP A 131 -14.38 -10.56 3.75
N SER A 132 -13.87 -9.60 4.55
CA SER A 132 -12.72 -9.85 5.42
C SER A 132 -12.98 -9.46 6.86
N HIS A 133 -13.99 -8.61 7.10
CA HIS A 133 -14.33 -8.17 8.45
C HIS A 133 -15.75 -7.58 8.46
N HIS A 134 -16.47 -7.75 9.56
CA HIS A 134 -17.87 -7.31 9.66
C HIS A 134 -18.27 -6.92 11.08
N SER A 135 -17.35 -6.96 12.05
CA SER A 135 -17.66 -6.70 13.45
C SER A 135 -16.50 -6.00 14.15
N MET A 35 3.07 3.79 18.05
CA MET A 35 2.04 4.03 17.02
C MET A 35 2.59 4.90 15.91
N SER A 36 2.34 4.52 14.65
CA SER A 36 2.86 5.23 13.49
C SER A 36 1.87 5.23 12.34
N TYR A 37 0.62 4.80 12.59
CA TYR A 37 -0.42 4.70 11.57
C TYR A 37 -1.76 5.15 12.14
N GLY A 38 -2.81 5.15 11.29
CA GLY A 38 -4.12 5.59 11.72
C GLY A 38 -5.20 5.20 10.73
N ARG A 39 -6.45 5.45 11.09
CA ARG A 39 -7.61 5.15 10.26
C ARG A 39 -7.54 5.88 8.92
N PRO A 40 -8.19 5.33 7.89
CA PRO A 40 -8.27 5.90 6.56
C PRO A 40 -9.19 7.13 6.55
N PRO A 41 -9.07 7.99 5.53
CA PRO A 41 -9.90 9.17 5.39
C PRO A 41 -11.32 8.76 4.99
N PRO A 42 -12.30 9.65 5.21
CA PRO A 42 -13.71 9.40 4.92
C PRO A 42 -14.04 9.60 3.43
N ASP A 43 -13.03 9.58 2.55
CA ASP A 43 -13.22 9.90 1.14
C ASP A 43 -12.46 8.95 0.23
N VAL A 44 -12.14 7.75 0.71
CA VAL A 44 -11.47 6.72 -0.08
C VAL A 44 -12.33 6.22 -1.24
N GLU A 45 -13.46 6.89 -1.52
CA GLU A 45 -14.38 6.50 -2.58
C GLU A 45 -14.64 7.69 -3.50
N GLY A 46 -13.84 8.75 -3.34
CA GLY A 46 -13.96 9.98 -4.11
C GLY A 46 -12.59 10.55 -4.50
N MET A 47 -11.55 9.71 -4.44
CA MET A 47 -10.19 10.09 -4.78
C MET A 47 -9.48 8.95 -5.51
N THR A 48 -8.31 9.24 -6.08
CA THR A 48 -7.47 8.23 -6.71
C THR A 48 -7.01 7.22 -5.66
N SER A 49 -6.59 6.03 -6.11
CA SER A 49 -6.10 4.98 -5.23
C SER A 49 -5.09 4.14 -5.99
N LEU A 50 -3.89 4.00 -5.42
CA LEU A 50 -2.83 3.19 -6.02
C LEU A 50 -2.23 2.24 -5.00
N LYS A 51 -2.74 1.00 -4.96
CA LYS A 51 -2.26 -0.07 -4.08
C LYS A 51 -0.82 -0.46 -4.44
N VAL A 52 -0.04 -0.86 -3.44
CA VAL A 52 1.33 -1.31 -3.56
C VAL A 52 1.49 -2.57 -2.73
N ASP A 53 2.19 -3.57 -3.27
CA ASP A 53 2.31 -4.90 -2.67
C ASP A 53 3.65 -5.56 -2.99
N ASN A 54 3.78 -6.83 -2.57
CA ASN A 54 4.98 -7.63 -2.65
C ASN A 54 6.05 -7.15 -1.68
N LEU A 55 6.07 -7.74 -0.48
CA LEU A 55 7.03 -7.47 0.60
C LEU A 55 7.87 -8.69 0.94
N THR A 56 8.91 -8.47 1.76
CA THR A 56 9.60 -9.58 2.41
C THR A 56 9.31 -9.57 3.91
N TYR A 57 9.65 -10.68 4.56
CA TYR A 57 9.59 -10.82 6.01
C TYR A 57 10.71 -10.00 6.68
N ARG A 58 11.46 -9.23 5.89
CA ARG A 58 12.54 -8.37 6.37
C ARG A 58 12.29 -6.92 5.97
N THR A 59 11.19 -6.66 5.25
CA THR A 59 10.75 -5.32 4.93
C THR A 59 9.47 -5.05 5.73
N SER A 60 9.03 -3.78 5.80
CA SER A 60 7.96 -3.38 6.69
C SER A 60 7.20 -2.19 6.11
N PRO A 61 6.00 -1.90 6.62
CA PRO A 61 5.20 -0.78 6.16
C PRO A 61 5.84 0.56 6.50
N ASP A 62 6.81 0.59 7.44
CA ASP A 62 7.55 1.79 7.73
C ASP A 62 8.55 2.02 6.61
N THR A 63 9.09 0.93 6.07
CA THR A 63 10.03 1.02 4.97
C THR A 63 9.27 1.57 3.77
N LEU A 64 8.11 1.00 3.45
CA LEU A 64 7.34 1.44 2.29
C LEU A 64 6.90 2.88 2.46
N ARG A 65 6.64 3.31 3.70
CA ARG A 65 6.18 4.67 3.97
C ARG A 65 7.24 5.66 3.51
N ARG A 66 8.50 5.35 3.75
CA ARG A 66 9.63 6.22 3.43
C ARG A 66 10.12 5.99 2.01
N VAL A 67 10.12 4.73 1.57
CA VAL A 67 10.51 4.32 0.23
C VAL A 67 9.61 4.96 -0.82
N PHE A 68 8.31 5.11 -0.51
CA PHE A 68 7.34 5.61 -1.46
C PHE A 68 7.01 7.09 -1.21
N GLU A 69 7.43 7.63 -0.08
CA GLU A 69 7.24 9.05 0.23
C GLU A 69 7.93 9.94 -0.81
N LYS A 70 9.06 9.49 -1.38
CA LYS A 70 9.84 10.30 -2.29
C LYS A 70 9.12 10.52 -3.62
N TYR A 71 8.14 9.67 -3.91
CA TYR A 71 7.34 9.76 -5.14
C TYR A 71 6.26 10.83 -5.00
N GLY A 72 6.02 11.31 -3.78
CA GLY A 72 5.10 12.41 -3.55
C GLY A 72 4.52 12.36 -2.14
N ARG A 73 3.45 11.59 -1.98
CA ARG A 73 2.83 11.31 -0.70
C ARG A 73 2.15 9.94 -0.79
N VAL A 74 2.54 9.01 0.08
CA VAL A 74 2.02 7.65 0.04
C VAL A 74 0.50 7.61 0.15
N GLY A 75 -0.11 8.70 0.64
CA GLY A 75 -1.55 8.85 0.79
C GLY A 75 -2.08 8.04 1.98
N ASP A 76 -1.82 6.73 1.98
CA ASP A 76 -2.15 5.83 3.07
C ASP A 76 -1.22 4.63 3.01
N VAL A 77 -1.13 3.87 4.10
CA VAL A 77 -0.25 2.71 4.19
C VAL A 77 -0.87 1.66 5.10
N TYR A 78 -1.08 0.46 4.56
CA TYR A 78 -1.64 -0.65 5.32
C TYR A 78 -1.06 -1.99 4.88
N ILE A 79 -1.34 -3.03 5.67
CA ILE A 79 -0.99 -4.41 5.37
C ILE A 79 -2.16 -5.28 5.83
N PRO A 80 -3.05 -5.64 4.91
CA PRO A 80 -4.20 -6.52 5.11
C PRO A 80 -3.94 -7.89 5.72
N ARG A 81 -2.78 -8.12 6.35
CA ARG A 81 -2.49 -9.39 6.99
C ARG A 81 -3.54 -9.71 8.06
N ASP A 82 -3.67 -10.97 8.42
CA ASP A 82 -4.74 -11.42 9.31
C ASP A 82 -4.75 -10.65 10.63
N ARG A 83 -5.92 -10.13 10.98
CA ARG A 83 -6.14 -9.28 12.13
C ARG A 83 -5.94 -10.01 13.47
N TYR A 84 -5.56 -11.29 13.44
CA TYR A 84 -5.47 -12.09 14.67
C TYR A 84 -4.26 -13.02 14.68
N THR A 85 -3.56 -13.13 13.55
CA THR A 85 -2.39 -14.00 13.44
C THR A 85 -1.24 -13.30 12.73
N LYS A 86 -1.54 -12.17 12.06
CA LYS A 86 -0.60 -11.25 11.43
C LYS A 86 0.62 -11.93 10.80
N GLU A 87 0.42 -13.05 10.11
CA GLU A 87 1.51 -13.87 9.57
C GLU A 87 1.50 -13.87 8.04
N SER A 88 1.01 -12.78 7.43
CA SER A 88 0.85 -12.66 5.99
C SER A 88 1.48 -11.37 5.48
N ARG A 89 2.60 -10.97 6.10
CA ARG A 89 3.34 -9.75 5.74
C ARG A 89 3.93 -9.82 4.33
N GLY A 90 3.65 -10.90 3.58
CA GLY A 90 4.18 -11.11 2.23
C GLY A 90 3.76 -10.02 1.25
N PHE A 91 2.85 -9.13 1.64
CA PHE A 91 2.38 -8.06 0.78
C PHE A 91 1.92 -6.86 1.60
N ALA A 92 1.51 -5.80 0.90
CA ALA A 92 1.07 -4.56 1.53
C ALA A 92 -0.06 -3.93 0.73
N PHE A 93 -0.48 -2.75 1.18
CA PHE A 93 -1.52 -1.96 0.55
C PHE A 93 -1.24 -0.47 0.79
N VAL A 94 -0.09 0.02 0.32
CA VAL A 94 0.15 1.46 0.33
C VAL A 94 -0.79 2.04 -0.71
N ARG A 95 -1.34 3.25 -0.50
CA ARG A 95 -2.37 3.76 -1.41
C ARG A 95 -2.28 5.27 -1.59
N PHE A 96 -1.78 5.68 -2.76
CA PHE A 96 -1.68 7.10 -3.10
C PHE A 96 -3.07 7.65 -3.39
N HIS A 97 -3.23 8.97 -3.35
CA HIS A 97 -4.52 9.64 -3.58
C HIS A 97 -4.41 10.74 -4.64
N ASP A 98 -3.26 10.86 -5.30
CA ASP A 98 -3.04 11.86 -6.32
C ASP A 98 -2.48 11.18 -7.56
N LYS A 99 -3.12 11.40 -8.71
CA LYS A 99 -2.82 10.67 -9.94
C LYS A 99 -1.41 10.96 -10.44
N ARG A 100 -0.87 12.16 -10.19
CA ARG A 100 0.43 12.48 -10.74
C ARG A 100 1.52 11.68 -10.04
N ASP A 101 1.44 11.58 -8.71
CA ASP A 101 2.41 10.83 -7.93
C ASP A 101 2.15 9.34 -8.10
N ALA A 102 0.90 8.97 -8.36
CA ALA A 102 0.53 7.57 -8.53
C ALA A 102 0.99 7.03 -9.88
N GLU A 103 0.90 7.81 -10.95
CA GLU A 103 1.33 7.34 -12.25
C GLU A 103 2.85 7.21 -12.29
N ASP A 104 3.58 8.04 -11.55
CA ASP A 104 5.03 7.89 -11.48
C ASP A 104 5.42 6.71 -10.59
N ALA A 105 4.70 6.52 -9.47
CA ALA A 105 5.02 5.47 -8.53
C ALA A 105 4.95 4.09 -9.18
N MET A 106 4.06 3.88 -10.15
CA MET A 106 3.97 2.58 -10.80
C MET A 106 4.90 2.52 -12.01
N ASP A 107 5.19 3.66 -12.62
CA ASP A 107 6.10 3.73 -13.75
C ASP A 107 7.55 3.55 -13.30
N ALA A 108 7.79 3.50 -11.98
CA ALA A 108 9.12 3.37 -11.44
C ALA A 108 9.24 2.32 -10.34
N MET A 109 8.11 1.73 -9.91
CA MET A 109 8.16 0.63 -8.93
C MET A 109 7.47 -0.65 -9.42
N ASP A 110 6.67 -0.62 -10.49
CA ASP A 110 6.04 -1.84 -10.99
C ASP A 110 7.05 -2.75 -11.70
N GLY A 111 8.07 -3.22 -10.98
CA GLY A 111 9.13 -4.05 -11.51
C GLY A 111 10.47 -3.77 -10.81
N ALA A 112 10.49 -2.82 -9.87
CA ALA A 112 11.70 -2.43 -9.17
C ALA A 112 12.10 -3.47 -8.11
N VAL A 113 13.14 -3.15 -7.33
CA VAL A 113 13.71 -4.05 -6.33
C VAL A 113 13.89 -3.32 -5.00
N LEU A 114 13.64 -4.07 -3.92
CA LEU A 114 13.88 -3.67 -2.55
C LEU A 114 14.22 -4.93 -1.79
N ASP A 115 15.21 -4.86 -0.90
CA ASP A 115 15.70 -5.99 -0.10
C ASP A 115 16.13 -7.20 -0.95
N GLY A 116 16.10 -7.07 -2.29
CA GLY A 116 16.56 -8.14 -3.18
C GLY A 116 15.39 -8.90 -3.80
N ARG A 117 14.16 -8.42 -3.56
CA ARG A 117 12.93 -9.00 -4.10
C ARG A 117 12.39 -8.10 -5.19
N GLU A 118 11.09 -8.22 -5.46
CA GLU A 118 10.44 -7.47 -6.51
C GLU A 118 9.44 -6.52 -5.88
N LEU A 119 8.88 -5.60 -6.68
CA LEU A 119 7.88 -4.66 -6.20
C LEU A 119 6.72 -4.63 -7.18
N ARG A 120 5.53 -4.33 -6.67
CA ARG A 120 4.32 -4.28 -7.45
C ARG A 120 3.46 -3.12 -6.97
N VAL A 121 2.78 -2.47 -7.92
CA VAL A 121 1.97 -1.32 -7.65
C VAL A 121 1.03 -1.08 -8.83
N GLN A 122 -0.24 -0.82 -8.53
CA GLN A 122 -1.27 -0.57 -9.53
C GLN A 122 -2.48 0.06 -8.87
N MET A 123 -3.45 0.51 -9.66
CA MET A 123 -4.64 1.16 -9.14
C MET A 123 -5.45 0.17 -8.29
N ALA A 124 -6.36 0.69 -7.47
CA ALA A 124 -7.15 -0.14 -6.56
C ALA A 124 -8.63 -0.12 -6.91
N ARG A 125 -9.42 -0.85 -6.13
CA ARG A 125 -10.86 -1.00 -6.33
C ARG A 125 -11.58 -0.95 -4.99
N TYR A 126 -12.92 -1.05 -5.00
CA TYR A 126 -13.73 -0.93 -3.80
C TYR A 126 -13.36 0.34 -3.02
N GLY A 127 -13.59 0.33 -1.72
CA GLY A 127 -13.15 1.39 -0.83
C GLY A 127 -12.66 0.79 0.49
N ARG A 128 -13.44 -0.14 1.05
CA ARG A 128 -13.11 -0.91 2.24
C ARG A 128 -13.98 -2.18 2.22
N PRO A 129 -13.47 -3.26 2.80
CA PRO A 129 -14.17 -4.52 2.96
C PRO A 129 -15.58 -4.32 3.51
N PRO A 130 -16.58 -5.04 2.97
CA PRO A 130 -17.96 -4.93 3.42
C PRO A 130 -18.17 -5.64 4.76
N ASP A 131 -17.41 -6.72 4.98
CA ASP A 131 -17.46 -7.50 6.21
C ASP A 131 -16.29 -8.48 6.25
N SER A 132 -15.35 -8.27 7.16
CA SER A 132 -14.17 -9.14 7.27
C SER A 132 -13.64 -9.19 8.71
N HIS A 133 -14.30 -8.52 9.65
CA HIS A 133 -13.82 -8.44 11.03
C HIS A 133 -14.99 -8.34 12.01
N HIS A 134 -14.70 -8.54 13.30
CA HIS A 134 -15.70 -8.51 14.36
C HIS A 134 -15.08 -7.98 15.65
N SER A 135 -15.93 -7.70 16.65
CA SER A 135 -15.49 -7.21 17.95
C SER A 135 -16.49 -7.61 19.03
N MET A 35 1.79 5.72 18.35
CA MET A 35 1.42 6.54 17.18
C MET A 35 2.37 6.28 16.03
N SER A 36 1.91 5.50 15.03
CA SER A 36 2.69 5.23 13.83
C SER A 36 1.77 5.04 12.62
N TYR A 37 0.52 4.63 12.87
CA TYR A 37 -0.50 4.46 11.85
C TYR A 37 -1.86 4.82 12.42
N GLY A 38 -2.89 4.86 11.58
CA GLY A 38 -4.22 5.22 12.03
C GLY A 38 -5.26 4.97 10.95
N ARG A 39 -6.53 5.14 11.32
CA ARG A 39 -7.66 4.92 10.42
C ARG A 39 -7.50 5.70 9.12
N PRO A 40 -8.09 5.17 8.04
CA PRO A 40 -8.12 5.81 6.74
C PRO A 40 -9.06 7.01 6.76
N PRO A 41 -8.86 7.97 5.84
CA PRO A 41 -9.68 9.16 5.73
C PRO A 41 -11.05 8.80 5.13
N PRO A 42 -12.05 9.68 5.31
CA PRO A 42 -13.41 9.47 4.83
C PRO A 42 -13.59 9.84 3.35
N ASP A 43 -12.51 9.81 2.57
CA ASP A 43 -12.55 10.30 1.19
C ASP A 43 -11.81 9.37 0.22
N VAL A 44 -11.49 8.15 0.67
CA VAL A 44 -10.82 7.14 -0.14
C VAL A 44 -11.67 6.72 -1.33
N GLU A 45 -12.94 7.15 -1.36
CA GLU A 45 -13.90 6.77 -2.39
C GLU A 45 -14.32 7.99 -3.21
N GLY A 46 -13.60 9.10 -3.04
CA GLY A 46 -13.85 10.35 -3.74
C GLY A 46 -12.59 10.89 -4.40
N MET A 47 -11.50 10.10 -4.42
CA MET A 47 -10.23 10.49 -5.01
C MET A 47 -9.56 9.28 -5.65
N THR A 48 -8.43 9.51 -6.32
CA THR A 48 -7.62 8.46 -6.92
C THR A 48 -7.17 7.46 -5.85
N SER A 49 -6.78 6.25 -6.27
CA SER A 49 -6.26 5.24 -5.36
C SER A 49 -5.26 4.35 -6.10
N LEU A 50 -4.10 4.13 -5.48
CA LEU A 50 -3.02 3.34 -6.06
C LEU A 50 -2.42 2.43 -5.00
N LYS A 51 -2.87 1.17 -4.92
CA LYS A 51 -2.33 0.23 -3.96
C LYS A 51 -0.90 -0.18 -4.33
N VAL A 52 -0.17 -0.70 -3.35
CA VAL A 52 1.20 -1.14 -3.52
C VAL A 52 1.44 -2.41 -2.71
N ASP A 53 2.06 -3.42 -3.33
CA ASP A 53 2.24 -4.75 -2.72
C ASP A 53 3.43 -5.52 -3.31
N ASN A 54 3.62 -6.75 -2.82
CA ASN A 54 4.53 -7.78 -3.32
C ASN A 54 5.93 -7.74 -2.69
N LEU A 55 6.20 -6.80 -1.78
CA LEU A 55 7.47 -6.71 -1.08
C LEU A 55 7.80 -8.00 -0.31
N THR A 56 9.01 -8.08 0.23
CA THR A 56 9.50 -9.30 0.88
C THR A 56 8.84 -9.55 2.23
N TYR A 57 9.02 -10.77 2.75
CA TYR A 57 8.56 -11.13 4.08
C TYR A 57 9.44 -10.51 5.18
N ARG A 58 10.33 -9.58 4.80
CA ARG A 58 11.26 -8.94 5.71
C ARG A 58 11.13 -7.41 5.67
N THR A 59 10.44 -6.88 4.67
CA THR A 59 10.16 -5.44 4.60
C THR A 59 9.21 -5.05 5.71
N SER A 60 9.08 -3.75 6.00
CA SER A 60 8.24 -3.26 7.07
C SER A 60 7.44 -2.03 6.61
N PRO A 61 6.31 -1.74 7.25
CA PRO A 61 5.43 -0.66 6.86
C PRO A 61 6.06 0.71 7.08
N ASP A 62 7.10 0.80 7.92
CA ASP A 62 7.80 2.05 8.13
C ASP A 62 8.74 2.29 6.95
N THR A 63 9.26 1.21 6.38
CA THR A 63 10.15 1.30 5.24
C THR A 63 9.37 1.80 4.05
N LEU A 64 8.22 1.17 3.78
CA LEU A 64 7.40 1.55 2.64
C LEU A 64 6.91 2.97 2.80
N ARG A 65 6.68 3.42 4.04
CA ARG A 65 6.21 4.78 4.28
C ARG A 65 7.22 5.78 3.70
N ARG A 66 8.51 5.57 3.97
CA ARG A 66 9.54 6.50 3.51
C ARG A 66 9.92 6.22 2.06
N VAL A 67 9.99 4.94 1.70
CA VAL A 67 10.31 4.48 0.36
C VAL A 67 9.33 5.03 -0.66
N PHE A 68 8.07 5.23 -0.28
CA PHE A 68 7.03 5.67 -1.20
C PHE A 68 6.64 7.12 -0.98
N GLU A 69 7.11 7.71 0.12
CA GLU A 69 6.83 9.11 0.41
C GLU A 69 7.55 10.03 -0.60
N LYS A 70 8.64 9.55 -1.19
CA LYS A 70 9.43 10.34 -2.12
C LYS A 70 8.76 10.49 -3.47
N TYR A 71 7.83 9.60 -3.79
CA TYR A 71 7.10 9.64 -5.05
C TYR A 71 5.99 10.68 -5.02
N GLY A 72 5.64 11.19 -3.82
CA GLY A 72 4.74 12.32 -3.71
C GLY A 72 3.84 12.28 -2.49
N ARG A 73 2.98 11.25 -2.38
CA ARG A 73 2.02 11.19 -1.29
C ARG A 73 1.58 9.77 -0.95
N VAL A 74 2.29 9.13 -0.03
CA VAL A 74 1.90 7.88 0.60
C VAL A 74 0.72 8.14 1.54
N GLY A 75 -0.37 8.61 0.95
CA GLY A 75 -1.58 9.04 1.64
C GLY A 75 -2.12 7.99 2.62
N ASP A 76 -1.75 6.73 2.45
CA ASP A 76 -2.14 5.67 3.36
C ASP A 76 -1.09 4.55 3.33
N VAL A 77 -1.02 3.76 4.41
CA VAL A 77 -0.05 2.68 4.55
C VAL A 77 -0.61 1.65 5.52
N TYR A 78 -0.69 0.40 5.06
CA TYR A 78 -1.29 -0.68 5.84
C TYR A 78 -0.67 -2.03 5.48
N ILE A 79 -0.95 -3.05 6.30
CA ILE A 79 -0.52 -4.43 6.08
C ILE A 79 -1.65 -5.36 6.54
N PRO A 80 -2.55 -5.72 5.61
CA PRO A 80 -3.67 -6.63 5.83
C PRO A 80 -3.27 -8.06 6.18
N ARG A 81 -2.02 -8.31 6.60
CA ARG A 81 -1.49 -9.65 6.82
C ARG A 81 -2.50 -10.57 7.50
N ASP A 82 -2.89 -10.24 8.73
CA ASP A 82 -3.95 -10.90 9.47
C ASP A 82 -4.34 -9.97 10.62
N ARG A 83 -5.25 -10.42 11.49
CA ARG A 83 -5.72 -9.62 12.62
C ARG A 83 -5.86 -10.47 13.88
N TYR A 84 -5.40 -11.73 13.80
CA TYR A 84 -5.41 -12.66 14.93
C TYR A 84 -4.09 -13.45 15.00
N THR A 85 -3.27 -13.37 13.95
CA THR A 85 -2.01 -14.07 13.88
C THR A 85 -0.88 -13.12 13.46
N LYS A 86 -1.25 -11.93 12.96
CA LYS A 86 -0.38 -10.84 12.54
C LYS A 86 1.01 -11.28 12.08
N GLU A 87 1.07 -12.21 11.12
CA GLU A 87 2.35 -12.77 10.70
C GLU A 87 2.47 -12.98 9.17
N SER A 88 1.39 -12.78 8.42
CA SER A 88 1.41 -12.94 6.96
C SER A 88 2.03 -11.71 6.28
N ARG A 89 3.09 -11.16 6.88
CA ARG A 89 3.77 -9.94 6.46
C ARG A 89 4.43 -10.02 5.07
N GLY A 90 4.08 -11.04 4.27
CA GLY A 90 4.63 -11.23 2.93
C GLY A 90 4.18 -10.15 1.94
N PHE A 91 3.38 -9.17 2.38
CA PHE A 91 2.95 -8.07 1.54
C PHE A 91 2.51 -6.88 2.40
N ALA A 92 2.11 -5.80 1.72
CA ALA A 92 1.59 -4.60 2.35
C ALA A 92 0.61 -3.91 1.41
N PHE A 93 0.16 -2.72 1.80
CA PHE A 93 -0.78 -1.94 1.02
C PHE A 93 -0.57 -0.45 1.32
N VAL A 94 0.27 0.23 0.53
CA VAL A 94 0.29 1.70 0.61
C VAL A 94 -0.58 2.24 -0.51
N ARG A 95 -1.01 3.49 -0.39
CA ARG A 95 -1.91 4.10 -1.36
C ARG A 95 -1.54 5.55 -1.63
N PHE A 96 -1.78 5.95 -2.88
CA PHE A 96 -1.67 7.34 -3.30
C PHE A 96 -3.05 7.82 -3.73
N HIS A 97 -3.25 9.14 -3.79
CA HIS A 97 -4.56 9.70 -4.09
C HIS A 97 -4.48 10.85 -5.07
N ASP A 98 -3.37 10.95 -5.80
CA ASP A 98 -3.22 11.90 -6.89
C ASP A 98 -2.59 11.20 -8.08
N LYS A 99 -3.15 11.42 -9.26
CA LYS A 99 -2.77 10.71 -10.47
C LYS A 99 -1.31 10.94 -10.85
N ARG A 100 -0.78 12.14 -10.65
CA ARG A 100 0.54 12.46 -11.15
C ARG A 100 1.61 11.70 -10.37
N ASP A 101 1.43 11.62 -9.05
CA ASP A 101 2.36 10.94 -8.18
C ASP A 101 2.11 9.43 -8.24
N ALA A 102 0.88 9.03 -8.56
CA ALA A 102 0.52 7.63 -8.66
C ALA A 102 1.04 7.02 -9.95
N GLU A 103 1.03 7.79 -11.05
CA GLU A 103 1.54 7.29 -12.32
C GLU A 103 3.06 7.15 -12.27
N ASP A 104 3.75 8.03 -11.53
CA ASP A 104 5.19 7.87 -11.37
C ASP A 104 5.51 6.69 -10.47
N ALA A 105 4.70 6.50 -9.42
CA ALA A 105 4.94 5.44 -8.46
C ALA A 105 4.91 4.06 -9.12
N MET A 106 4.07 3.86 -10.13
CA MET A 106 4.03 2.58 -10.81
C MET A 106 5.04 2.54 -11.96
N ASP A 107 5.35 3.69 -12.55
CA ASP A 107 6.32 3.77 -13.63
C ASP A 107 7.74 3.48 -13.11
N ALA A 108 7.91 3.41 -11.79
CA ALA A 108 9.22 3.15 -11.19
C ALA A 108 9.21 2.08 -10.10
N MET A 109 8.04 1.56 -9.72
CA MET A 109 7.97 0.46 -8.75
C MET A 109 7.19 -0.75 -9.27
N ASP A 110 6.33 -0.61 -10.28
CA ASP A 110 5.58 -1.74 -10.80
C ASP A 110 6.47 -2.65 -11.67
N GLY A 111 7.50 -3.21 -11.06
CA GLY A 111 8.49 -4.04 -11.74
C GLY A 111 9.86 -3.97 -11.06
N ALA A 112 10.00 -3.12 -10.05
CA ALA A 112 11.24 -2.96 -9.30
C ALA A 112 11.54 -4.19 -8.45
N VAL A 113 12.65 -4.14 -7.70
CA VAL A 113 13.12 -5.25 -6.89
C VAL A 113 13.57 -4.72 -5.53
N LEU A 114 13.04 -5.31 -4.46
CA LEU A 114 13.39 -4.92 -3.10
C LEU A 114 14.75 -5.49 -2.74
N ASP A 115 14.92 -6.81 -2.87
CA ASP A 115 16.18 -7.48 -2.58
C ASP A 115 16.44 -8.70 -3.47
N GLY A 116 15.40 -9.22 -4.14
CA GLY A 116 15.56 -10.38 -5.02
C GLY A 116 14.25 -10.96 -5.53
N ARG A 117 13.18 -10.15 -5.54
CA ARG A 117 11.86 -10.54 -6.01
C ARG A 117 11.30 -9.43 -6.89
N GLU A 118 9.98 -9.28 -6.90
CA GLU A 118 9.31 -8.24 -7.67
C GLU A 118 8.51 -7.35 -6.75
N LEU A 119 8.09 -6.20 -7.28
CA LEU A 119 7.21 -5.26 -6.56
C LEU A 119 6.04 -4.93 -7.47
N ARG A 120 4.94 -4.47 -6.87
CA ARG A 120 3.70 -4.24 -7.58
C ARG A 120 3.05 -2.95 -7.11
N VAL A 121 2.53 -2.20 -8.07
CA VAL A 121 1.89 -0.91 -7.86
C VAL A 121 0.86 -0.69 -8.96
N GLN A 122 -0.42 -0.57 -8.60
CA GLN A 122 -1.47 -0.36 -9.58
C GLN A 122 -2.70 0.24 -8.91
N MET A 123 -3.65 0.71 -9.71
CA MET A 123 -4.86 1.36 -9.21
C MET A 123 -5.72 0.35 -8.45
N ALA A 124 -6.46 0.82 -7.43
CA ALA A 124 -7.31 -0.03 -6.63
C ALA A 124 -8.61 -0.37 -7.39
N ARG A 125 -9.48 -1.16 -6.74
CA ARG A 125 -10.76 -1.58 -7.33
C ARG A 125 -11.89 -1.54 -6.32
N TYR A 126 -11.56 -1.30 -5.05
CA TYR A 126 -12.51 -1.25 -3.96
C TYR A 126 -12.31 0.01 -3.12
N GLY A 127 -13.15 0.19 -2.10
CA GLY A 127 -13.09 1.31 -1.18
C GLY A 127 -13.02 0.84 0.26
N ARG A 128 -12.61 -0.42 0.44
CA ARG A 128 -12.40 -1.21 1.65
C ARG A 128 -13.26 -2.47 1.58
N PRO A 129 -12.79 -3.57 2.17
CA PRO A 129 -13.47 -4.85 2.23
C PRO A 129 -14.81 -4.71 2.97
N PRO A 130 -15.85 -5.44 2.52
CA PRO A 130 -17.19 -5.38 3.08
C PRO A 130 -17.29 -6.10 4.42
N ASP A 131 -16.27 -6.87 4.78
CA ASP A 131 -16.15 -7.54 6.07
C ASP A 131 -14.66 -7.72 6.35
N SER A 132 -14.29 -7.95 7.62
CA SER A 132 -12.89 -7.93 7.99
C SER A 132 -12.05 -8.95 7.20
N HIS A 133 -12.63 -10.10 6.87
CA HIS A 133 -11.93 -11.12 6.11
C HIS A 133 -12.90 -12.14 5.53
N HIS A 134 -12.41 -13.03 4.67
CA HIS A 134 -13.25 -13.99 3.97
C HIS A 134 -12.55 -15.34 3.81
N SER A 135 -11.40 -15.52 4.45
CA SER A 135 -10.61 -16.75 4.38
C SER A 135 -9.81 -16.96 5.65
N MET A 35 4.60 3.78 16.91
CA MET A 35 4.25 2.87 15.81
C MET A 35 2.86 2.27 16.05
N SER A 36 1.85 2.77 15.36
CA SER A 36 0.49 2.25 15.48
C SER A 36 -0.37 2.58 14.26
N TYR A 37 0.11 3.47 13.38
CA TYR A 37 -0.59 3.89 12.18
C TYR A 37 -2.00 4.41 12.47
N GLY A 38 -2.79 4.62 11.42
CA GLY A 38 -4.12 5.19 11.56
C GLY A 38 -4.98 4.98 10.33
N ARG A 39 -6.27 5.29 10.49
CA ARG A 39 -7.26 5.18 9.43
C ARG A 39 -6.94 6.08 8.24
N PRO A 40 -7.53 5.75 7.09
CA PRO A 40 -7.41 6.49 5.84
C PRO A 40 -8.12 7.84 5.94
N PRO A 41 -7.86 8.76 5.01
CA PRO A 41 -8.48 10.09 5.02
C PRO A 41 -9.99 9.98 4.76
N PRO A 42 -10.76 10.97 5.22
CA PRO A 42 -12.21 11.00 5.14
C PRO A 42 -12.73 11.41 3.75
N ASP A 43 -11.89 11.32 2.72
CA ASP A 43 -12.25 11.83 1.39
C ASP A 43 -11.84 10.87 0.28
N VAL A 44 -11.54 9.61 0.64
CA VAL A 44 -11.20 8.59 -0.35
C VAL A 44 -12.35 8.35 -1.33
N GLU A 45 -13.55 8.79 -0.99
CA GLU A 45 -14.72 8.69 -1.84
C GLU A 45 -14.69 9.68 -3.00
N GLY A 46 -13.72 10.60 -2.97
CA GLY A 46 -13.58 11.65 -3.96
C GLY A 46 -12.14 11.79 -4.47
N MET A 47 -11.32 10.75 -4.31
CA MET A 47 -9.94 10.75 -4.79
C MET A 47 -9.56 9.39 -5.36
N THR A 48 -8.46 9.34 -6.10
CA THR A 48 -7.96 8.10 -6.70
C THR A 48 -7.25 7.25 -5.63
N SER A 49 -6.79 6.06 -6.02
CA SER A 49 -6.08 5.15 -5.13
C SER A 49 -5.03 4.36 -5.91
N LEU A 50 -3.83 4.23 -5.36
CA LEU A 50 -2.72 3.53 -6.01
C LEU A 50 -2.04 2.58 -5.03
N LYS A 51 -2.48 1.32 -5.02
CA LYS A 51 -1.97 0.26 -4.14
C LYS A 51 -0.54 -0.14 -4.51
N VAL A 52 0.17 -0.67 -3.51
CA VAL A 52 1.53 -1.20 -3.63
C VAL A 52 1.60 -2.49 -2.83
N ASP A 53 2.22 -3.53 -3.39
CA ASP A 53 2.28 -4.85 -2.77
C ASP A 53 3.46 -5.70 -3.27
N ASN A 54 3.58 -6.91 -2.71
CA ASN A 54 4.50 -7.98 -3.09
C ASN A 54 5.90 -7.87 -2.45
N LEU A 55 6.09 -7.01 -1.44
CA LEU A 55 7.37 -6.86 -0.76
C LEU A 55 7.84 -8.17 -0.10
N THR A 56 9.05 -8.15 0.45
CA THR A 56 9.65 -9.33 1.07
C THR A 56 9.09 -9.57 2.47
N TYR A 57 9.41 -10.74 3.03
CA TYR A 57 9.05 -11.10 4.40
C TYR A 57 9.98 -10.40 5.40
N ARG A 58 10.79 -9.44 4.95
CA ARG A 58 11.76 -8.74 5.77
C ARG A 58 11.59 -7.22 5.68
N THR A 59 10.88 -6.73 4.67
CA THR A 59 10.55 -5.32 4.56
C THR A 59 9.46 -4.99 5.58
N SER A 60 9.20 -3.70 5.82
CA SER A 60 8.25 -3.27 6.85
C SER A 60 7.45 -2.07 6.36
N PRO A 61 6.30 -1.78 7.00
CA PRO A 61 5.48 -0.64 6.63
C PRO A 61 6.18 0.67 6.97
N ASP A 62 7.21 0.64 7.83
CA ASP A 62 7.98 1.84 8.15
C ASP A 62 8.80 2.25 6.93
N THR A 63 9.42 1.28 6.26
CA THR A 63 10.20 1.60 5.07
C THR A 63 9.25 2.09 4.00
N LEU A 64 8.19 1.34 3.73
CA LEU A 64 7.32 1.66 2.61
C LEU A 64 6.74 3.08 2.76
N ARG A 65 6.61 3.57 3.99
CA ARG A 65 6.13 4.93 4.22
C ARG A 65 7.17 5.94 3.75
N ARG A 66 8.44 5.69 4.03
CA ARG A 66 9.50 6.66 3.71
C ARG A 66 10.03 6.47 2.28
N VAL A 67 10.22 5.23 1.85
CA VAL A 67 10.73 4.89 0.53
C VAL A 67 9.74 5.28 -0.57
N PHE A 68 8.43 5.36 -0.25
CA PHE A 68 7.43 5.85 -1.19
C PHE A 68 7.11 7.33 -1.00
N GLU A 69 7.47 7.90 0.16
CA GLU A 69 7.25 9.33 0.42
C GLU A 69 7.84 10.20 -0.69
N LYS A 70 8.93 9.74 -1.33
CA LYS A 70 9.64 10.51 -2.34
C LYS A 70 8.86 10.63 -3.65
N TYR A 71 7.92 9.70 -3.88
CA TYR A 71 7.12 9.70 -5.10
C TYR A 71 5.93 10.62 -4.96
N GLY A 72 5.59 11.02 -3.73
CA GLY A 72 4.46 11.89 -3.49
C GLY A 72 3.74 11.51 -2.20
N ARG A 73 2.49 11.96 -2.12
CA ARG A 73 1.60 11.76 -1.00
C ARG A 73 1.32 10.27 -0.74
N VAL A 74 2.15 9.65 0.09
CA VAL A 74 1.94 8.32 0.65
C VAL A 74 0.81 8.43 1.69
N GLY A 75 -0.32 8.99 1.25
CA GLY A 75 -1.48 9.30 2.08
C GLY A 75 -2.07 8.06 2.78
N ASP A 76 -1.58 6.87 2.43
CA ASP A 76 -2.00 5.63 3.06
C ASP A 76 -0.85 4.64 3.04
N VAL A 77 -0.76 3.83 4.10
CA VAL A 77 0.23 2.77 4.22
C VAL A 77 -0.36 1.71 5.14
N TYR A 78 -0.74 0.57 4.55
CA TYR A 78 -1.36 -0.51 5.30
C TYR A 78 -0.81 -1.86 4.87
N ILE A 79 -1.07 -2.90 5.68
CA ILE A 79 -0.67 -4.26 5.42
C ILE A 79 -1.83 -5.17 5.84
N PRO A 80 -2.68 -5.57 4.86
CA PRO A 80 -3.83 -6.46 5.02
C PRO A 80 -3.56 -7.83 5.63
N ARG A 81 -2.47 -8.01 6.38
CA ARG A 81 -2.18 -9.24 7.10
C ARG A 81 -3.40 -9.69 7.89
N ASP A 82 -3.59 -11.01 8.00
CA ASP A 82 -4.71 -11.58 8.73
C ASP A 82 -4.72 -11.00 10.15
N ARG A 83 -5.87 -10.43 10.52
CA ARG A 83 -6.08 -9.70 11.77
C ARG A 83 -5.92 -10.57 13.02
N TYR A 84 -5.51 -11.83 12.88
CA TYR A 84 -5.44 -12.75 14.01
C TYR A 84 -4.25 -13.71 13.94
N THR A 85 -3.52 -13.72 12.82
CA THR A 85 -2.41 -14.66 12.62
C THR A 85 -1.23 -13.98 11.93
N LYS A 86 -1.48 -12.88 11.20
CA LYS A 86 -0.48 -12.04 10.57
C LYS A 86 0.59 -12.80 9.78
N GLU A 87 0.27 -14.02 9.34
CA GLU A 87 1.21 -14.91 8.66
C GLU A 87 1.41 -14.56 7.18
N SER A 88 1.13 -13.31 6.79
CA SER A 88 1.10 -12.91 5.38
C SER A 88 1.85 -11.61 5.12
N ARG A 89 2.98 -11.42 5.81
CA ARG A 89 3.84 -10.23 5.66
C ARG A 89 4.38 -10.06 4.24
N GLY A 90 4.13 -11.03 3.35
CA GLY A 90 4.65 -11.02 1.99
C GLY A 90 4.04 -9.95 1.08
N PHE A 91 3.19 -9.05 1.60
CA PHE A 91 2.62 -8.00 0.79
C PHE A 91 2.12 -6.84 1.65
N ALA A 92 1.63 -5.79 0.98
CA ALA A 92 1.15 -4.56 1.62
C ALA A 92 0.07 -3.89 0.78
N PHE A 93 -0.33 -2.70 1.21
CA PHE A 93 -1.34 -1.87 0.56
C PHE A 93 -1.02 -0.40 0.81
N VAL A 94 0.16 0.06 0.35
CA VAL A 94 0.44 1.49 0.40
C VAL A 94 -0.45 2.15 -0.65
N ARG A 95 -0.91 3.39 -0.42
CA ARG A 95 -1.78 4.04 -1.38
C ARG A 95 -1.47 5.53 -1.53
N PHE A 96 -1.62 6.01 -2.76
CA PHE A 96 -1.55 7.42 -3.08
C PHE A 96 -2.95 7.92 -3.45
N HIS A 97 -3.15 9.24 -3.40
CA HIS A 97 -4.46 9.86 -3.61
C HIS A 97 -4.42 10.93 -4.70
N ASP A 98 -3.37 10.96 -5.52
CA ASP A 98 -3.30 11.90 -6.63
C ASP A 98 -2.69 11.22 -7.86
N LYS A 99 -3.22 11.55 -9.04
CA LYS A 99 -2.85 10.90 -10.30
C LYS A 99 -1.38 11.05 -10.64
N ARG A 100 -0.75 12.20 -10.36
CA ARG A 100 0.61 12.42 -10.80
C ARG A 100 1.59 11.60 -9.96
N ASP A 101 1.32 11.49 -8.66
CA ASP A 101 2.16 10.74 -7.75
C ASP A 101 1.91 9.25 -7.94
N ALA A 102 0.67 8.89 -8.31
CA ALA A 102 0.27 7.52 -8.52
C ALA A 102 0.89 6.94 -9.78
N GLU A 103 0.89 7.71 -10.88
CA GLU A 103 1.40 7.21 -12.15
C GLU A 103 2.92 7.08 -12.13
N ASP A 104 3.62 7.95 -11.40
CA ASP A 104 5.06 7.82 -11.29
C ASP A 104 5.44 6.66 -10.37
N ALA A 105 4.67 6.50 -9.28
CA ALA A 105 4.95 5.47 -8.29
C ALA A 105 4.93 4.08 -8.94
N MET A 106 4.06 3.84 -9.93
CA MET A 106 4.01 2.53 -10.57
C MET A 106 4.99 2.47 -11.74
N ASP A 107 5.25 3.62 -12.39
CA ASP A 107 6.19 3.67 -13.50
C ASP A 107 7.62 3.42 -13.04
N ALA A 108 7.85 3.39 -11.72
CA ALA A 108 9.19 3.18 -11.18
C ALA A 108 9.25 2.13 -10.06
N MET A 109 8.11 1.61 -9.60
CA MET A 109 8.09 0.51 -8.62
C MET A 109 7.36 -0.73 -9.15
N ASP A 110 6.46 -0.60 -10.13
CA ASP A 110 5.81 -1.79 -10.65
C ASP A 110 6.82 -2.66 -11.39
N GLY A 111 6.93 -3.93 -11.00
CA GLY A 111 7.84 -4.88 -11.62
C GLY A 111 9.26 -4.73 -11.10
N ALA A 112 9.50 -3.82 -10.16
CA ALA A 112 10.80 -3.59 -9.56
C ALA A 112 11.22 -4.76 -8.67
N VAL A 113 12.36 -4.61 -7.98
CA VAL A 113 12.92 -5.65 -7.11
C VAL A 113 13.38 -5.02 -5.80
N LEU A 114 13.30 -5.78 -4.72
CA LEU A 114 13.70 -5.32 -3.39
C LEU A 114 14.98 -6.03 -2.97
N ASP A 115 14.98 -7.37 -3.02
CA ASP A 115 16.15 -8.17 -2.64
C ASP A 115 16.34 -9.37 -3.56
N GLY A 116 15.41 -9.60 -4.51
CA GLY A 116 15.53 -10.69 -5.47
C GLY A 116 14.18 -11.16 -5.99
N ARG A 117 13.08 -10.74 -5.34
CA ARG A 117 11.73 -11.08 -5.77
C ARG A 117 11.21 -9.98 -6.70
N GLU A 118 9.88 -9.86 -6.77
CA GLU A 118 9.21 -8.86 -7.59
C GLU A 118 8.45 -7.90 -6.69
N LEU A 119 8.00 -6.78 -7.28
CA LEU A 119 7.23 -5.77 -6.58
C LEU A 119 6.07 -5.37 -7.48
N ARG A 120 4.99 -4.84 -6.89
CA ARG A 120 3.78 -4.53 -7.64
C ARG A 120 3.15 -3.24 -7.15
N VAL A 121 2.57 -2.49 -8.08
CA VAL A 121 1.93 -1.22 -7.84
C VAL A 121 0.86 -1.00 -8.90
N GLN A 122 -0.39 -0.75 -8.49
CA GLN A 122 -1.48 -0.54 -9.44
C GLN A 122 -2.69 0.08 -8.72
N MET A 123 -3.63 0.62 -9.50
CA MET A 123 -4.82 1.27 -8.95
C MET A 123 -5.67 0.29 -8.15
N ALA A 124 -6.43 0.82 -7.19
CA ALA A 124 -7.27 0.00 -6.31
C ALA A 124 -8.45 -0.63 -7.05
N ARG A 125 -9.21 -1.50 -6.36
CA ARG A 125 -10.37 -2.17 -6.93
C ARG A 125 -11.62 -2.00 -6.07
N TYR A 126 -11.48 -1.52 -4.83
CA TYR A 126 -12.60 -1.38 -3.91
C TYR A 126 -12.37 -0.21 -2.96
N GLY A 127 -13.42 0.24 -2.27
CA GLY A 127 -13.30 1.29 -1.27
C GLY A 127 -12.61 0.75 -0.02
N ARG A 128 -12.94 -0.51 0.32
CA ARG A 128 -12.38 -1.38 1.34
C ARG A 128 -13.40 -2.47 1.71
N PRO A 129 -12.98 -3.50 2.44
CA PRO A 129 -13.75 -4.70 2.76
C PRO A 129 -15.09 -4.35 3.42
N PRO A 130 -16.15 -5.13 3.14
CA PRO A 130 -17.47 -4.88 3.67
C PRO A 130 -17.65 -5.39 5.11
N ASP A 131 -17.18 -6.61 5.41
CA ASP A 131 -17.43 -7.26 6.70
C ASP A 131 -16.35 -8.30 7.04
N SER A 132 -15.14 -8.13 6.49
CA SER A 132 -14.04 -9.07 6.69
C SER A 132 -13.55 -9.17 8.13
N HIS A 133 -14.15 -8.44 9.07
CA HIS A 133 -13.70 -8.44 10.46
C HIS A 133 -14.89 -8.32 11.42
N HIS A 134 -14.62 -8.61 12.70
CA HIS A 134 -15.63 -8.55 13.76
C HIS A 134 -14.96 -8.18 15.08
N SER A 135 -15.75 -7.70 16.04
CA SER A 135 -15.26 -7.30 17.36
C SER A 135 -16.33 -7.56 18.42
N MET A 35 1.91 8.63 16.31
CA MET A 35 0.59 8.43 15.69
C MET A 35 0.76 8.16 14.20
N SER A 36 0.51 6.92 13.78
CA SER A 36 0.68 6.51 12.38
C SER A 36 -0.34 5.44 12.01
N TYR A 37 -0.40 5.09 10.71
CA TYR A 37 -1.30 4.08 10.16
C TYR A 37 -2.74 4.26 10.66
N GLY A 38 -3.13 5.51 10.88
CA GLY A 38 -4.45 5.83 11.39
C GLY A 38 -5.56 5.45 10.39
N ARG A 39 -6.80 5.52 10.87
CA ARG A 39 -7.98 5.14 10.11
C ARG A 39 -8.04 5.89 8.78
N PRO A 40 -8.61 5.25 7.75
CA PRO A 40 -8.75 5.81 6.41
C PRO A 40 -9.78 6.94 6.39
N PRO A 41 -9.68 7.82 5.38
CA PRO A 41 -10.58 8.97 5.23
C PRO A 41 -11.94 8.54 4.67
N PRO A 42 -12.96 9.39 4.84
CA PRO A 42 -14.31 9.17 4.32
C PRO A 42 -14.40 9.53 2.84
N ASP A 43 -13.31 9.36 2.08
CA ASP A 43 -13.23 9.84 0.71
C ASP A 43 -12.68 8.76 -0.24
N VAL A 44 -12.78 7.49 0.17
CA VAL A 44 -12.35 6.34 -0.63
C VAL A 44 -13.20 6.14 -1.88
N GLU A 45 -13.97 7.15 -2.30
CA GLU A 45 -14.84 7.08 -3.46
C GLU A 45 -14.54 8.22 -4.43
N GLY A 46 -13.43 8.91 -4.17
CA GLY A 46 -12.92 10.02 -4.96
C GLY A 46 -11.41 10.06 -4.84
N MET A 47 -10.79 8.88 -4.93
CA MET A 47 -9.39 8.67 -4.62
C MET A 47 -8.70 7.85 -5.73
N THR A 48 -7.42 8.15 -6.01
CA THR A 48 -6.65 7.45 -7.04
C THR A 48 -6.37 6.02 -6.62
N SER A 49 -6.27 5.78 -5.31
CA SER A 49 -6.15 4.48 -4.68
C SER A 49 -5.12 3.57 -5.33
N LEU A 50 -3.90 4.07 -5.54
CA LEU A 50 -2.83 3.25 -6.11
C LEU A 50 -2.30 2.26 -5.08
N LYS A 51 -2.80 1.02 -5.07
CA LYS A 51 -2.35 0.02 -4.12
C LYS A 51 -0.92 -0.44 -4.43
N VAL A 52 -0.20 -0.93 -3.42
CA VAL A 52 1.19 -1.38 -3.54
C VAL A 52 1.38 -2.64 -2.71
N ASP A 53 2.05 -3.66 -3.28
CA ASP A 53 2.18 -4.98 -2.71
C ASP A 53 3.41 -5.74 -3.24
N ASN A 54 3.52 -7.02 -2.84
CA ASN A 54 4.54 -7.98 -3.27
C ASN A 54 5.94 -7.74 -2.67
N LEU A 55 6.09 -6.82 -1.73
CA LEU A 55 7.33 -6.62 -0.99
C LEU A 55 7.71 -7.86 -0.20
N THR A 56 8.89 -7.84 0.43
CA THR A 56 9.37 -8.98 1.20
C THR A 56 8.74 -9.05 2.59
N TYR A 57 8.89 -10.20 3.25
CA TYR A 57 8.42 -10.38 4.62
C TYR A 57 9.37 -9.71 5.61
N ARG A 58 10.49 -9.17 5.13
CA ARG A 58 11.49 -8.47 5.95
C ARG A 58 11.28 -6.96 5.90
N THR A 59 10.57 -6.46 4.89
CA THR A 59 10.25 -5.05 4.77
C THR A 59 9.22 -4.68 5.86
N SER A 60 8.99 -3.39 6.08
CA SER A 60 8.08 -2.91 7.11
C SER A 60 7.31 -1.69 6.59
N PRO A 61 6.18 -1.34 7.22
CA PRO A 61 5.33 -0.26 6.76
C PRO A 61 5.99 1.10 6.98
N ASP A 62 7.00 1.18 7.84
CA ASP A 62 7.75 2.42 8.01
C ASP A 62 8.74 2.58 6.86
N THR A 63 9.21 1.45 6.33
CA THR A 63 10.12 1.47 5.21
C THR A 63 9.36 1.93 3.98
N LEU A 64 8.19 1.32 3.71
CA LEU A 64 7.42 1.68 2.54
C LEU A 64 6.97 3.12 2.61
N ARG A 65 6.72 3.62 3.81
CA ARG A 65 6.29 5.01 3.99
C ARG A 65 7.35 5.95 3.43
N ARG A 66 8.63 5.69 3.74
CA ARG A 66 9.73 6.56 3.30
C ARG A 66 10.15 6.23 1.87
N VAL A 67 10.17 4.94 1.54
CA VAL A 67 10.53 4.44 0.22
C VAL A 67 9.61 5.02 -0.85
N PHE A 68 8.33 5.25 -0.51
CA PHE A 68 7.35 5.70 -1.47
C PHE A 68 7.03 7.19 -1.29
N GLU A 69 7.48 7.79 -0.18
CA GLU A 69 7.24 9.21 0.06
C GLU A 69 8.00 10.10 -0.92
N LYS A 70 9.07 9.58 -1.53
CA LYS A 70 9.87 10.34 -2.48
C LYS A 70 9.14 10.56 -3.81
N TYR A 71 8.13 9.75 -4.07
CA TYR A 71 7.33 9.83 -5.29
C TYR A 71 6.18 10.82 -5.13
N GLY A 72 5.90 11.22 -3.89
CA GLY A 72 4.81 12.09 -3.55
C GLY A 72 4.23 11.63 -2.22
N ARG A 73 3.17 12.28 -1.77
CA ARG A 73 2.52 11.88 -0.53
C ARG A 73 1.93 10.49 -0.72
N VAL A 74 2.37 9.54 0.11
CA VAL A 74 1.92 8.16 0.03
C VAL A 74 0.41 8.05 0.20
N GLY A 75 -0.22 9.10 0.74
CA GLY A 75 -1.65 9.18 0.97
C GLY A 75 -2.09 8.31 2.15
N ASP A 76 -1.83 7.00 2.05
CA ASP A 76 -2.16 6.04 3.09
C ASP A 76 -1.16 4.88 3.02
N VAL A 77 -1.04 4.14 4.12
CA VAL A 77 -0.09 3.04 4.26
C VAL A 77 -0.69 2.02 5.21
N TYR A 78 -0.83 0.78 4.75
CA TYR A 78 -1.48 -0.26 5.53
C TYR A 78 -0.86 -1.64 5.29
N ILE A 79 -1.20 -2.59 6.16
CA ILE A 79 -0.79 -3.98 6.06
C ILE A 79 -1.96 -4.86 6.56
N PRO A 80 -2.82 -5.31 5.64
CA PRO A 80 -3.96 -6.19 5.89
C PRO A 80 -3.60 -7.56 6.45
N ARG A 81 -2.39 -7.76 6.96
CA ARG A 81 -1.88 -9.06 7.39
C ARG A 81 -2.94 -9.91 8.13
N ASP A 82 -3.41 -9.42 9.28
CA ASP A 82 -4.46 -10.05 10.06
C ASP A 82 -5.18 -8.98 10.88
N ARG A 83 -6.17 -9.39 11.67
CA ARG A 83 -6.81 -8.50 12.63
C ARG A 83 -6.99 -9.19 13.99
N TYR A 84 -6.25 -10.29 14.21
CA TYR A 84 -6.28 -11.03 15.46
C TYR A 84 -4.88 -11.47 15.91
N THR A 85 -3.92 -11.52 14.98
CA THR A 85 -2.58 -12.04 15.26
C THR A 85 -1.48 -11.16 14.67
N LYS A 86 -1.87 -10.20 13.82
CA LYS A 86 -1.00 -9.23 13.16
C LYS A 86 0.40 -9.78 12.87
N GLU A 87 0.50 -10.84 12.05
CA GLU A 87 1.80 -11.46 11.80
C GLU A 87 2.01 -11.90 10.35
N SER A 88 0.98 -11.84 9.51
CA SER A 88 1.08 -12.20 8.08
C SER A 88 1.69 -11.05 7.28
N ARG A 89 2.71 -10.40 7.87
CA ARG A 89 3.36 -9.20 7.33
C ARG A 89 4.13 -9.43 6.02
N GLY A 90 3.86 -10.55 5.33
CA GLY A 90 4.54 -10.89 4.08
C GLY A 90 4.18 -9.94 2.93
N PHE A 91 3.30 -8.96 3.16
CA PHE A 91 2.87 -8.01 2.16
C PHE A 91 2.39 -6.72 2.83
N ALA A 92 1.89 -5.78 2.01
CA ALA A 92 1.37 -4.52 2.49
C ALA A 92 0.36 -3.97 1.49
N PHE A 93 -0.15 -2.78 1.78
CA PHE A 93 -1.11 -2.07 0.97
C PHE A 93 -0.88 -0.57 1.10
N VAL A 94 0.17 -0.04 0.46
CA VAL A 94 0.33 1.41 0.43
C VAL A 94 -0.68 1.94 -0.59
N ARG A 95 -1.21 3.15 -0.41
CA ARG A 95 -2.31 3.62 -1.25
C ARG A 95 -2.28 5.13 -1.43
N PHE A 96 -1.89 5.58 -2.64
CA PHE A 96 -1.81 7.00 -2.97
C PHE A 96 -3.20 7.54 -3.31
N HIS A 97 -3.34 8.87 -3.31
CA HIS A 97 -4.62 9.54 -3.52
C HIS A 97 -4.58 10.50 -4.71
N ASP A 98 -3.40 10.72 -5.30
CA ASP A 98 -3.25 11.71 -6.37
C ASP A 98 -2.69 11.07 -7.63
N LYS A 99 -3.18 11.55 -8.78
CA LYS A 99 -2.85 10.99 -10.09
C LYS A 99 -1.35 11.04 -10.38
N ARG A 100 -0.71 12.20 -10.18
CA ARG A 100 0.68 12.38 -10.58
C ARG A 100 1.63 11.63 -9.66
N ASP A 101 1.32 11.60 -8.36
CA ASP A 101 2.14 10.87 -7.40
C ASP A 101 1.99 9.37 -7.64
N ALA A 102 0.81 8.95 -8.11
CA ALA A 102 0.53 7.55 -8.34
C ALA A 102 1.08 7.06 -9.67
N GLU A 103 0.99 7.87 -10.73
CA GLU A 103 1.46 7.43 -12.04
C GLU A 103 2.97 7.30 -12.06
N ASP A 104 3.71 8.09 -11.27
CA ASP A 104 5.15 7.93 -11.19
C ASP A 104 5.49 6.71 -10.33
N ALA A 105 4.73 6.50 -9.24
CA ALA A 105 5.01 5.41 -8.32
C ALA A 105 4.90 4.06 -9.00
N MET A 106 4.04 3.91 -10.01
CA MET A 106 3.94 2.63 -10.70
C MET A 106 4.89 2.58 -11.90
N ASP A 107 5.23 3.74 -12.47
CA ASP A 107 6.14 3.81 -13.60
C ASP A 107 7.57 3.51 -13.16
N ALA A 108 7.82 3.43 -11.85
CA ALA A 108 9.16 3.19 -11.34
C ALA A 108 9.22 2.09 -10.27
N MET A 109 8.08 1.60 -9.77
CA MET A 109 8.10 0.48 -8.83
C MET A 109 7.42 -0.77 -9.40
N ASP A 110 6.53 -0.65 -10.39
CA ASP A 110 5.89 -1.84 -10.94
C ASP A 110 6.94 -2.75 -11.58
N GLY A 111 6.98 -4.01 -11.17
CA GLY A 111 7.90 -5.00 -11.71
C GLY A 111 9.34 -4.81 -11.21
N ALA A 112 9.57 -3.85 -10.32
CA ALA A 112 10.88 -3.58 -9.75
C ALA A 112 11.34 -4.73 -8.83
N VAL A 113 12.52 -4.57 -8.23
CA VAL A 113 13.12 -5.58 -7.38
C VAL A 113 13.81 -4.89 -6.20
N LEU A 114 13.87 -5.54 -5.04
CA LEU A 114 14.59 -4.99 -3.89
C LEU A 114 15.37 -6.03 -3.08
N ASP A 115 15.22 -7.32 -3.40
CA ASP A 115 15.89 -8.38 -2.65
C ASP A 115 16.08 -9.64 -3.48
N GLY A 116 15.76 -9.57 -4.79
CA GLY A 116 15.82 -10.73 -5.67
C GLY A 116 14.43 -11.28 -5.98
N ARG A 117 13.37 -10.60 -5.52
CA ARG A 117 12.00 -10.97 -5.79
C ARG A 117 11.40 -10.00 -6.80
N GLU A 118 10.11 -9.77 -6.70
CA GLU A 118 9.38 -8.84 -7.55
C GLU A 118 8.64 -7.84 -6.68
N LEU A 119 8.18 -6.74 -7.29
CA LEU A 119 7.43 -5.71 -6.62
C LEU A 119 6.24 -5.33 -7.48
N ARG A 120 5.19 -4.82 -6.86
CA ARG A 120 3.95 -4.54 -7.54
C ARG A 120 3.29 -3.27 -7.04
N VAL A 121 2.63 -2.57 -7.96
CA VAL A 121 1.88 -1.37 -7.68
C VAL A 121 0.97 -1.09 -8.87
N GLN A 122 -0.29 -0.75 -8.60
CA GLN A 122 -1.27 -0.48 -9.63
C GLN A 122 -2.52 0.12 -8.99
N MET A 123 -3.46 0.59 -9.81
CA MET A 123 -4.71 1.15 -9.31
C MET A 123 -5.49 0.05 -8.59
N ALA A 124 -6.42 0.45 -7.71
CA ALA A 124 -7.14 -0.48 -6.85
C ALA A 124 -8.63 -0.54 -7.18
N ARG A 125 -9.38 -1.27 -6.34
CA ARG A 125 -10.80 -1.48 -6.49
C ARG A 125 -11.49 -1.21 -5.16
N TYR A 126 -12.83 -1.27 -5.13
CA TYR A 126 -13.61 -0.95 -3.95
C TYR A 126 -13.22 0.42 -3.38
N GLY A 127 -13.65 0.68 -2.14
CA GLY A 127 -13.16 1.79 -1.34
C GLY A 127 -12.43 1.20 -0.15
N ARG A 128 -12.95 0.07 0.35
CA ARG A 128 -12.35 -0.82 1.32
C ARG A 128 -13.25 -2.06 1.36
N PRO A 129 -12.77 -3.19 1.88
CA PRO A 129 -13.51 -4.43 1.98
C PRO A 129 -14.83 -4.24 2.72
N PRO A 130 -15.91 -4.90 2.27
CA PRO A 130 -17.24 -4.81 2.87
C PRO A 130 -17.32 -5.63 4.16
N ASP A 131 -16.27 -6.39 4.46
CA ASP A 131 -16.19 -7.25 5.63
C ASP A 131 -14.76 -7.25 6.16
N SER A 132 -14.46 -8.12 7.12
CA SER A 132 -13.14 -8.19 7.72
C SER A 132 -12.64 -9.64 7.81
N HIS A 133 -12.94 -10.44 6.78
CA HIS A 133 -12.40 -11.77 6.63
C HIS A 133 -12.45 -12.58 7.93
N HIS A 134 -13.63 -12.64 8.54
CA HIS A 134 -13.87 -13.34 9.80
C HIS A 134 -13.37 -14.79 9.75
N SER A 135 -13.08 -15.35 10.93
CA SER A 135 -12.60 -16.72 11.06
C SER A 135 -13.00 -17.29 12.42
N MET A 35 2.19 5.29 17.95
CA MET A 35 1.28 5.19 16.77
C MET A 35 1.84 6.02 15.62
N SER A 36 1.66 5.52 14.40
CA SER A 36 2.17 6.17 13.19
C SER A 36 1.23 5.98 12.00
N TYR A 37 0.01 5.48 12.25
CA TYR A 37 -0.96 5.17 11.21
C TYR A 37 -2.37 5.56 11.66
N GLY A 38 -3.35 5.41 10.77
CA GLY A 38 -4.71 5.80 11.07
C GLY A 38 -5.71 5.24 10.06
N ARG A 39 -7.00 5.45 10.32
CA ARG A 39 -8.09 4.99 9.48
C ARG A 39 -7.98 5.56 8.06
N PRO A 40 -8.52 4.83 7.08
CA PRO A 40 -8.51 5.21 5.68
C PRO A 40 -9.50 6.36 5.42
N PRO A 41 -9.30 7.12 4.34
CA PRO A 41 -10.19 8.19 3.93
C PRO A 41 -11.64 7.70 3.78
N PRO A 42 -12.62 8.55 4.08
CA PRO A 42 -14.04 8.23 3.96
C PRO A 42 -14.52 8.31 2.51
N ASP A 43 -13.61 8.50 1.57
CA ASP A 43 -13.93 8.68 0.17
C ASP A 43 -12.90 8.02 -0.73
N VAL A 44 -12.16 7.05 -0.17
CA VAL A 44 -11.14 6.27 -0.88
C VAL A 44 -11.72 5.60 -2.13
N GLU A 45 -13.04 5.43 -2.20
CA GLU A 45 -13.72 4.82 -3.34
C GLU A 45 -13.77 5.75 -4.55
N GLY A 46 -13.34 7.00 -4.37
CA GLY A 46 -13.41 8.04 -5.38
C GLY A 46 -12.06 8.73 -5.60
N MET A 47 -10.95 8.04 -5.40
CA MET A 47 -9.62 8.60 -5.61
C MET A 47 -8.72 7.62 -6.38
N THR A 48 -7.53 8.07 -6.76
CA THR A 48 -6.60 7.28 -7.57
C THR A 48 -6.28 5.95 -6.91
N SER A 49 -6.23 5.93 -5.58
CA SER A 49 -6.08 4.73 -4.77
C SER A 49 -5.08 3.72 -5.34
N LEU A 50 -3.90 4.21 -5.73
CA LEU A 50 -2.83 3.36 -6.27
C LEU A 50 -2.27 2.46 -5.19
N LYS A 51 -2.78 1.23 -5.03
CA LYS A 51 -2.27 0.33 -4.02
C LYS A 51 -0.86 -0.16 -4.37
N VAL A 52 -0.14 -0.73 -3.39
CA VAL A 52 1.23 -1.18 -3.53
C VAL A 52 1.42 -2.44 -2.69
N ASP A 53 2.08 -3.46 -3.27
CA ASP A 53 2.22 -4.77 -2.65
C ASP A 53 3.47 -5.52 -3.14
N ASN A 54 3.69 -6.72 -2.58
CA ASN A 54 4.72 -7.69 -2.97
C ASN A 54 6.05 -7.53 -2.23
N LEU A 55 6.05 -6.88 -1.06
CA LEU A 55 7.23 -6.69 -0.24
C LEU A 55 7.87 -8.02 0.19
N THR A 56 9.01 -7.93 0.88
CA THR A 56 9.72 -9.10 1.39
C THR A 56 9.16 -9.54 2.73
N TYR A 57 9.56 -10.73 3.18
CA TYR A 57 9.18 -11.29 4.46
C TYR A 57 9.86 -10.56 5.63
N ARG A 58 10.52 -9.43 5.34
CA ARG A 58 11.27 -8.65 6.32
C ARG A 58 10.96 -7.15 6.22
N THR A 59 10.22 -6.72 5.21
CA THR A 59 9.87 -5.32 5.03
C THR A 59 8.87 -4.90 6.11
N SER A 60 8.72 -3.59 6.32
CA SER A 60 7.83 -3.04 7.33
C SER A 60 7.11 -1.81 6.78
N PRO A 61 5.98 -1.41 7.39
CA PRO A 61 5.16 -0.34 6.86
C PRO A 61 5.82 1.02 7.04
N ASP A 62 6.84 1.12 7.91
CA ASP A 62 7.56 2.37 8.08
C ASP A 62 8.58 2.53 6.96
N THR A 63 9.09 1.40 6.45
CA THR A 63 10.04 1.44 5.35
C THR A 63 9.31 1.91 4.10
N LEU A 64 8.16 1.28 3.81
CA LEU A 64 7.40 1.62 2.62
C LEU A 64 6.92 3.07 2.67
N ARG A 65 6.66 3.59 3.87
CA ARG A 65 6.20 4.96 4.02
C ARG A 65 7.27 5.88 3.48
N ARG A 66 8.54 5.63 3.82
CA ARG A 66 9.64 6.50 3.41
C ARG A 66 10.08 6.18 1.98
N VAL A 67 10.11 4.90 1.63
CA VAL A 67 10.48 4.42 0.31
C VAL A 67 9.58 5.01 -0.77
N PHE A 68 8.30 5.22 -0.44
CA PHE A 68 7.33 5.70 -1.41
C PHE A 68 7.01 7.18 -1.21
N GLU A 69 7.45 7.78 -0.11
CA GLU A 69 7.21 9.19 0.15
C GLU A 69 7.98 10.09 -0.83
N LYS A 70 9.04 9.57 -1.44
CA LYS A 70 9.84 10.35 -2.38
C LYS A 70 9.12 10.56 -3.71
N TYR A 71 8.12 9.72 -3.98
CA TYR A 71 7.33 9.79 -5.20
C TYR A 71 6.17 10.77 -5.04
N GLY A 72 5.87 11.17 -3.81
CA GLY A 72 4.75 12.04 -3.49
C GLY A 72 4.15 11.59 -2.17
N ARG A 73 3.05 12.22 -1.77
CA ARG A 73 2.37 11.82 -0.55
C ARG A 73 1.82 10.42 -0.75
N VAL A 74 2.28 9.49 0.09
CA VAL A 74 1.90 8.08 0.01
C VAL A 74 0.39 7.89 0.12
N GLY A 75 -0.33 8.91 0.61
CA GLY A 75 -1.77 8.93 0.74
C GLY A 75 -2.25 8.09 1.92
N ASP A 76 -1.88 6.81 1.95
CA ASP A 76 -2.17 5.90 3.05
C ASP A 76 -1.15 4.76 3.02
N VAL A 77 -1.04 4.02 4.12
CA VAL A 77 -0.10 2.92 4.24
C VAL A 77 -0.63 1.89 5.23
N TYR A 78 -0.68 0.62 4.81
CA TYR A 78 -1.17 -0.44 5.67
C TYR A 78 -0.52 -1.79 5.34
N ILE A 79 -0.50 -2.68 6.33
CA ILE A 79 -0.12 -4.08 6.18
C ILE A 79 -1.08 -4.82 7.09
N PRO A 80 -2.19 -5.31 6.53
CA PRO A 80 -3.35 -5.79 7.27
C PRO A 80 -3.19 -7.12 7.97
N ARG A 81 -2.05 -7.80 7.74
CA ARG A 81 -1.84 -9.17 8.20
C ARG A 81 -3.18 -9.93 8.11
N ASP A 82 -3.57 -10.52 9.23
CA ASP A 82 -4.89 -11.09 9.46
C ASP A 82 -5.20 -10.78 10.92
N ARG A 83 -6.38 -10.22 11.19
CA ARG A 83 -6.72 -9.67 12.49
C ARG A 83 -6.93 -10.72 13.59
N TYR A 84 -6.49 -11.96 13.37
CA TYR A 84 -6.62 -13.04 14.35
C TYR A 84 -5.37 -13.91 14.45
N THR A 85 -4.45 -13.76 13.48
CA THR A 85 -3.27 -14.61 13.40
C THR A 85 -2.02 -13.80 13.09
N LYS A 86 -2.19 -12.52 12.71
CA LYS A 86 -1.14 -11.53 12.47
C LYS A 86 0.12 -12.10 11.81
N GLU A 87 -0.03 -12.87 10.73
CA GLU A 87 1.11 -13.51 10.07
C GLU A 87 1.09 -13.40 8.55
N SER A 88 0.13 -12.67 7.97
CA SER A 88 -0.01 -12.54 6.53
C SER A 88 0.88 -11.43 5.98
N ARG A 89 2.07 -11.26 6.57
CA ARG A 89 3.07 -10.25 6.21
C ARG A 89 3.57 -10.40 4.77
N GLY A 90 3.02 -11.35 4.01
CA GLY A 90 3.43 -11.63 2.64
C GLY A 90 3.14 -10.49 1.66
N PHE A 91 2.43 -9.44 2.08
CA PHE A 91 2.13 -8.31 1.21
C PHE A 91 1.91 -7.03 2.00
N ALA A 92 1.62 -5.94 1.29
CA ALA A 92 1.40 -4.62 1.87
C ALA A 92 0.33 -3.87 1.10
N PHE A 93 0.02 -2.65 1.55
CA PHE A 93 -1.05 -1.86 0.97
C PHE A 93 -0.80 -0.35 1.10
N VAL A 94 0.27 0.17 0.48
CA VAL A 94 0.44 1.63 0.42
C VAL A 94 -0.54 2.13 -0.64
N ARG A 95 -1.09 3.35 -0.51
CA ARG A 95 -2.13 3.79 -1.43
C ARG A 95 -2.19 5.30 -1.63
N PHE A 96 -1.79 5.76 -2.82
CA PHE A 96 -1.78 7.17 -3.17
C PHE A 96 -3.18 7.64 -3.56
N HIS A 97 -3.39 8.95 -3.66
CA HIS A 97 -4.68 9.54 -3.96
C HIS A 97 -4.60 10.60 -5.05
N ASP A 98 -3.44 10.75 -5.69
CA ASP A 98 -3.23 11.76 -6.71
C ASP A 98 -2.57 11.14 -7.93
N LYS A 99 -3.08 11.46 -9.12
CA LYS A 99 -2.64 10.83 -10.36
C LYS A 99 -1.17 11.05 -10.66
N ARG A 100 -0.59 12.20 -10.32
CA ARG A 100 0.79 12.48 -10.69
C ARG A 100 1.76 11.72 -9.78
N ASP A 101 1.45 11.66 -8.48
CA ASP A 101 2.26 10.94 -7.52
C ASP A 101 2.10 9.44 -7.76
N ALA A 102 0.93 9.05 -8.27
CA ALA A 102 0.61 7.65 -8.50
C ALA A 102 1.17 7.13 -9.82
N GLU A 103 1.08 7.92 -10.91
CA GLU A 103 1.57 7.45 -12.19
C GLU A 103 3.08 7.29 -12.16
N ASP A 104 3.79 8.13 -11.41
CA ASP A 104 5.23 7.95 -11.28
C ASP A 104 5.54 6.73 -10.39
N ALA A 105 4.76 6.54 -9.34
CA ALA A 105 4.99 5.46 -8.39
C ALA A 105 4.88 4.10 -9.07
N MET A 106 4.04 3.95 -10.08
CA MET A 106 3.94 2.66 -10.77
C MET A 106 4.90 2.59 -11.95
N ASP A 107 5.24 3.75 -12.54
CA ASP A 107 6.19 3.80 -13.65
C ASP A 107 7.61 3.49 -13.17
N ALA A 108 7.82 3.41 -11.85
CA ALA A 108 9.14 3.15 -11.31
C ALA A 108 9.16 2.04 -10.24
N MET A 109 8.00 1.58 -9.75
CA MET A 109 7.97 0.46 -8.82
C MET A 109 7.26 -0.78 -9.38
N ASP A 110 6.37 -0.65 -10.37
CA ASP A 110 5.74 -1.83 -10.93
C ASP A 110 6.78 -2.73 -11.58
N GLY A 111 6.90 -3.97 -11.10
CA GLY A 111 7.84 -4.94 -11.65
C GLY A 111 9.27 -4.70 -11.18
N ALA A 112 9.48 -3.72 -10.29
CA ALA A 112 10.80 -3.39 -9.76
C ALA A 112 11.28 -4.46 -8.78
N VAL A 113 12.41 -4.19 -8.11
CA VAL A 113 13.05 -5.12 -7.19
C VAL A 113 13.48 -4.37 -5.93
N LEU A 114 13.49 -5.05 -4.79
CA LEU A 114 13.93 -4.45 -3.52
C LEU A 114 15.12 -5.21 -2.93
N ASP A 115 14.94 -6.50 -2.63
CA ASP A 115 16.01 -7.32 -2.07
C ASP A 115 16.39 -8.48 -2.99
N GLY A 116 15.62 -8.68 -4.07
CA GLY A 116 15.86 -9.73 -5.04
C GLY A 116 14.57 -10.29 -5.63
N ARG A 117 13.42 -9.99 -4.99
CA ARG A 117 12.12 -10.39 -5.50
C ARG A 117 11.54 -9.26 -6.35
N GLU A 118 10.23 -9.29 -6.54
CA GLU A 118 9.53 -8.36 -7.39
C GLU A 118 8.74 -7.39 -6.53
N LEU A 119 8.22 -6.33 -7.15
CA LEU A 119 7.43 -5.31 -6.47
C LEU A 119 6.23 -5.00 -7.35
N ARG A 120 5.15 -4.48 -6.76
CA ARG A 120 3.93 -4.21 -7.49
C ARG A 120 3.22 -2.97 -6.97
N VAL A 121 2.45 -2.37 -7.87
CA VAL A 121 1.71 -1.15 -7.60
C VAL A 121 0.74 -0.89 -8.76
N GLN A 122 -0.52 -0.60 -8.45
CA GLN A 122 -1.54 -0.34 -9.45
C GLN A 122 -2.81 0.21 -8.77
N MET A 123 -3.73 0.78 -9.55
CA MET A 123 -4.94 1.37 -9.03
C MET A 123 -5.82 0.32 -8.35
N ALA A 124 -6.58 0.73 -7.33
CA ALA A 124 -7.46 -0.15 -6.58
C ALA A 124 -8.69 -0.56 -7.42
N ARG A 125 -9.54 -1.42 -6.84
CA ARG A 125 -10.75 -1.90 -7.50
C ARG A 125 -11.94 -2.04 -6.54
N TYR A 126 -11.67 -1.84 -5.26
CA TYR A 126 -12.67 -1.97 -4.21
C TYR A 126 -12.68 -0.76 -3.29
N GLY A 127 -13.53 -0.79 -2.26
CA GLY A 127 -13.68 0.28 -1.29
C GLY A 127 -13.54 -0.24 0.14
N ARG A 128 -12.88 -1.40 0.28
CA ARG A 128 -12.50 -2.14 1.48
C ARG A 128 -13.08 -3.55 1.44
N PRO A 129 -12.35 -4.54 1.95
CA PRO A 129 -12.67 -5.94 1.88
C PRO A 129 -13.87 -6.31 2.76
N PRO A 130 -14.86 -7.02 2.19
CA PRO A 130 -15.96 -7.59 2.93
C PRO A 130 -15.55 -8.94 3.54
N ASP A 131 -16.48 -9.57 4.26
CA ASP A 131 -16.32 -10.91 4.82
C ASP A 131 -14.98 -11.14 5.52
N SER A 132 -14.41 -10.10 6.12
CA SER A 132 -13.16 -10.22 6.87
C SER A 132 -13.23 -9.48 8.20
N HIS A 133 -14.08 -8.46 8.27
CA HIS A 133 -14.29 -7.70 9.50
C HIS A 133 -15.65 -7.01 9.43
N HIS A 134 -16.31 -6.90 10.58
CA HIS A 134 -17.65 -6.32 10.69
C HIS A 134 -17.98 -6.03 12.15
N SER A 135 -19.10 -5.36 12.39
CA SER A 135 -19.55 -4.96 13.72
C SER A 135 -21.06 -5.03 13.81
#